data_2VSU
#
_entry.id   2VSU
#
_cell.length_a   90.081
_cell.length_b   130.122
_cell.length_c   144.743
_cell.angle_alpha   90.00
_cell.angle_beta   90.00
_cell.angle_gamma   90.00
#
_symmetry.space_group_name_H-M   'P 21 21 21'
#
loop_
_entity.id
_entity.type
_entity.pdbx_description
1 polymer 'P-HYDROXYCINNAMOYL COA HYDRATASE/LYASE'
2 polymer 'P-HYDROXYCINNAMOYL COA HYDRATASE/LYASE'
3 polymer 'P-HYDROXYCINNAMOYL COA HYDRATASE/LYASE'
4 polymer 'P-HYDROXYCINNAMOYL COA HYDRATASE/LYASE'
5 non-polymer 'ACETYL COENZYME *A'
6 non-polymer 4-hydroxy-3-methoxybenzaldehyde
7 water water
#
loop_
_entity_poly.entity_id
_entity_poly.type
_entity_poly.pdbx_seq_one_letter_code
_entity_poly.pdbx_strand_id
1 'polypeptide(L)'
;MSTYEGRWKTVKVEIEDGIAFVILNRPEKRNAMSPTLNREMIDVLETLEQDPAAGVLVLTGAGEAWTAGMDLKEYFREVD
AGPEILQEKIRREASQWQWKLLRMYAKPTIAMVNGWCFGGGFAPLVACDLAICADEATFGLSEINWGIPPGNLVSKAMAD
TVGHRQSLYYIMTGKTFGGQKAAEMGLVNESVPLAQLREVTIELARNLLEKNPVVLRAAKHGFKRCRELTWEQNEDYLYA
KLDQSRLLDTEGGREQGMKQFLDDKSIKPGLQAYKR
;
A,B,D
2 'polypeptide(L)'
;MSTYEGRWKTVKVEIEDGIAFVILNRPEKRNAMSPTLNREMIDVLETLEQDPAAGVLVLTGAGEAWTAGMDLKEYFREVD
AGPEILQEKIRREASQWQWKLLRMYAKPTIAMVNGWCFGGGFAPLVACDLAICADEATFGLSEINWGIPPGNLVSKAMAD
TVGHRQSLYYIMTGKTFGGQKAAEMGLVNESVPLAQLREVTIELARNLLEKNPVVLRAAKHGFKRCRELTWEQNEDYLYA
KLDQSRLLDTGGREQGMKQFLDDKSIKPGLQAYKR
;
C
3 'polypeptide(L)'
;MSTYEGRWKTVKVEIEDGIAFVILNRPEKRNAMSPTLNREMIDVLETLEQDPAAGVLVLTGAGEAWTAGMDLKEYFREVD
AGPEILQEKIRREASQWQWKLLRMYAKPTIAMVNGWCFGGGFAPLVACDLAICADEATFGLSEINYGIPPGNLVSKAMAD
TVGHRQSLYYIMTGKTFGGQKAAEMGLVNESVPLAQLREVTIELARNLLEKNPVVLRAAKHGFKRCRELTWEQNEDYLYA
KLDQSRLLDTEGGREQGMKQFLDDKSIKPGLQAYKR
;
E
4 'polypeptide(L)'
;MSTYEGRWKTVKVEIEDGIAFVILNRPERRNAMSPTLNREMIDVLETLEQDPAAGVLVLTGAGEAWTAGMDLKEYFREVD
AGPEILQEKIRREASQWQWKLLRMYAKPTIAMVNGWCFGGGFAPLVACDLAICADEATFGLSEINWGIPPGNLVSKAMAD
TVGHRQSLYYIMTGKTFGGQKAAEMGLVNESVPLAQLREVTIELARNLLEKNPVVLRAAKHGFKRCRELTWEQNEDYLYA
KLDQSRLLDTEGGREQGMKQFLDDKSIKPGLQAYKR
;
F
#
loop_
_chem_comp.id
_chem_comp.type
_chem_comp.name
_chem_comp.formula
ACO non-polymer 'ACETYL COENZYME *A' 'C23 H38 N7 O17 P3 S'
V55 non-polymer 4-hydroxy-3-methoxybenzaldehyde 'C8 H8 O3'
#
# COMPACT_ATOMS: atom_id res chain seq x y z
N TYR A 4 8.91 20.84 -37.53
CA TYR A 4 9.44 21.32 -36.22
C TYR A 4 10.87 21.83 -36.34
N GLU A 5 11.36 21.96 -37.57
CA GLU A 5 12.74 22.39 -37.74
C GLU A 5 13.01 23.72 -37.02
N GLY A 6 14.13 23.77 -36.29
CA GLY A 6 14.61 24.99 -35.63
C GLY A 6 13.86 25.48 -34.40
N ARG A 7 12.85 24.72 -33.98
CA ARG A 7 11.90 25.19 -32.96
C ARG A 7 12.42 25.20 -31.50
N TRP A 8 13.40 24.35 -31.23
CA TRP A 8 13.88 24.15 -29.86
C TRP A 8 15.41 24.18 -29.82
N LYS A 9 15.99 24.80 -28.80
CA LYS A 9 17.44 24.95 -28.68
C LYS A 9 18.20 23.62 -28.50
N THR A 10 17.64 22.71 -27.71
CA THR A 10 18.38 21.52 -27.27
C THR A 10 17.73 20.19 -27.70
N VAL A 11 16.60 20.24 -28.39
CA VAL A 11 15.95 19.01 -28.91
C VAL A 11 15.55 19.18 -30.37
N LYS A 12 15.55 18.09 -31.13
CA LYS A 12 14.99 18.08 -32.47
C LYS A 12 13.85 17.05 -32.55
N VAL A 13 12.80 17.36 -33.31
CA VAL A 13 11.73 16.39 -33.58
C VAL A 13 11.67 16.12 -35.08
N GLU A 14 11.75 14.85 -35.46
CA GLU A 14 11.68 14.42 -36.84
C GLU A 14 10.60 13.35 -37.02
N ILE A 15 9.53 13.72 -37.72
CA ILE A 15 8.40 12.80 -37.89
C ILE A 15 8.47 12.12 -39.25
N GLU A 16 8.40 10.80 -39.25
CA GLU A 16 8.31 10.03 -40.51
C GLU A 16 7.22 8.96 -40.45
N ASP A 17 6.13 9.22 -41.17
CA ASP A 17 5.08 8.21 -41.40
C ASP A 17 4.62 7.65 -40.06
N GLY A 18 4.26 8.55 -39.16
CA GLY A 18 3.68 8.21 -37.86
C GLY A 18 4.69 8.13 -36.73
N ILE A 19 5.96 7.96 -37.09
CA ILE A 19 7.02 7.87 -36.10
C ILE A 19 7.67 9.20 -35.81
N ALA A 20 7.47 9.68 -34.59
CA ALA A 20 8.10 10.92 -34.18
C ALA A 20 9.40 10.63 -33.48
N PHE A 21 10.52 10.93 -34.13
CA PHE A 21 11.82 10.84 -33.41
C PHE A 21 12.07 12.09 -32.59
N VAL A 22 12.21 11.90 -31.29
CA VAL A 22 12.53 13.00 -30.42
C VAL A 22 13.98 12.83 -30.06
N ILE A 23 14.79 13.77 -30.53
CA ILE A 23 16.23 13.61 -30.51
C ILE A 23 16.86 14.57 -29.53
N LEU A 24 17.31 14.05 -28.39
CA LEU A 24 18.04 14.91 -27.46
C LEU A 24 19.24 15.52 -28.21
N ASN A 25 19.36 16.85 -28.21
CA ASN A 25 20.31 17.47 -29.13
C ASN A 25 21.25 18.49 -28.47
N ARG A 26 22.03 17.98 -27.50
CA ARG A 26 23.24 18.67 -27.07
C ARG A 26 24.46 17.75 -27.22
N PRO A 27 24.79 17.34 -28.48
CA PRO A 27 25.92 16.40 -28.67
C PRO A 27 27.23 16.81 -27.97
N GLU A 28 27.53 18.11 -27.97
CA GLU A 28 28.77 18.69 -27.41
C GLU A 28 28.94 18.47 -25.90
N LYS A 29 27.81 18.21 -25.23
CA LYS A 29 27.80 17.95 -23.80
C LYS A 29 27.12 16.61 -23.57
N ARG A 30 27.22 15.75 -24.58
CA ARG A 30 26.70 14.38 -24.55
C ARG A 30 25.22 14.31 -24.12
N ASN A 31 24.43 15.25 -24.64
CA ASN A 31 22.98 15.40 -24.38
C ASN A 31 22.64 15.42 -22.90
N ALA A 32 23.57 15.98 -22.11
CA ALA A 32 23.32 16.21 -20.69
C ALA A 32 22.05 17.06 -20.52
N MET A 33 21.24 16.71 -19.52
CA MET A 33 19.95 17.35 -19.32
C MET A 33 20.02 18.58 -18.43
N SER A 34 19.95 19.74 -19.07
CA SER A 34 19.96 21.05 -18.41
C SER A 34 18.54 21.52 -18.16
N PRO A 35 18.38 22.52 -17.28
CA PRO A 35 17.07 23.15 -17.06
C PRO A 35 16.42 23.56 -18.36
N THR A 36 17.20 24.07 -19.33
CA THR A 36 16.66 24.46 -20.62
C THR A 36 16.07 23.27 -21.35
N LEU A 37 16.87 22.19 -21.45
CA LEU A 37 16.42 20.96 -22.06
C LEU A 37 15.12 20.40 -21.42
N ASN A 38 15.05 20.41 -20.09
CA ASN A 38 13.89 19.96 -19.36
C ASN A 38 12.65 20.76 -19.74
N ARG A 39 12.78 22.08 -19.78
CA ARG A 39 11.64 22.92 -20.16
C ARG A 39 11.20 22.63 -21.60
N GLU A 40 12.16 22.49 -22.51
CA GLU A 40 11.80 22.21 -23.91
C GLU A 40 11.15 20.82 -24.05
N MET A 41 11.64 19.84 -23.29
CA MET A 41 11.09 18.49 -23.38
C MET A 41 9.64 18.43 -22.97
N ILE A 42 9.29 19.19 -21.94
CA ILE A 42 7.89 19.36 -21.56
C ILE A 42 7.10 19.89 -22.77
N ASP A 43 7.61 20.96 -23.37
CA ASP A 43 6.96 21.55 -24.56
C ASP A 43 6.80 20.52 -25.71
N VAL A 44 7.91 19.84 -26.04
CA VAL A 44 7.89 18.75 -27.00
C VAL A 44 6.80 17.72 -26.65
N LEU A 45 6.75 17.25 -25.41
CA LEU A 45 5.81 16.18 -25.08
C LEU A 45 4.36 16.62 -25.23
N GLU A 46 4.06 17.81 -24.73
CA GLU A 46 2.72 18.38 -24.79
C GLU A 46 2.29 18.63 -26.24
N THR A 47 3.24 19.01 -27.09
CA THR A 47 2.96 19.34 -28.50
C THR A 47 2.68 18.08 -29.30
N LEU A 48 3.59 17.11 -29.23
CA LEU A 48 3.44 15.88 -29.97
C LEU A 48 2.18 15.12 -29.50
N GLU A 49 1.71 15.41 -28.29
CA GLU A 49 0.50 14.77 -27.78
C GLU A 49 -0.71 15.16 -28.63
N GLN A 50 -0.75 16.41 -29.05
CA GLN A 50 -1.94 16.98 -29.66
C GLN A 50 -1.78 16.99 -31.18
N ASP A 51 -0.70 16.40 -31.66
CA ASP A 51 -0.37 16.42 -33.08
C ASP A 51 -0.70 15.09 -33.68
N PRO A 52 -1.72 15.05 -34.57
CA PRO A 52 -2.19 13.82 -35.19
C PRO A 52 -1.10 13.13 -36.00
N ALA A 53 -0.06 13.85 -36.40
CA ALA A 53 0.99 13.25 -37.23
C ALA A 53 1.93 12.29 -36.46
N ALA A 54 1.98 12.44 -35.15
CA ALA A 54 2.79 11.56 -34.28
C ALA A 54 1.92 10.46 -33.71
N GLY A 55 2.21 9.23 -34.12
CA GLY A 55 1.53 8.05 -33.62
C GLY A 55 2.31 7.29 -32.56
N VAL A 56 3.63 7.37 -32.63
CA VAL A 56 4.55 6.72 -31.71
C VAL A 56 5.79 7.62 -31.58
N LEU A 57 6.29 7.81 -30.35
CA LEU A 57 7.51 8.58 -30.13
C LEU A 57 8.68 7.67 -29.84
N VAL A 58 9.79 7.96 -30.48
CA VAL A 58 11.03 7.27 -30.19
C VAL A 58 12.01 8.31 -29.65
N LEU A 59 12.48 8.08 -28.42
CA LEU A 59 13.35 9.01 -27.70
C LEU A 59 14.79 8.55 -27.84
N THR A 60 15.60 9.39 -28.44
CA THR A 60 16.97 9.03 -28.81
C THR A 60 17.89 10.23 -28.67
N GLY A 61 19.18 10.06 -28.98
CA GLY A 61 20.18 11.09 -28.65
C GLY A 61 21.03 11.43 -29.86
N ALA A 62 21.37 12.71 -30.01
CA ALA A 62 22.27 13.15 -31.07
C ALA A 62 23.72 12.75 -30.69
N GLY A 63 24.47 12.29 -31.69
CA GLY A 63 25.88 11.96 -31.50
C GLY A 63 26.09 10.66 -30.77
N GLU A 64 27.19 10.59 -30.02
CA GLU A 64 27.56 9.34 -29.31
C GLU A 64 26.69 9.02 -28.07
N ALA A 65 26.16 10.04 -27.40
CA ALA A 65 25.36 9.81 -26.22
C ALA A 65 23.90 9.60 -26.56
N TRP A 66 23.23 8.88 -25.68
CA TRP A 66 21.78 8.96 -25.61
C TRP A 66 21.57 10.17 -24.69
N THR A 67 21.87 9.98 -23.40
CA THR A 67 22.12 11.11 -22.48
C THR A 67 23.11 10.70 -21.39
N ALA A 68 24.02 11.64 -21.08
CA ALA A 68 25.05 11.44 -20.07
C ALA A 68 24.53 11.87 -18.69
N GLY A 69 23.21 12.16 -18.62
CA GLY A 69 22.52 12.43 -17.36
C GLY A 69 22.29 13.90 -17.09
N MET A 70 21.94 14.25 -15.86
CA MET A 70 21.73 15.69 -15.56
C MET A 70 23.01 16.51 -15.85
N ASP A 71 22.83 17.74 -16.32
CA ASP A 71 23.95 18.63 -16.59
C ASP A 71 24.38 19.30 -15.29
N LEU A 72 25.56 18.91 -14.82
CA LEU A 72 26.08 19.31 -13.51
C LEU A 72 26.40 20.80 -13.43
N LYS A 73 26.85 21.42 -14.51
CA LYS A 73 27.08 22.85 -14.48
C LYS A 73 25.77 23.65 -14.59
N GLU A 74 24.95 23.32 -15.60
CA GLU A 74 23.60 23.87 -15.74
C GLU A 74 22.62 22.99 -14.96
N ALA A 81 23.01 27.60 -6.41
CA ALA A 81 23.37 28.84 -7.12
C ALA A 81 22.37 29.99 -6.85
N GLY A 82 21.09 29.74 -7.06
CA GLY A 82 20.04 30.77 -6.85
C GLY A 82 19.32 30.64 -5.51
N PRO A 83 18.19 31.36 -5.34
CA PRO A 83 17.41 31.21 -4.08
C PRO A 83 16.88 29.80 -3.91
N GLU A 84 16.60 29.40 -2.68
CA GLU A 84 16.30 28.02 -2.37
C GLU A 84 15.10 27.52 -3.18
N ILE A 85 14.11 28.39 -3.40
CA ILE A 85 12.84 27.97 -4.01
C ILE A 85 12.97 27.61 -5.48
N LEU A 86 13.94 28.18 -6.18
CA LEU A 86 14.19 27.82 -7.57
C LEU A 86 14.47 26.31 -7.76
N GLN A 87 15.08 25.68 -6.75
CA GLN A 87 15.38 24.23 -6.82
C GLN A 87 14.09 23.41 -6.92
N GLU A 88 13.02 23.89 -6.28
CA GLU A 88 11.72 23.20 -6.33
C GLU A 88 11.30 23.15 -7.77
N LYS A 89 11.38 24.27 -8.46
CA LYS A 89 10.88 24.37 -9.84
C LYS A 89 11.78 23.60 -10.79
N ILE A 90 13.07 23.74 -10.59
CA ILE A 90 14.01 23.02 -11.42
C ILE A 90 13.79 21.49 -11.31
N ARG A 91 13.73 20.95 -10.10
CA ARG A 91 13.43 19.53 -9.90
C ARG A 91 12.08 19.11 -10.50
N ARG A 92 11.05 19.94 -10.33
CA ARG A 92 9.71 19.65 -10.85
C ARG A 92 9.69 19.58 -12.39
N GLU A 93 10.44 20.46 -13.05
CA GLU A 93 10.55 20.48 -14.52
C GLU A 93 11.22 19.22 -15.09
N ALA A 94 12.31 18.79 -14.46
CA ALA A 94 12.94 17.49 -14.76
C ALA A 94 11.90 16.38 -14.65
N SER A 95 11.23 16.28 -13.50
CA SER A 95 10.25 15.24 -13.28
C SER A 95 9.11 15.31 -14.31
N GLN A 96 8.69 16.53 -14.65
CA GLN A 96 7.50 16.75 -15.47
C GLN A 96 7.63 16.06 -16.83
N TRP A 97 8.77 16.21 -17.50
CA TRP A 97 8.94 15.48 -18.77
C TRP A 97 9.44 14.05 -18.61
N GLN A 98 10.37 13.85 -17.67
CA GLN A 98 11.05 12.56 -17.52
C GLN A 98 10.11 11.40 -17.25
N TRP A 99 9.04 11.66 -16.51
CA TRP A 99 8.09 10.60 -16.15
C TRP A 99 6.67 11.07 -15.84
N LYS A 100 6.47 12.29 -15.36
CA LYS A 100 5.09 12.70 -15.00
C LYS A 100 4.24 12.73 -16.25
N LEU A 101 4.78 13.32 -17.31
CA LEU A 101 4.14 13.22 -18.62
C LEU A 101 4.46 11.91 -19.30
N LEU A 102 5.73 11.46 -19.24
CA LEU A 102 6.19 10.31 -20.04
C LEU A 102 5.72 8.93 -19.60
N ARG A 103 5.78 8.62 -18.31
CA ARG A 103 5.46 7.24 -17.89
C ARG A 103 4.05 6.82 -18.31
N MET A 104 3.06 7.69 -18.11
CA MET A 104 1.68 7.41 -18.54
C MET A 104 1.27 8.24 -19.79
N TYR A 105 2.18 8.36 -20.74
CA TYR A 105 1.95 9.20 -21.90
C TYR A 105 0.83 8.59 -22.76
N ALA A 106 0.04 9.46 -23.38
CA ALA A 106 -1.11 9.07 -24.21
C ALA A 106 -0.73 8.17 -25.34
N LYS A 107 0.48 8.35 -25.83
CA LYS A 107 0.92 7.63 -27.01
C LYS A 107 2.02 6.63 -26.63
N PRO A 108 2.16 5.52 -27.38
CA PRO A 108 3.25 4.58 -27.13
C PRO A 108 4.60 5.27 -27.27
N THR A 109 5.55 4.93 -26.40
CA THR A 109 6.89 5.50 -26.48
C THR A 109 7.94 4.39 -26.46
N ILE A 110 9.01 4.57 -27.21
CA ILE A 110 10.15 3.63 -27.24
C ILE A 110 11.46 4.42 -27.00
N ALA A 111 12.28 4.00 -26.04
CA ALA A 111 13.62 4.59 -25.96
C ALA A 111 14.53 3.85 -26.95
N MET A 112 15.22 4.62 -27.79
CA MET A 112 16.21 4.08 -28.70
C MET A 112 17.58 4.52 -28.21
N VAL A 113 18.23 3.63 -27.45
CA VAL A 113 19.42 4.01 -26.71
C VAL A 113 20.66 3.73 -27.56
N ASN A 114 21.14 4.79 -28.19
CA ASN A 114 22.15 4.70 -29.23
C ASN A 114 23.58 4.75 -28.69
N GLY A 115 23.73 5.07 -27.41
CA GLY A 115 25.05 5.23 -26.80
C GLY A 115 24.92 5.50 -25.32
N TRP A 116 25.85 6.33 -24.79
CA TRP A 116 25.91 6.66 -23.34
C TRP A 116 24.55 6.89 -22.63
N CYS A 117 24.27 6.09 -21.61
CA CYS A 117 23.09 6.34 -20.78
C CYS A 117 23.53 6.31 -19.32
N PHE A 118 23.61 7.48 -18.66
CA PHE A 118 24.02 7.60 -17.26
C PHE A 118 23.04 8.32 -16.34
N GLY A 119 23.05 7.90 -15.07
CA GLY A 119 22.40 8.63 -13.98
C GLY A 119 20.94 8.93 -14.24
N GLY A 120 20.59 10.21 -14.16
CA GLY A 120 19.23 10.68 -14.42
C GLY A 120 18.58 10.28 -15.73
N GLY A 121 19.38 9.79 -16.70
CA GLY A 121 18.83 9.22 -17.91
C GLY A 121 17.98 7.98 -17.64
N PHE A 122 18.23 7.29 -16.52
CA PHE A 122 17.47 6.07 -16.27
C PHE A 122 15.97 6.38 -16.07
N ALA A 123 15.65 7.54 -15.51
CA ALA A 123 14.24 7.89 -15.31
C ALA A 123 13.39 7.93 -16.64
N PRO A 124 13.75 8.79 -17.64
CA PRO A 124 12.90 8.73 -18.84
C PRO A 124 13.11 7.41 -19.63
N LEU A 125 14.29 6.78 -19.54
CA LEU A 125 14.49 5.44 -20.12
C LEU A 125 13.39 4.43 -19.75
N VAL A 126 13.05 4.39 -18.46
CA VAL A 126 12.08 3.43 -17.94
C VAL A 126 10.63 3.94 -18.07
N ALA A 127 10.40 5.26 -17.98
CA ALA A 127 9.08 5.88 -18.29
C ALA A 127 8.63 5.56 -19.75
N CYS A 128 9.55 5.68 -20.70
CA CYS A 128 9.34 5.12 -22.04
C CYS A 128 8.83 3.68 -21.92
N ASP A 129 7.82 3.35 -22.72
CA ASP A 129 7.14 2.07 -22.53
C ASP A 129 8.08 0.91 -22.80
N LEU A 130 8.69 0.95 -23.99
CA LEU A 130 9.59 -0.08 -24.46
C LEU A 130 10.91 0.59 -24.77
N ALA A 131 11.93 -0.24 -24.93
CA ALA A 131 13.30 0.26 -25.09
C ALA A 131 14.13 -0.74 -25.85
N ILE A 132 14.80 -0.27 -26.89
CA ILE A 132 15.79 -1.03 -27.57
C ILE A 132 17.10 -0.23 -27.55
N CYS A 133 18.22 -0.90 -27.30
CA CYS A 133 19.51 -0.24 -27.27
C CYS A 133 20.55 -0.93 -28.12
N ALA A 134 21.62 -0.19 -28.38
CA ALA A 134 22.75 -0.67 -29.16
C ALA A 134 23.64 -1.51 -28.23
N ASP A 135 24.19 -2.60 -28.76
CA ASP A 135 25.17 -3.41 -28.02
C ASP A 135 26.34 -2.57 -27.48
N GLU A 136 26.68 -1.55 -28.27
CA GLU A 136 27.80 -0.65 -28.03
C GLU A 136 27.46 0.42 -27.00
N ALA A 137 26.19 0.54 -26.64
CA ALA A 137 25.83 1.52 -25.60
C ALA A 137 26.39 1.13 -24.21
N THR A 138 26.79 2.15 -23.44
CA THR A 138 27.24 2.03 -22.04
C THR A 138 26.27 2.73 -21.10
N PHE A 139 25.88 2.02 -20.04
CA PHE A 139 24.95 2.48 -19.05
C PHE A 139 25.70 2.52 -17.72
N GLY A 140 25.32 3.43 -16.83
CA GLY A 140 25.83 3.34 -15.48
C GLY A 140 25.11 4.29 -14.56
N LEU A 141 25.02 3.86 -13.32
CA LEU A 141 24.46 4.69 -12.27
C LEU A 141 25.64 5.32 -11.54
N SER A 142 26.26 6.26 -12.24
CA SER A 142 27.44 7.02 -11.79
C SER A 142 27.21 7.96 -10.58
N GLU A 143 25.96 8.17 -10.16
CA GLU A 143 25.71 9.02 -8.99
C GLU A 143 26.70 8.75 -7.85
N ILE A 144 26.76 7.48 -7.42
CA ILE A 144 27.56 7.08 -6.26
C ILE A 144 29.02 7.52 -6.34
N ASN A 145 29.62 7.44 -7.52
CA ASN A 145 31.00 7.88 -7.73
C ASN A 145 31.14 9.41 -7.67
N TRP A 146 30.06 10.15 -7.90
CA TRP A 146 30.11 11.61 -7.79
C TRP A 146 29.71 12.12 -6.41
N GLY A 147 29.29 11.21 -5.52
CA GLY A 147 28.98 11.53 -4.14
C GLY A 147 27.53 11.89 -3.86
N ILE A 148 26.60 11.45 -4.69
CA ILE A 148 25.17 11.54 -4.34
C ILE A 148 24.48 10.21 -4.56
N PRO A 149 23.42 9.92 -3.78
CA PRO A 149 22.63 8.74 -4.21
C PRO A 149 21.89 9.08 -5.52
N PRO A 150 21.28 8.09 -6.21
CA PRO A 150 20.51 8.43 -7.41
C PRO A 150 19.36 9.40 -7.13
N GLY A 151 19.26 10.46 -7.95
CA GLY A 151 18.28 11.54 -7.73
C GLY A 151 16.99 11.33 -8.51
N ASN A 152 15.95 12.12 -8.20
CA ASN A 152 14.71 12.00 -8.94
C ASN A 152 14.27 10.53 -8.84
N LEU A 153 13.81 9.98 -9.97
CA LEU A 153 13.13 8.68 -10.02
C LEU A 153 14.04 7.56 -10.44
N VAL A 154 15.34 7.85 -10.52
CA VAL A 154 16.34 6.85 -10.97
C VAL A 154 16.25 5.49 -10.26
N SER A 155 16.18 5.48 -8.94
CA SER A 155 16.20 4.18 -8.25
C SER A 155 14.94 3.39 -8.49
N LYS A 156 13.81 4.08 -8.61
CA LYS A 156 12.51 3.39 -8.84
C LYS A 156 12.45 2.85 -10.26
N ALA A 157 13.03 3.62 -11.15
CA ALA A 157 13.22 3.21 -12.55
C ALA A 157 13.97 1.86 -12.59
N MET A 158 15.07 1.72 -11.84
CA MET A 158 15.75 0.39 -11.71
C MET A 158 14.84 -0.62 -11.02
N ALA A 159 14.20 -0.25 -9.91
CA ALA A 159 13.31 -1.18 -9.21
C ALA A 159 12.23 -1.80 -10.11
N ASP A 160 11.68 -1.02 -11.03
CA ASP A 160 10.62 -1.52 -11.91
C ASP A 160 11.10 -2.51 -12.94
N THR A 161 12.36 -2.43 -13.36
CA THR A 161 12.81 -3.24 -14.48
C THR A 161 13.93 -4.24 -14.18
N VAL A 162 14.70 -4.02 -13.14
CA VAL A 162 15.92 -4.81 -12.92
C VAL A 162 15.81 -5.47 -11.57
N GLY A 163 16.25 -6.71 -11.48
CA GLY A 163 16.14 -7.50 -10.25
C GLY A 163 16.75 -6.80 -9.04
N HIS A 164 16.23 -7.13 -7.86
CA HIS A 164 16.70 -6.58 -6.60
C HIS A 164 18.24 -6.57 -6.47
N ARG A 165 18.87 -7.75 -6.63
CA ARG A 165 20.32 -7.87 -6.40
C ARG A 165 21.16 -7.03 -7.37
N GLN A 166 20.75 -7.13 -8.64
CA GLN A 166 21.37 -6.40 -9.72
C GLN A 166 21.26 -4.89 -9.62
N SER A 167 20.06 -4.44 -9.31
CA SER A 167 19.80 -3.03 -9.06
C SER A 167 20.76 -2.54 -8.00
N LEU A 168 20.77 -3.22 -6.85
CA LEU A 168 21.61 -2.76 -5.75
C LEU A 168 23.10 -2.82 -6.17
N TYR A 169 23.48 -3.87 -6.88
CA TYR A 169 24.86 -3.96 -7.34
C TYR A 169 25.31 -2.75 -8.16
N TYR A 170 24.56 -2.40 -9.18
CA TYR A 170 24.89 -1.28 -10.06
C TYR A 170 24.75 0.09 -9.37
N ILE A 171 23.78 0.22 -8.47
CA ILE A 171 23.60 1.45 -7.73
C ILE A 171 24.73 1.65 -6.70
N MET A 172 25.08 0.59 -5.94
CA MET A 172 26.09 0.69 -4.88
C MET A 172 27.52 0.80 -5.41
N THR A 173 27.80 0.09 -6.50
CA THR A 173 29.16 0.12 -7.02
C THR A 173 29.39 1.22 -8.06
N GLY A 174 28.33 1.67 -8.74
CA GLY A 174 28.49 2.57 -9.91
C GLY A 174 29.20 1.99 -11.13
N LYS A 175 29.33 0.65 -11.18
CA LYS A 175 29.94 -0.04 -12.32
C LYS A 175 29.10 0.08 -13.61
N THR A 176 29.77 0.25 -14.74
CA THR A 176 29.07 0.41 -16.06
C THR A 176 28.75 -0.96 -16.67
N PHE A 177 27.78 -1.02 -17.58
CA PHE A 177 27.46 -2.25 -18.29
C PHE A 177 27.01 -1.91 -19.73
N GLY A 178 27.16 -2.85 -20.65
CA GLY A 178 26.87 -2.59 -22.05
C GLY A 178 25.43 -2.94 -22.44
N GLY A 179 25.12 -2.82 -23.73
CA GLY A 179 23.79 -3.14 -24.23
C GLY A 179 23.27 -4.53 -23.93
N GLN A 180 24.08 -5.56 -24.21
CA GLN A 180 23.68 -6.95 -23.96
C GLN A 180 23.32 -7.20 -22.51
N LYS A 181 24.10 -6.65 -21.57
CA LYS A 181 23.81 -6.87 -20.18
C LYS A 181 22.54 -6.14 -19.79
N ALA A 182 22.30 -4.96 -20.33
CA ALA A 182 21.07 -4.20 -20.04
C ALA A 182 19.81 -4.97 -20.45
N ALA A 183 19.86 -5.62 -21.61
CA ALA A 183 18.77 -6.49 -22.07
C ALA A 183 18.61 -7.71 -21.17
N GLU A 184 19.73 -8.31 -20.78
CA GLU A 184 19.71 -9.51 -19.92
C GLU A 184 19.16 -9.18 -18.51
N MET A 185 19.45 -7.97 -18.02
N MET A 185 19.43 -7.98 -17.99
CA MET A 185 18.96 -7.50 -16.72
CA MET A 185 18.91 -7.62 -16.68
C MET A 185 17.47 -7.16 -16.74
C MET A 185 17.46 -7.11 -16.72
N GLY A 186 16.94 -6.90 -17.93
CA GLY A 186 15.57 -6.47 -18.10
C GLY A 186 15.39 -4.95 -18.15
N LEU A 187 16.49 -4.20 -18.19
CA LEU A 187 16.45 -2.74 -18.28
C LEU A 187 15.76 -2.22 -19.58
N VAL A 188 16.03 -2.92 -20.67
CA VAL A 188 15.49 -2.64 -22.00
C VAL A 188 14.97 -3.96 -22.56
N ASN A 189 14.13 -3.90 -23.59
CA ASN A 189 13.58 -5.09 -24.26
C ASN A 189 14.63 -5.92 -25.03
N GLU A 190 15.51 -5.25 -25.75
CA GLU A 190 16.54 -5.96 -26.49
C GLU A 190 17.74 -5.09 -26.85
N SER A 191 18.85 -5.73 -27.22
CA SER A 191 20.06 -5.03 -27.57
C SER A 191 20.43 -5.56 -28.93
N VAL A 192 20.68 -4.67 -29.88
CA VAL A 192 21.07 -5.06 -31.24
C VAL A 192 22.34 -4.32 -31.64
N PRO A 193 23.06 -4.78 -32.68
CA PRO A 193 24.22 -3.93 -32.99
C PRO A 193 23.72 -2.53 -33.36
N LEU A 194 24.51 -1.49 -33.05
CA LEU A 194 24.19 -0.10 -33.46
C LEU A 194 23.72 -0.01 -34.90
N ALA A 195 24.41 -0.75 -35.77
CA ALA A 195 24.15 -0.71 -37.20
C ALA A 195 22.68 -0.97 -37.54
N GLN A 196 22.04 -1.82 -36.75
CA GLN A 196 20.64 -2.21 -36.94
C GLN A 196 19.65 -1.62 -35.90
N LEU A 197 20.09 -0.66 -35.07
CA LEU A 197 19.21 -0.07 -34.06
C LEU A 197 18.00 0.64 -34.64
N ARG A 198 18.21 1.48 -35.66
CA ARG A 198 17.12 2.34 -36.13
C ARG A 198 16.03 1.53 -36.85
N GLU A 199 16.45 0.44 -37.48
CA GLU A 199 15.61 -0.42 -38.34
C GLU A 199 14.77 -1.30 -37.43
N VAL A 200 15.42 -1.84 -36.41
CA VAL A 200 14.75 -2.74 -35.50
C VAL A 200 13.72 -1.92 -34.72
N THR A 201 14.12 -0.71 -34.31
CA THR A 201 13.23 0.18 -33.57
C THR A 201 11.99 0.57 -34.39
N ILE A 202 12.23 0.84 -35.67
CA ILE A 202 11.18 1.23 -36.60
C ILE A 202 10.21 0.10 -36.80
N GLU A 203 10.72 -1.13 -36.96
CA GLU A 203 9.84 -2.28 -37.15
C GLU A 203 8.92 -2.45 -35.93
N LEU A 204 9.49 -2.26 -34.74
CA LEU A 204 8.69 -2.33 -33.55
C LEU A 204 7.68 -1.17 -33.59
N ALA A 205 8.13 0.04 -33.92
CA ALA A 205 7.23 1.19 -33.90
C ALA A 205 6.06 0.97 -34.84
N ARG A 206 6.33 0.51 -36.06
CA ARG A 206 5.27 0.30 -37.03
C ARG A 206 4.25 -0.74 -36.53
N ASN A 207 4.72 -1.75 -35.80
CA ASN A 207 3.83 -2.77 -35.25
C ASN A 207 2.78 -2.14 -34.33
N LEU A 208 3.24 -1.25 -33.47
CA LEU A 208 2.41 -0.53 -32.51
C LEU A 208 1.51 0.50 -33.19
N LEU A 209 1.94 0.99 -34.34
CA LEU A 209 1.16 1.96 -35.12
C LEU A 209 -0.09 1.32 -35.73
N GLU A 210 -0.04 0.00 -35.92
CA GLU A 210 -1.19 -0.78 -36.37
C GLU A 210 -2.22 -1.03 -35.26
N LYS A 211 -1.94 -0.63 -34.03
CA LYS A 211 -2.98 -0.77 -33.03
C LYS A 211 -3.87 0.46 -32.91
N ASN A 212 -5.08 0.22 -32.38
CA ASN A 212 -5.95 1.29 -32.02
C ASN A 212 -5.30 2.01 -30.83
N PRO A 213 -4.95 3.30 -31.01
CA PRO A 213 -4.24 4.11 -30.00
C PRO A 213 -4.91 4.16 -28.63
N VAL A 214 -6.24 4.31 -28.61
CA VAL A 214 -6.97 4.37 -27.32
C VAL A 214 -6.90 3.05 -26.55
N VAL A 215 -6.96 1.96 -27.30
CA VAL A 215 -6.85 0.62 -26.76
C VAL A 215 -5.44 0.36 -26.26
N LEU A 216 -4.43 0.74 -27.06
CA LEU A 216 -3.02 0.60 -26.70
C LEU A 216 -2.73 1.37 -25.42
N ARG A 217 -3.21 2.60 -25.37
CA ARG A 217 -3.12 3.44 -24.18
C ARG A 217 -3.73 2.76 -22.96
N ALA A 218 -4.96 2.26 -23.07
CA ALA A 218 -5.57 1.55 -21.93
C ALA A 218 -4.72 0.36 -21.51
N ALA A 219 -4.22 -0.40 -22.49
CA ALA A 219 -3.42 -1.59 -22.23
C ALA A 219 -2.07 -1.27 -21.50
N LYS A 220 -1.34 -0.26 -21.97
CA LYS A 220 -0.03 0.03 -21.38
C LYS A 220 -0.16 0.80 -20.04
N HIS A 221 -1.09 1.73 -19.95
CA HIS A 221 -1.41 2.38 -18.64
C HIS A 221 -1.92 1.39 -17.61
N GLY A 222 -2.87 0.56 -18.00
CA GLY A 222 -3.36 -0.49 -17.09
C GLY A 222 -2.25 -1.39 -16.52
N PHE A 223 -1.34 -1.79 -17.37
CA PHE A 223 -0.31 -2.69 -16.92
C PHE A 223 0.59 -1.99 -15.90
N LYS A 224 1.04 -0.76 -16.20
CA LYS A 224 1.95 -0.07 -15.27
C LYS A 224 1.26 0.15 -13.93
N ARG A 225 -0.03 0.51 -13.95
CA ARG A 225 -0.79 0.79 -12.70
C ARG A 225 -1.09 -0.48 -11.96
N CYS A 226 -1.38 -1.58 -12.69
CA CYS A 226 -1.80 -2.79 -11.98
C CYS A 226 -0.74 -3.40 -11.02
N ARG A 227 0.52 -3.14 -11.35
CA ARG A 227 1.67 -3.50 -10.53
C ARG A 227 1.54 -2.96 -9.09
N GLU A 228 0.87 -1.82 -8.95
CA GLU A 228 0.74 -1.12 -7.66
C GLU A 228 -0.47 -1.61 -6.85
N LEU A 229 -1.35 -2.41 -7.47
CA LEU A 229 -2.66 -2.71 -6.87
C LEU A 229 -2.79 -4.18 -6.57
N THR A 230 -3.55 -4.54 -5.54
CA THR A 230 -3.87 -5.96 -5.29
C THR A 230 -4.74 -6.57 -6.44
N TRP A 231 -4.95 -7.87 -6.41
CA TRP A 231 -5.81 -8.50 -7.43
C TRP A 231 -7.26 -8.00 -7.27
N GLU A 232 -7.71 -7.85 -6.03
CA GLU A 232 -9.07 -7.38 -5.79
C GLU A 232 -9.23 -5.94 -6.36
N GLN A 233 -8.28 -5.03 -6.01
CA GLN A 233 -8.28 -3.64 -6.57
C GLN A 233 -8.27 -3.62 -8.07
N ASN A 234 -7.41 -4.47 -8.63
CA ASN A 234 -7.30 -4.58 -10.06
C ASN A 234 -8.57 -5.14 -10.74
N GLU A 235 -9.34 -5.98 -10.06
CA GLU A 235 -10.59 -6.41 -10.72
C GLU A 235 -11.47 -5.19 -11.08
N ASP A 236 -11.49 -4.24 -10.16
CA ASP A 236 -12.22 -2.98 -10.28
C ASP A 236 -11.53 -2.05 -11.31
N TYR A 237 -10.25 -1.78 -11.07
CA TYR A 237 -9.43 -0.88 -11.93
C TYR A 237 -9.33 -1.34 -13.38
N LEU A 238 -8.98 -2.61 -13.60
CA LEU A 238 -8.77 -3.09 -14.98
C LEU A 238 -10.03 -3.12 -15.85
N TYR A 239 -11.12 -3.58 -15.26
CA TYR A 239 -12.41 -3.56 -15.93
C TYR A 239 -12.80 -2.11 -16.19
N ALA A 240 -12.47 -1.22 -15.25
CA ALA A 240 -12.74 0.21 -15.47
C ALA A 240 -11.95 0.71 -16.67
N LYS A 241 -10.69 0.29 -16.79
CA LYS A 241 -9.87 0.75 -17.91
C LYS A 241 -10.40 0.22 -19.24
N LEU A 242 -10.90 -1.01 -19.19
CA LEU A 242 -11.42 -1.68 -20.38
C LEU A 242 -12.66 -0.96 -20.86
N ASP A 243 -13.57 -0.68 -19.93
CA ASP A 243 -14.80 0.08 -20.22
C ASP A 243 -14.57 1.53 -20.66
N GLN A 244 -13.63 2.20 -19.98
CA GLN A 244 -13.17 3.52 -20.43
C GLN A 244 -12.64 3.43 -21.88
N SER A 245 -11.93 2.34 -22.19
CA SER A 245 -11.40 2.15 -23.52
C SER A 245 -12.54 2.05 -24.54
N ARG A 246 -13.58 1.29 -24.18
CA ARG A 246 -14.68 1.03 -25.09
C ARG A 246 -15.43 2.35 -25.36
N LEU A 247 -15.54 3.21 -24.34
CA LEU A 247 -16.16 4.52 -24.49
C LEU A 247 -15.39 5.42 -25.44
N LEU A 248 -14.08 5.50 -25.23
CA LEU A 248 -13.21 6.41 -25.98
C LEU A 248 -12.80 5.82 -27.33
N ASP A 249 -13.15 4.55 -27.53
CA ASP A 249 -13.20 3.78 -28.80
C ASP A 249 -11.94 3.81 -29.64
N THR A 250 -11.01 4.47 -29.23
N TYR B 4 37.56 -8.15 20.36
CA TYR B 4 36.50 -9.10 19.85
C TYR B 4 36.79 -10.58 20.05
N GLU B 5 38.06 -10.94 20.22
CA GLU B 5 38.45 -12.34 20.32
C GLU B 5 37.83 -13.01 21.56
N GLY B 6 37.13 -14.12 21.36
CA GLY B 6 36.51 -14.83 22.46
C GLY B 6 35.35 -14.10 23.14
N ARG B 7 34.84 -13.07 22.46
CA ARG B 7 33.75 -12.28 22.98
C ARG B 7 32.39 -12.98 22.91
N TRP B 8 32.16 -13.69 21.82
CA TRP B 8 30.87 -14.37 21.70
C TRP B 8 31.03 -15.85 21.54
N LYS B 9 30.08 -16.60 22.08
CA LYS B 9 30.14 -18.06 22.07
C LYS B 9 29.83 -18.65 20.69
N THR B 10 28.95 -18.00 19.93
CA THR B 10 28.42 -18.57 18.67
C THR B 10 28.75 -17.77 17.39
N VAL B 11 29.46 -16.66 17.55
N VAL B 11 29.50 -16.68 17.53
CA VAL B 11 29.86 -15.81 16.42
CA VAL B 11 29.85 -15.82 16.41
C VAL B 11 31.31 -15.36 16.65
C VAL B 11 31.25 -15.23 16.63
N LYS B 12 32.04 -15.18 15.56
CA LYS B 12 33.40 -14.63 15.64
C LYS B 12 33.42 -13.43 14.69
N VAL B 13 34.10 -12.35 15.08
CA VAL B 13 34.26 -11.18 14.20
C VAL B 13 35.74 -10.94 13.89
N GLU B 14 36.10 -10.94 12.61
CA GLU B 14 37.47 -10.63 12.18
C GLU B 14 37.52 -9.40 11.27
N ILE B 15 37.99 -8.30 11.84
CA ILE B 15 38.10 -7.07 11.09
C ILE B 15 39.46 -6.97 10.44
N GLU B 16 39.53 -6.99 9.15
CA GLU B 16 40.70 -6.73 8.33
C GLU B 16 40.59 -5.43 7.61
N ASP B 17 41.36 -4.47 7.92
CA ASP B 17 41.59 -3.28 7.08
C ASP B 17 40.28 -2.80 6.46
N GLY B 18 39.32 -2.47 7.32
CA GLY B 18 38.04 -1.93 6.88
C GLY B 18 36.94 -2.93 6.58
N ILE B 19 37.27 -4.21 6.38
CA ILE B 19 36.25 -5.18 6.08
C ILE B 19 35.99 -6.08 7.27
N ALA B 20 34.80 -5.97 7.88
CA ALA B 20 34.47 -6.79 9.07
C ALA B 20 33.87 -8.13 8.67
N PHE B 21 34.62 -9.23 8.85
CA PHE B 21 34.03 -10.57 8.60
C PHE B 21 33.30 -10.97 9.85
N VAL B 22 32.01 -11.16 9.70
CA VAL B 22 31.17 -11.63 10.79
C VAL B 22 30.89 -13.08 10.46
N ILE B 23 31.44 -13.97 11.29
CA ILE B 23 31.46 -15.40 11.03
C ILE B 23 30.54 -16.14 11.99
N LEU B 24 29.41 -16.66 11.49
CA LEU B 24 28.59 -17.54 12.26
C LEU B 24 29.43 -18.76 12.65
N ASN B 25 29.46 -19.04 13.93
CA ASN B 25 30.48 -19.92 14.49
C ASN B 25 29.94 -21.01 15.37
N ARG B 26 29.01 -21.81 14.85
CA ARG B 26 28.65 -23.07 15.47
C ARG B 26 28.79 -24.17 14.41
N PRO B 27 30.01 -24.37 13.90
CA PRO B 27 30.17 -25.26 12.73
C PRO B 27 29.78 -26.72 13.00
N GLU B 28 29.91 -27.13 14.26
CA GLU B 28 29.50 -28.49 14.67
C GLU B 28 27.99 -28.71 14.61
N LYS B 29 27.25 -27.61 14.68
CA LYS B 29 25.81 -27.60 14.51
C LYS B 29 25.46 -26.95 13.18
N ARG B 30 26.44 -26.89 12.25
CA ARG B 30 26.30 -26.23 10.93
C ARG B 30 25.74 -24.77 11.02
N ASN B 31 26.20 -24.06 12.04
CA ASN B 31 25.82 -22.68 12.29
C ASN B 31 24.31 -22.45 12.42
N ALA B 32 23.62 -23.40 13.05
CA ALA B 32 22.20 -23.29 13.28
C ALA B 32 21.94 -22.12 14.20
N MET B 33 20.81 -21.47 13.98
CA MET B 33 20.54 -20.19 14.61
C MET B 33 19.71 -20.46 15.83
N SER B 34 20.43 -20.57 16.95
CA SER B 34 19.80 -20.75 18.27
C SER B 34 19.43 -19.39 18.85
N PRO B 35 18.52 -19.35 19.85
CA PRO B 35 18.29 -18.08 20.53
C PRO B 35 19.58 -17.38 21.00
N THR B 36 20.56 -18.14 21.54
CA THR B 36 21.84 -17.58 21.94
C THR B 36 22.50 -16.81 20.80
N LEU B 37 22.61 -17.48 19.66
CA LEU B 37 23.16 -16.88 18.47
C LEU B 37 22.39 -15.61 18.06
N ASN B 38 21.06 -15.65 18.07
CA ASN B 38 20.25 -14.45 17.73
C ASN B 38 20.63 -13.29 18.62
N ARG B 39 20.71 -13.53 19.93
CA ARG B 39 21.03 -12.47 20.89
C ARG B 39 22.46 -11.91 20.72
N GLU B 40 23.40 -12.80 20.46
CA GLU B 40 24.77 -12.41 20.13
C GLU B 40 24.91 -11.65 18.79
N MET B 41 24.22 -12.09 17.74
CA MET B 41 24.26 -11.36 16.46
C MET B 41 23.70 -9.95 16.64
N ILE B 42 22.70 -9.77 17.52
CA ILE B 42 22.18 -8.42 17.79
C ILE B 42 23.30 -7.54 18.36
N ASP B 43 24.05 -8.08 19.32
CA ASP B 43 25.15 -7.36 19.95
C ASP B 43 26.26 -7.11 18.92
N VAL B 44 26.53 -8.10 18.05
CA VAL B 44 27.56 -7.93 17.03
C VAL B 44 27.19 -6.77 16.08
N LEU B 45 25.97 -6.78 15.56
CA LEU B 45 25.53 -5.71 14.62
C LEU B 45 25.52 -4.30 15.25
N GLU B 46 25.01 -4.19 16.46
CA GLU B 46 25.04 -2.96 17.22
C GLU B 46 26.48 -2.49 17.45
N THR B 47 27.34 -3.41 17.88
CA THR B 47 28.75 -3.07 18.23
C THR B 47 29.50 -2.62 16.97
N LEU B 48 29.33 -3.39 15.90
CA LEU B 48 30.00 -3.07 14.65
C LEU B 48 29.53 -1.79 13.97
N GLU B 49 28.28 -1.42 14.24
CA GLU B 49 27.72 -0.18 13.72
C GLU B 49 28.54 1.00 14.19
N GLN B 50 28.94 0.94 15.46
CA GLN B 50 29.64 2.05 16.09
C GLN B 50 31.16 1.88 16.03
N ASP B 51 31.64 0.77 15.49
CA ASP B 51 33.08 0.59 15.34
C ASP B 51 33.52 1.13 13.98
N PRO B 52 34.27 2.26 13.99
CA PRO B 52 34.72 2.88 12.74
C PRO B 52 35.65 2.00 11.91
N ALA B 53 36.27 0.97 12.50
CA ALA B 53 37.20 0.11 11.76
C ALA B 53 36.48 -0.88 10.86
N ALA B 54 35.15 -0.96 11.01
CA ALA B 54 34.29 -1.83 10.21
C ALA B 54 33.64 -0.92 9.18
N GLY B 55 34.16 -0.94 7.96
CA GLY B 55 33.59 -0.17 6.89
C GLY B 55 32.55 -0.94 6.09
N VAL B 56 32.70 -2.25 5.95
CA VAL B 56 31.76 -3.05 5.19
C VAL B 56 31.68 -4.35 5.97
N LEU B 57 30.50 -4.96 6.02
CA LEU B 57 30.31 -6.20 6.78
C LEU B 57 30.15 -7.33 5.78
N VAL B 58 30.87 -8.42 6.01
CA VAL B 58 30.69 -9.65 5.24
C VAL B 58 30.18 -10.69 6.23
N LEU B 59 28.99 -11.24 5.95
CA LEU B 59 28.39 -12.26 6.80
C LEU B 59 28.67 -13.62 6.17
N THR B 60 29.32 -14.49 6.93
CA THR B 60 29.73 -15.81 6.38
C THR B 60 29.68 -16.88 7.46
N GLY B 61 29.90 -18.14 7.11
CA GLY B 61 29.82 -19.20 8.11
C GLY B 61 31.12 -19.95 8.32
N ALA B 62 31.40 -20.38 9.54
CA ALA B 62 32.55 -21.25 9.81
C ALA B 62 32.21 -22.64 9.31
N GLY B 63 33.23 -23.35 8.81
CA GLY B 63 33.08 -24.73 8.33
C GLY B 63 32.36 -24.85 6.99
N GLU B 64 31.64 -25.95 6.82
CA GLU B 64 30.95 -26.28 5.58
C GLU B 64 29.58 -25.58 5.40
N ALA B 65 28.96 -25.11 6.49
CA ALA B 65 27.69 -24.37 6.36
C ALA B 65 27.90 -22.88 6.26
N TRP B 66 26.96 -22.22 5.59
CA TRP B 66 26.70 -20.83 5.87
C TRP B 66 25.80 -20.77 7.13
N THR B 67 24.53 -21.14 7.01
CA THR B 67 23.76 -21.52 8.18
C THR B 67 22.73 -22.56 7.78
N ALA B 68 22.55 -23.55 8.64
CA ALA B 68 21.59 -24.58 8.34
C ALA B 68 20.16 -24.21 8.80
N GLY B 69 19.93 -22.95 9.15
CA GLY B 69 18.60 -22.45 9.51
C GLY B 69 18.42 -22.33 11.02
N MET B 70 17.17 -22.22 11.45
CA MET B 70 16.83 -22.21 12.85
C MET B 70 17.34 -23.49 13.54
N ASP B 71 17.80 -23.34 14.77
CA ASP B 71 18.20 -24.49 15.56
C ASP B 71 16.94 -25.09 16.15
N LEU B 72 16.48 -26.16 15.54
CA LEU B 72 15.20 -26.77 15.92
C LEU B 72 15.21 -27.14 17.39
N LYS B 73 16.35 -27.64 17.88
CA LYS B 73 16.44 -28.07 19.27
C LYS B 73 16.48 -26.90 20.24
N GLU B 74 17.44 -26.00 20.08
CA GLU B 74 17.63 -24.95 21.11
C GLU B 74 16.52 -23.90 21.11
N TYR B 75 15.96 -23.63 19.95
CA TYR B 75 14.87 -22.72 19.86
C TYR B 75 13.73 -23.26 20.72
N PHE B 76 13.26 -24.47 20.37
CA PHE B 76 12.18 -25.21 21.07
C PHE B 76 12.48 -25.43 22.58
N ARG B 77 13.73 -25.69 22.90
CA ARG B 77 14.18 -25.92 24.26
C ARG B 77 13.85 -24.72 25.13
N GLU B 78 14.30 -23.55 24.68
CA GLU B 78 14.07 -22.31 25.41
C GLU B 78 12.58 -21.91 25.45
N VAL B 79 11.91 -22.01 24.31
CA VAL B 79 10.50 -21.60 24.16
C VAL B 79 9.56 -22.32 25.12
N ASP B 80 9.70 -23.65 25.19
CA ASP B 80 8.84 -24.49 26.02
C ASP B 80 9.18 -24.43 27.51
N ALA B 81 10.39 -23.96 27.82
CA ALA B 81 10.84 -23.81 29.21
C ALA B 81 10.20 -22.61 29.88
N GLY B 82 9.52 -21.81 29.08
CA GLY B 82 8.92 -20.58 29.56
C GLY B 82 7.47 -20.44 29.16
N PRO B 83 6.82 -19.43 29.74
CA PRO B 83 5.42 -19.15 29.39
C PRO B 83 5.30 -18.76 27.91
N GLU B 84 4.07 -18.67 27.42
CA GLU B 84 3.78 -18.26 26.04
C GLU B 84 4.53 -16.96 25.64
N ILE B 85 4.61 -15.98 26.55
CA ILE B 85 5.09 -14.65 26.19
C ILE B 85 6.59 -14.63 25.90
N LEU B 86 7.28 -15.64 26.40
CA LEU B 86 8.66 -15.87 26.03
C LEU B 86 8.85 -16.02 24.50
N GLN B 87 7.87 -16.65 23.83
CA GLN B 87 7.99 -16.83 22.39
C GLN B 87 8.04 -15.52 21.64
N GLU B 88 7.32 -14.54 22.08
CA GLU B 88 7.32 -13.17 21.57
C GLU B 88 8.73 -12.56 21.57
N LYS B 89 9.40 -12.74 22.72
CA LYS B 89 10.75 -12.17 22.88
C LYS B 89 11.74 -12.89 22.00
N ILE B 90 11.58 -14.20 21.91
CA ILE B 90 12.49 -15.03 21.17
C ILE B 90 12.37 -14.78 19.66
N ARG B 91 11.13 -14.64 19.20
CA ARG B 91 10.88 -14.26 17.79
C ARG B 91 11.41 -12.85 17.46
N ARG B 92 11.11 -11.85 18.28
CA ARG B 92 11.66 -10.51 18.10
C ARG B 92 13.21 -10.52 18.01
N GLU B 93 13.88 -11.27 18.86
CA GLU B 93 15.33 -11.32 18.82
C GLU B 93 15.84 -11.87 17.48
N ALA B 94 15.15 -12.88 16.95
CA ALA B 94 15.55 -13.41 15.64
C ALA B 94 15.37 -12.31 14.61
N SER B 95 14.19 -11.69 14.56
CA SER B 95 13.94 -10.61 13.59
C SER B 95 14.93 -9.48 13.79
N GLN B 96 15.26 -9.18 15.04
CA GLN B 96 16.10 -7.99 15.30
C GLN B 96 17.42 -7.97 14.53
N TRP B 97 18.18 -9.08 14.57
CA TRP B 97 19.42 -9.12 13.83
C TRP B 97 19.24 -9.56 12.40
N GLN B 98 18.28 -10.46 12.15
CA GLN B 98 18.19 -10.99 10.79
C GLN B 98 17.79 -9.93 9.77
N TRP B 99 16.98 -8.97 10.20
CA TRP B 99 16.59 -7.97 9.24
C TRP B 99 16.20 -6.62 9.77
N LYS B 100 15.69 -6.53 10.99
CA LYS B 100 15.31 -5.23 11.50
C LYS B 100 16.52 -4.29 11.54
N LEU B 101 17.60 -4.76 12.15
CA LEU B 101 18.90 -4.06 12.11
C LEU B 101 19.56 -4.20 10.75
N LEU B 102 19.55 -5.42 10.21
CA LEU B 102 20.36 -5.75 9.06
C LEU B 102 19.87 -5.21 7.70
N ARG B 103 18.56 -5.17 7.47
CA ARG B 103 18.06 -4.83 6.12
C ARG B 103 18.37 -3.36 5.71
N MET B 104 18.18 -2.43 6.66
CA MET B 104 18.55 -1.02 6.47
C MET B 104 19.77 -0.68 7.33
N TYR B 105 20.76 -1.57 7.32
CA TYR B 105 21.95 -1.32 8.18
C TYR B 105 22.69 -0.11 7.63
N ALA B 106 23.30 0.63 8.55
CA ALA B 106 24.03 1.88 8.28
C ALA B 106 25.18 1.64 7.34
N LYS B 107 25.74 0.43 7.38
CA LYS B 107 26.95 0.12 6.60
C LYS B 107 26.59 -0.89 5.51
N PRO B 108 27.35 -0.89 4.40
CA PRO B 108 27.09 -1.87 3.38
C PRO B 108 27.35 -3.28 3.91
N THR B 109 26.55 -4.22 3.43
CA THR B 109 26.64 -5.60 3.89
C THR B 109 26.64 -6.55 2.69
N ILE B 110 27.46 -7.59 2.81
CA ILE B 110 27.55 -8.62 1.77
C ILE B 110 27.47 -9.98 2.41
N ALA B 111 26.58 -10.82 1.90
CA ALA B 111 26.51 -12.21 2.32
C ALA B 111 27.48 -13.03 1.48
N MET B 112 28.41 -13.72 2.17
CA MET B 112 29.41 -14.61 1.54
C MET B 112 29.06 -16.07 1.88
N VAL B 113 28.26 -16.66 1.01
CA VAL B 113 27.56 -17.90 1.28
C VAL B 113 28.51 -19.04 0.86
N ASN B 114 29.27 -19.57 1.82
CA ASN B 114 30.32 -20.57 1.57
C ASN B 114 29.79 -22.01 1.50
N GLY B 115 28.57 -22.24 1.99
CA GLY B 115 28.04 -23.61 2.03
C GLY B 115 26.56 -23.57 2.36
N TRP B 116 26.08 -24.62 3.04
CA TRP B 116 24.68 -24.82 3.30
C TRP B 116 23.97 -23.54 3.73
N CYS B 117 22.88 -23.23 3.04
CA CYS B 117 21.95 -22.19 3.45
C CYS B 117 20.49 -22.70 3.39
N PHE B 118 19.88 -22.93 4.56
CA PHE B 118 18.52 -23.48 4.67
C PHE B 118 17.58 -22.60 5.47
N GLY B 119 16.29 -22.72 5.15
CA GLY B 119 15.19 -22.14 5.93
C GLY B 119 15.42 -20.70 6.37
N GLY B 120 15.48 -20.50 7.69
CA GLY B 120 15.60 -19.16 8.31
C GLY B 120 16.81 -18.37 7.81
N GLY B 121 17.82 -19.04 7.25
CA GLY B 121 18.97 -18.33 6.70
C GLY B 121 18.63 -17.41 5.56
N PHE B 122 17.52 -17.65 4.87
CA PHE B 122 17.13 -16.75 3.75
C PHE B 122 16.84 -15.29 4.11
N ALA B 123 16.31 -15.08 5.32
CA ALA B 123 16.04 -13.75 5.80
C ALA B 123 17.32 -12.92 5.95
N PRO B 124 18.34 -13.35 6.77
CA PRO B 124 19.51 -12.46 6.75
C PRO B 124 20.24 -12.46 5.40
N LEU B 125 20.14 -13.54 4.64
CA LEU B 125 20.78 -13.58 3.31
C LEU B 125 20.28 -12.41 2.43
N VAL B 126 18.97 -12.19 2.43
CA VAL B 126 18.36 -11.11 1.66
C VAL B 126 18.48 -9.74 2.33
N ALA B 127 18.49 -9.71 3.66
CA ALA B 127 18.63 -8.42 4.37
C ALA B 127 20.00 -7.81 4.01
N CYS B 128 21.02 -8.68 3.89
CA CYS B 128 22.34 -8.30 3.38
C CYS B 128 22.18 -7.67 2.00
N ASP B 129 22.90 -6.58 1.75
CA ASP B 129 22.64 -5.82 0.52
C ASP B 129 22.94 -6.66 -0.73
N LEU B 130 24.13 -7.24 -0.79
CA LEU B 130 24.58 -7.99 -1.93
C LEU B 130 25.01 -9.37 -1.46
N ALA B 131 25.26 -10.28 -2.39
CA ALA B 131 25.53 -11.63 -1.92
C ALA B 131 26.29 -12.39 -3.00
N ILE B 132 27.35 -13.04 -2.60
CA ILE B 132 28.14 -13.92 -3.49
C ILE B 132 28.11 -15.26 -2.86
N CYS B 133 27.91 -16.31 -3.65
CA CYS B 133 27.98 -17.63 -3.10
C CYS B 133 28.94 -18.55 -3.85
N ALA B 134 29.25 -19.69 -3.22
CA ALA B 134 30.00 -20.78 -3.86
C ALA B 134 29.12 -21.59 -4.79
N ASP B 135 29.62 -21.93 -5.97
CA ASP B 135 28.89 -22.90 -6.82
C ASP B 135 28.50 -24.14 -5.98
N GLU B 136 29.44 -24.58 -5.14
CA GLU B 136 29.28 -25.76 -4.27
C GLU B 136 28.27 -25.59 -3.15
N ALA B 137 27.85 -24.36 -2.85
CA ALA B 137 26.83 -24.14 -1.82
C ALA B 137 25.48 -24.71 -2.27
N THR B 138 24.73 -25.20 -1.28
CA THR B 138 23.40 -25.78 -1.46
C THR B 138 22.40 -25.02 -0.62
N PHE B 139 21.30 -24.62 -1.27
CA PHE B 139 20.21 -23.86 -0.65
C PHE B 139 18.94 -24.72 -0.58
N GLY B 140 18.06 -24.43 0.39
CA GLY B 140 16.75 -25.08 0.45
C GLY B 140 15.81 -24.46 1.46
N LEU B 141 14.56 -24.29 1.05
CA LEU B 141 13.48 -23.89 1.95
C LEU B 141 12.79 -25.17 2.48
N SER B 142 13.43 -25.78 3.48
CA SER B 142 13.02 -27.08 3.96
C SER B 142 11.89 -27.02 4.98
N GLU B 143 11.40 -25.82 5.33
CA GLU B 143 10.26 -25.68 6.25
C GLU B 143 9.13 -26.66 5.93
N ILE B 144 8.75 -26.71 4.65
CA ILE B 144 7.61 -27.53 4.22
C ILE B 144 7.81 -29.01 4.65
N ASN B 145 9.05 -29.48 4.55
CA ASN B 145 9.35 -30.88 4.88
C ASN B 145 9.46 -31.15 6.38
N TRP B 146 9.51 -30.07 7.16
CA TRP B 146 9.45 -30.15 8.60
C TRP B 146 8.05 -29.91 9.17
N GLY B 147 7.07 -29.58 8.32
CA GLY B 147 5.68 -29.40 8.76
C GLY B 147 5.33 -28.00 9.25
N ILE B 148 6.09 -27.00 8.80
CA ILE B 148 5.73 -25.56 8.98
C ILE B 148 5.89 -24.78 7.65
N PRO B 149 5.10 -23.71 7.48
CA PRO B 149 5.35 -22.80 6.35
C PRO B 149 6.58 -21.95 6.70
N PRO B 150 7.26 -21.32 5.68
CA PRO B 150 8.42 -20.52 6.10
C PRO B 150 8.02 -19.50 7.15
N GLY B 151 8.76 -19.46 8.25
CA GLY B 151 8.49 -18.51 9.35
C GLY B 151 9.39 -17.31 9.24
N ASN B 152 9.21 -16.37 10.17
CA ASN B 152 9.89 -15.06 10.11
C ASN B 152 9.72 -14.45 8.68
N LEU B 153 10.77 -13.87 8.11
CA LEU B 153 10.63 -13.11 6.86
C LEU B 153 11.14 -13.90 5.66
N VAL B 154 11.32 -15.20 5.88
CA VAL B 154 11.82 -16.06 4.81
C VAL B 154 11.03 -15.91 3.49
N SER B 155 9.68 -15.98 3.54
CA SER B 155 8.92 -15.92 2.29
C SER B 155 9.05 -14.56 1.59
N LYS B 156 9.16 -13.51 2.39
CA LYS B 156 9.42 -12.15 1.87
C LYS B 156 10.79 -12.00 1.24
N ALA B 157 11.82 -12.58 1.89
CA ALA B 157 13.18 -12.62 1.36
C ALA B 157 13.14 -13.20 -0.06
N MET B 158 12.43 -14.32 -0.21
CA MET B 158 12.22 -14.93 -1.55
C MET B 158 11.52 -13.99 -2.49
N ALA B 159 10.35 -13.49 -2.05
CA ALA B 159 9.54 -12.51 -2.85
C ALA B 159 10.34 -11.31 -3.35
N ASP B 160 11.23 -10.80 -2.51
CA ASP B 160 12.06 -9.66 -2.96
C ASP B 160 13.12 -9.97 -4.03
N THR B 161 13.60 -11.22 -4.10
CA THR B 161 14.78 -11.57 -4.91
C THR B 161 14.55 -12.56 -6.02
N VAL B 162 13.55 -13.43 -5.89
CA VAL B 162 13.39 -14.56 -6.82
C VAL B 162 11.99 -14.48 -7.43
N GLY B 163 11.87 -14.81 -8.72
CA GLY B 163 10.61 -14.76 -9.43
C GLY B 163 9.48 -15.54 -8.76
N HIS B 164 8.25 -15.12 -9.06
CA HIS B 164 7.02 -15.65 -8.42
C HIS B 164 6.97 -17.20 -8.54
N ARG B 165 7.10 -17.70 -9.76
CA ARG B 165 7.02 -19.13 -10.02
C ARG B 165 8.08 -19.96 -9.30
N GLN B 166 9.33 -19.52 -9.48
CA GLN B 166 10.48 -20.09 -8.78
C GLN B 166 10.35 -20.09 -7.29
N SER B 167 9.90 -18.97 -6.70
CA SER B 167 9.72 -18.89 -5.29
C SER B 167 8.70 -19.91 -4.79
N LEU B 168 7.55 -19.99 -5.43
CA LEU B 168 6.56 -21.00 -5.08
C LEU B 168 7.06 -22.44 -5.22
N TYR B 169 7.73 -22.74 -6.34
CA TYR B 169 8.33 -24.06 -6.54
C TYR B 169 9.22 -24.47 -5.36
N TYR B 170 10.16 -23.61 -4.96
CA TYR B 170 11.08 -23.98 -3.90
C TYR B 170 10.45 -24.01 -2.49
N ILE B 171 9.56 -23.06 -2.20
CA ILE B 171 8.81 -23.08 -0.95
C ILE B 171 7.90 -24.33 -0.88
N MET B 172 7.28 -24.69 -1.98
CA MET B 172 6.22 -25.69 -1.94
C MET B 172 6.83 -27.10 -1.96
N THR B 173 7.92 -27.25 -2.68
CA THR B 173 8.58 -28.56 -2.74
C THR B 173 9.60 -28.81 -1.62
N GLY B 174 10.24 -27.76 -1.11
CA GLY B 174 11.36 -27.93 -0.20
C GLY B 174 12.60 -28.44 -0.92
N LYS B 175 12.58 -28.44 -2.26
CA LYS B 175 13.68 -29.02 -3.02
C LYS B 175 14.95 -28.15 -2.98
N THR B 176 16.13 -28.78 -3.03
CA THR B 176 17.37 -28.01 -2.87
C THR B 176 17.85 -27.47 -4.21
N PHE B 177 18.75 -26.48 -4.19
CA PHE B 177 19.36 -25.95 -5.39
C PHE B 177 20.77 -25.48 -5.07
N GLY B 178 21.63 -25.51 -6.09
CA GLY B 178 23.01 -25.04 -5.95
C GLY B 178 23.27 -23.59 -6.25
N GLY B 179 24.54 -23.23 -6.10
CA GLY B 179 24.93 -21.82 -6.21
C GLY B 179 24.67 -21.23 -7.58
N GLN B 180 24.95 -21.97 -8.65
CA GLN B 180 24.67 -21.46 -10.00
C GLN B 180 23.18 -21.16 -10.15
N LYS B 181 22.33 -22.08 -9.68
CA LYS B 181 20.88 -21.87 -9.72
C LYS B 181 20.47 -20.63 -8.90
N ALA B 182 21.12 -20.42 -7.74
CA ALA B 182 20.76 -19.32 -6.85
C ALA B 182 21.07 -17.97 -7.53
N ALA B 183 22.21 -17.88 -8.24
CA ALA B 183 22.53 -16.65 -9.00
C ALA B 183 21.57 -16.45 -10.20
N GLU B 184 21.30 -17.53 -10.92
CA GLU B 184 20.33 -17.52 -12.02
C GLU B 184 18.95 -17.02 -11.54
N MET B 185 18.51 -17.45 -10.37
CA MET B 185 17.15 -17.10 -9.98
C MET B 185 17.10 -15.66 -9.37
N GLY B 186 18.29 -15.11 -9.10
CA GLY B 186 18.42 -13.74 -8.53
C GLY B 186 18.50 -13.67 -7.01
N LEU B 187 18.57 -14.83 -6.37
CA LEU B 187 18.76 -14.88 -4.89
C LEU B 187 20.08 -14.21 -4.45
N VAL B 188 21.09 -14.34 -5.29
CA VAL B 188 22.44 -13.77 -5.03
C VAL B 188 22.91 -13.00 -6.26
N ASN B 189 23.94 -12.17 -6.11
CA ASN B 189 24.51 -11.44 -7.26
C ASN B 189 25.32 -12.35 -8.17
N GLU B 190 26.05 -13.26 -7.53
CA GLU B 190 27.02 -14.05 -8.25
C GLU B 190 27.30 -15.34 -7.51
N SER B 191 27.56 -16.40 -8.26
CA SER B 191 28.04 -17.67 -7.72
C SER B 191 29.37 -17.96 -8.36
N VAL B 192 30.38 -18.33 -7.57
CA VAL B 192 31.71 -18.59 -8.09
C VAL B 192 32.23 -19.83 -7.39
N PRO B 193 33.23 -20.51 -7.97
CA PRO B 193 33.75 -21.67 -7.26
C PRO B 193 34.20 -21.23 -5.87
N LEU B 194 33.97 -22.08 -4.85
CA LEU B 194 34.40 -21.79 -3.48
C LEU B 194 35.85 -21.28 -3.41
N ALA B 195 36.73 -21.86 -4.24
CA ALA B 195 38.13 -21.45 -4.23
C ALA B 195 38.35 -19.95 -4.49
N GLN B 196 37.41 -19.33 -5.19
CA GLN B 196 37.49 -17.96 -5.53
C GLN B 196 36.48 -17.10 -4.78
N LEU B 197 35.76 -17.70 -3.83
CA LEU B 197 34.68 -16.96 -3.15
C LEU B 197 35.19 -15.72 -2.42
N ARG B 198 36.25 -15.93 -1.64
CA ARG B 198 36.80 -14.88 -0.82
C ARG B 198 37.40 -13.76 -1.69
N GLU B 199 38.11 -14.13 -2.74
CA GLU B 199 38.62 -13.15 -3.67
C GLU B 199 37.56 -12.23 -4.28
N VAL B 200 36.44 -12.80 -4.71
CA VAL B 200 35.38 -12.04 -5.37
C VAL B 200 34.73 -11.12 -4.34
N THR B 201 34.55 -11.66 -3.14
CA THR B 201 33.87 -10.95 -2.09
C THR B 201 34.69 -9.74 -1.68
N ILE B 202 36.01 -9.95 -1.53
CA ILE B 202 36.88 -8.88 -1.08
C ILE B 202 36.94 -7.77 -2.13
N GLU B 203 36.99 -8.17 -3.41
CA GLU B 203 36.99 -7.19 -4.50
C GLU B 203 35.73 -6.31 -4.41
N LEU B 204 34.59 -6.94 -4.16
CA LEU B 204 33.34 -6.21 -4.06
C LEU B 204 33.39 -5.31 -2.83
N ALA B 205 33.85 -5.84 -1.70
CA ALA B 205 33.88 -5.04 -0.46
C ALA B 205 34.77 -3.82 -0.63
N ARG B 206 35.90 -4.00 -1.43
CA ARG B 206 36.73 -2.83 -1.62
C ARG B 206 36.08 -1.91 -2.67
N ASN B 207 35.44 -2.27 -3.44
CA ASN B 207 34.77 -1.31 -4.32
C ASN B 207 33.79 -0.45 -3.48
N LEU B 208 33.07 -1.08 -2.58
CA LEU B 208 32.15 -0.39 -1.68
C LEU B 208 32.86 0.56 -0.74
N LEU B 209 34.05 0.17 -0.27
CA LEU B 209 34.88 1.04 0.57
C LEU B 209 35.32 2.33 -0.12
N GLU B 210 35.35 2.35 -1.44
CA GLU B 210 35.67 3.56 -2.18
C GLU B 210 34.65 4.69 -2.05
N LYS B 211 33.40 4.35 -1.78
CA LYS B 211 32.30 5.32 -1.78
C LYS B 211 32.18 6.02 -0.42
N ASN B 212 31.58 7.20 -0.41
CA ASN B 212 31.20 7.91 0.81
C ASN B 212 30.14 7.08 1.56
N PRO B 213 30.42 6.73 2.84
CA PRO B 213 29.53 5.76 3.51
C PRO B 213 28.12 6.30 3.63
N VAL B 214 27.98 7.58 3.94
CA VAL B 214 26.68 8.19 4.12
C VAL B 214 25.90 8.25 2.81
N VAL B 215 26.57 8.63 1.73
CA VAL B 215 26.01 8.52 0.38
C VAL B 215 25.61 7.06 0.00
N LEU B 216 26.54 6.10 0.12
CA LEU B 216 26.17 4.69 -0.02
C LEU B 216 24.94 4.25 0.76
N ARG B 217 24.84 4.71 2.02
CA ARG B 217 23.70 4.36 2.91
C ARG B 217 22.39 4.94 2.34
N ALA B 218 22.46 6.18 1.86
CA ALA B 218 21.30 6.87 1.25
C ALA B 218 20.84 6.10 0.02
N ALA B 219 21.80 5.68 -0.80
CA ALA B 219 21.49 4.96 -2.04
C ALA B 219 20.92 3.56 -1.82
N LYS B 220 21.55 2.80 -0.94
CA LYS B 220 21.08 1.45 -0.67
C LYS B 220 19.75 1.44 0.04
N HIS B 221 19.56 2.36 0.99
CA HIS B 221 18.32 2.35 1.74
C HIS B 221 17.18 2.84 0.84
N GLY B 222 17.46 3.91 0.09
CA GLY B 222 16.48 4.50 -0.81
C GLY B 222 16.01 3.48 -1.83
N PHE B 223 16.91 2.66 -2.39
CA PHE B 223 16.52 1.61 -3.32
C PHE B 223 15.58 0.59 -2.68
N LYS B 224 15.93 0.09 -1.49
CA LYS B 224 15.07 -0.92 -0.85
C LYS B 224 13.67 -0.34 -0.53
N ARG B 225 13.64 0.88 0.00
CA ARG B 225 12.36 1.56 0.27
C ARG B 225 11.57 1.90 -1.01
N CYS B 226 12.25 2.37 -2.06
CA CYS B 226 11.53 2.80 -3.20
C CYS B 226 10.63 1.71 -3.79
N ARG B 227 11.00 0.45 -3.64
CA ARG B 227 10.23 -0.68 -4.22
C ARG B 227 8.82 -0.70 -3.66
N GLU B 228 8.65 -0.10 -2.49
CA GLU B 228 7.38 -0.15 -1.74
C GLU B 228 6.51 1.06 -2.08
N LEU B 229 7.08 2.07 -2.74
CA LEU B 229 6.39 3.35 -3.01
C LEU B 229 6.06 3.55 -4.48
N THR B 230 5.01 4.33 -4.76
CA THR B 230 4.68 4.74 -6.14
C THR B 230 5.71 5.75 -6.67
N TRP B 231 5.69 5.99 -7.98
CA TRP B 231 6.56 7.00 -8.56
C TRP B 231 6.32 8.38 -7.95
N GLU B 232 5.05 8.75 -7.82
CA GLU B 232 4.73 10.03 -7.21
C GLU B 232 5.26 10.08 -5.74
N GLN B 233 5.10 9.00 -4.96
CA GLN B 233 5.63 9.00 -3.61
C GLN B 233 7.17 9.04 -3.57
N ASN B 234 7.81 8.31 -4.49
CA ASN B 234 9.24 8.35 -4.64
C ASN B 234 9.86 9.68 -5.04
N GLU B 235 9.13 10.49 -5.80
CA GLU B 235 9.61 11.82 -6.12
C GLU B 235 9.96 12.59 -4.81
N ASP B 236 9.02 12.53 -3.86
CA ASP B 236 9.15 13.13 -2.52
C ASP B 236 10.26 12.38 -1.74
N TYR B 237 10.05 11.09 -1.54
CA TYR B 237 11.02 10.26 -0.75
C TYR B 237 12.44 10.29 -1.27
N LEU B 238 12.63 9.99 -2.56
CA LEU B 238 13.98 9.95 -3.14
C LEU B 238 14.78 11.27 -3.13
N TYR B 239 14.11 12.38 -3.37
CA TYR B 239 14.76 13.69 -3.17
C TYR B 239 15.08 13.98 -1.70
N ALA B 240 14.17 13.64 -0.80
CA ALA B 240 14.45 13.76 0.63
C ALA B 240 15.68 12.95 1.07
N LYS B 241 15.81 11.74 0.56
CA LYS B 241 17.02 10.95 0.87
C LYS B 241 18.28 11.60 0.26
N LEU B 242 18.11 12.19 -0.93
N LEU B 242 18.15 12.19 -0.93
CA LEU B 242 19.18 12.89 -1.62
CA LEU B 242 19.33 12.82 -1.54
C LEU B 242 19.65 13.99 -0.67
C LEU B 242 19.71 14.07 -0.73
N ASP B 243 18.71 14.85 -0.30
CA ASP B 243 19.02 16.05 0.47
C ASP B 243 19.57 15.67 1.85
N GLN B 244 18.99 14.65 2.46
CA GLN B 244 19.49 14.16 3.75
C GLN B 244 20.96 13.69 3.70
N SER B 245 21.31 12.96 2.64
CA SER B 245 22.68 12.56 2.33
C SER B 245 23.62 13.79 2.32
N ARG B 246 23.17 14.86 1.65
CA ARG B 246 23.98 16.08 1.51
C ARG B 246 24.21 16.69 2.87
N LEU B 247 23.18 16.70 3.71
CA LEU B 247 23.30 17.24 5.06
C LEU B 247 24.29 16.44 5.87
N LEU B 248 24.17 15.11 5.79
CA LEU B 248 24.89 14.22 6.71
C LEU B 248 26.28 13.87 6.25
N ASP B 249 26.58 14.04 4.97
CA ASP B 249 27.77 13.41 4.38
C ASP B 249 29.09 14.05 4.78
N THR B 250 29.00 15.19 5.46
CA THR B 250 30.10 15.86 6.19
C THR B 250 31.29 16.31 5.33
N GLU B 251 32.12 17.08 5.86
N GLY C 6 -19.57 -37.85 -15.98
CA GLY C 6 -20.55 -37.00 -16.69
C GLY C 6 -21.29 -35.98 -15.82
N ARG C 7 -20.63 -35.46 -14.78
CA ARG C 7 -21.25 -34.44 -13.91
C ARG C 7 -21.34 -33.05 -14.57
N TRP C 8 -20.35 -32.67 -15.34
CA TRP C 8 -20.34 -31.32 -15.95
C TRP C 8 -20.31 -31.40 -17.44
N LYS C 9 -20.95 -30.42 -18.06
CA LYS C 9 -21.11 -30.31 -19.51
C LYS C 9 -19.78 -29.97 -20.17
N THR C 10 -19.09 -29.00 -19.58
CA THR C 10 -17.93 -28.34 -20.21
C THR C 10 -16.60 -28.65 -19.52
N VAL C 11 -16.61 -29.54 -18.53
CA VAL C 11 -15.37 -29.87 -17.74
C VAL C 11 -15.41 -31.33 -17.28
N LYS C 12 -14.28 -32.04 -17.38
CA LYS C 12 -14.10 -33.41 -16.87
C LYS C 12 -13.12 -33.45 -15.70
N VAL C 13 -13.41 -34.26 -14.68
CA VAL C 13 -12.46 -34.42 -13.56
C VAL C 13 -12.12 -35.90 -13.41
N GLU C 14 -10.82 -36.19 -13.29
CA GLU C 14 -10.33 -37.55 -13.06
C GLU C 14 -9.37 -37.55 -11.88
N ILE C 15 -9.62 -38.39 -10.88
CA ILE C 15 -8.74 -38.51 -9.70
C ILE C 15 -8.03 -39.85 -9.68
N GLU C 16 -6.70 -39.76 -9.75
CA GLU C 16 -5.82 -40.93 -9.71
C GLU C 16 -4.72 -40.69 -8.66
N ASP C 17 -4.61 -41.63 -7.71
CA ASP C 17 -3.64 -41.57 -6.59
C ASP C 17 -3.56 -40.16 -5.92
N GLY C 18 -4.72 -39.53 -5.75
CA GLY C 18 -4.79 -38.28 -5.00
C GLY C 18 -4.65 -37.02 -5.86
N ILE C 19 -4.36 -37.22 -7.15
CA ILE C 19 -4.28 -36.13 -8.13
C ILE C 19 -5.57 -35.98 -8.91
N ALA C 20 -6.18 -34.80 -8.76
CA ALA C 20 -7.40 -34.45 -9.52
C ALA C 20 -7.06 -33.64 -10.79
N PHE C 21 -7.11 -34.31 -11.94
CA PHE C 21 -7.01 -33.67 -13.25
C PHE C 21 -8.31 -33.00 -13.58
N VAL C 22 -8.30 -31.67 -13.59
CA VAL C 22 -9.44 -30.86 -13.97
C VAL C 22 -9.23 -30.47 -15.44
N ILE C 23 -10.07 -31.06 -16.30
CA ILE C 23 -9.87 -30.98 -17.72
C ILE C 23 -10.95 -30.16 -18.34
N LEU C 24 -10.57 -28.95 -18.74
CA LEU C 24 -11.45 -28.06 -19.50
C LEU C 24 -11.81 -28.83 -20.72
N ASN C 25 -13.10 -28.91 -20.98
CA ASN C 25 -13.63 -29.89 -21.93
C ASN C 25 -14.61 -29.28 -22.93
N ARG C 26 -14.15 -28.28 -23.68
CA ARG C 26 -14.85 -27.79 -24.88
C ARG C 26 -13.92 -27.84 -26.11
N PRO C 27 -13.33 -29.02 -26.41
CA PRO C 27 -12.26 -29.07 -27.41
C PRO C 27 -12.65 -28.46 -28.75
N GLU C 28 -13.91 -28.66 -29.18
CA GLU C 28 -14.42 -28.15 -30.47
C GLU C 28 -14.30 -26.63 -30.55
N LYS C 29 -14.16 -25.99 -29.40
CA LYS C 29 -14.05 -24.54 -29.30
C LYS C 29 -12.68 -24.13 -28.76
N ARG C 30 -11.74 -25.07 -28.76
CA ARG C 30 -10.41 -24.87 -28.15
C ARG C 30 -10.52 -24.48 -26.66
N ASN C 31 -11.48 -25.09 -25.95
CA ASN C 31 -11.70 -24.87 -24.50
C ASN C 31 -11.93 -23.40 -24.12
N ALA C 32 -12.52 -22.62 -25.03
CA ALA C 32 -12.83 -21.23 -24.71
C ALA C 32 -13.74 -21.12 -23.48
N MET C 33 -13.58 -20.03 -22.72
CA MET C 33 -14.32 -19.87 -21.48
C MET C 33 -15.65 -19.14 -21.67
N SER C 34 -16.71 -19.94 -21.68
CA SER C 34 -18.04 -19.40 -21.71
C SER C 34 -18.61 -19.19 -20.30
N PRO C 35 -19.71 -18.43 -20.21
CA PRO C 35 -20.37 -18.32 -18.91
C PRO C 35 -20.75 -19.70 -18.29
N THR C 36 -21.26 -20.63 -19.10
CA THR C 36 -21.47 -22.01 -18.65
C THR C 36 -20.20 -22.61 -18.06
N LEU C 37 -19.12 -22.54 -18.82
CA LEU C 37 -17.85 -23.07 -18.30
C LEU C 37 -17.46 -22.41 -16.97
N ASN C 38 -17.61 -21.08 -16.90
CA ASN C 38 -17.29 -20.33 -15.71
C ASN C 38 -18.06 -20.81 -14.49
N ARG C 39 -19.38 -20.89 -14.68
CA ARG C 39 -20.29 -21.35 -13.65
C ARG C 39 -19.97 -22.76 -13.22
N GLU C 40 -19.65 -23.62 -14.18
CA GLU C 40 -19.35 -25.01 -13.87
C GLU C 40 -17.98 -25.17 -13.14
N MET C 41 -16.98 -24.38 -13.54
CA MET C 41 -15.69 -24.35 -12.87
C MET C 41 -15.76 -23.92 -11.40
N ILE C 42 -16.69 -23.01 -11.08
CA ILE C 42 -16.96 -22.66 -9.69
C ILE C 42 -17.37 -23.92 -8.94
N ASP C 43 -18.38 -24.62 -9.49
CA ASP C 43 -18.88 -25.82 -8.88
C ASP C 43 -17.73 -26.87 -8.76
N VAL C 44 -16.90 -26.96 -9.77
CA VAL C 44 -15.79 -27.92 -9.76
C VAL C 44 -14.81 -27.64 -8.61
N LEU C 45 -14.36 -26.38 -8.54
CA LEU C 45 -13.45 -25.95 -7.50
C LEU C 45 -14.09 -26.15 -6.13
N GLU C 46 -15.37 -25.80 -5.99
CA GLU C 46 -16.07 -25.97 -4.73
C GLU C 46 -16.21 -27.45 -4.37
N THR C 47 -16.52 -28.27 -5.35
CA THR C 47 -16.65 -29.72 -5.13
C THR C 47 -15.34 -30.39 -4.70
N LEU C 48 -14.31 -30.21 -5.51
CA LEU C 48 -13.00 -30.79 -5.26
C LEU C 48 -12.35 -30.33 -3.93
N GLU C 49 -12.71 -29.13 -3.48
CA GLU C 49 -12.23 -28.61 -2.21
C GLU C 49 -12.64 -29.54 -1.04
N GLN C 50 -13.84 -30.12 -1.15
CA GLN C 50 -14.41 -30.97 -0.10
C GLN C 50 -14.11 -32.45 -0.32
N ASP C 51 -13.41 -32.75 -1.40
CA ASP C 51 -13.16 -34.15 -1.75
C ASP C 51 -11.85 -34.72 -1.12
N PRO C 52 -11.96 -35.55 -0.05
CA PRO C 52 -10.73 -35.96 0.69
C PRO C 52 -9.84 -36.82 -0.17
N ALA C 53 -10.37 -37.26 -1.30
CA ALA C 53 -9.56 -38.10 -2.20
C ALA C 53 -8.67 -37.22 -3.04
N ALA C 54 -8.99 -35.94 -3.14
CA ALA C 54 -8.19 -35.08 -4.02
C ALA C 54 -7.22 -34.23 -3.20
N GLY C 55 -5.93 -34.36 -3.48
CA GLY C 55 -4.95 -33.62 -2.72
C GLY C 55 -4.21 -32.55 -3.52
N VAL C 56 -4.22 -32.67 -4.85
CA VAL C 56 -3.59 -31.70 -5.76
C VAL C 56 -4.49 -31.58 -6.97
N LEU C 57 -4.65 -30.37 -7.50
CA LEU C 57 -5.43 -30.15 -8.73
C LEU C 57 -4.51 -29.84 -9.86
N VAL C 58 -4.73 -30.48 -11.01
CA VAL C 58 -3.96 -30.17 -12.22
C VAL C 58 -4.94 -29.66 -13.27
N LEU C 59 -4.77 -28.40 -13.64
CA LEU C 59 -5.72 -27.75 -14.53
C LEU C 59 -5.13 -27.83 -15.93
N THR C 60 -5.86 -28.51 -16.82
CA THR C 60 -5.42 -28.76 -18.19
C THR C 60 -6.60 -28.64 -19.18
N GLY C 61 -6.29 -28.72 -20.48
CA GLY C 61 -7.31 -28.70 -21.52
C GLY C 61 -7.49 -29.98 -22.34
N ALA C 62 -8.71 -30.20 -22.84
CA ALA C 62 -9.02 -31.28 -23.74
C ALA C 62 -8.60 -30.91 -25.15
N GLY C 63 -8.13 -31.90 -25.92
CA GLY C 63 -7.62 -31.63 -27.25
C GLY C 63 -6.36 -30.80 -27.28
N GLU C 64 -6.21 -29.97 -28.30
CA GLU C 64 -4.92 -29.31 -28.53
C GLU C 64 -4.72 -28.08 -27.66
N ALA C 65 -5.82 -27.47 -27.22
CA ALA C 65 -5.72 -26.22 -26.45
C ALA C 65 -5.70 -26.43 -24.95
N TRP C 66 -5.05 -25.51 -24.25
CA TRP C 66 -5.25 -25.39 -22.82
C TRP C 66 -6.55 -24.60 -22.68
N THR C 67 -6.52 -23.29 -22.95
CA THR C 67 -7.73 -22.52 -23.29
C THR C 67 -7.34 -21.43 -24.28
N ALA C 68 -8.18 -21.23 -25.30
CA ALA C 68 -8.02 -20.17 -26.29
C ALA C 68 -8.52 -18.84 -25.72
N GLY C 69 -9.01 -18.89 -24.48
CA GLY C 69 -9.40 -17.68 -23.74
C GLY C 69 -10.90 -17.53 -23.58
N MET C 70 -11.36 -16.30 -23.47
CA MET C 70 -12.78 -16.04 -23.27
C MET C 70 -13.54 -16.43 -24.53
N ASP C 71 -14.69 -17.07 -24.37
CA ASP C 71 -15.55 -17.41 -25.52
C ASP C 71 -16.34 -16.15 -25.81
N LEU C 72 -15.92 -15.40 -26.83
CA LEU C 72 -16.55 -14.08 -27.06
C LEU C 72 -17.96 -14.10 -27.66
N LYS C 73 -18.28 -15.14 -28.43
CA LYS C 73 -19.66 -15.29 -28.91
C LYS C 73 -20.58 -15.65 -27.74
N GLU C 74 -20.19 -16.67 -26.97
CA GLU C 74 -20.94 -17.16 -25.82
C GLU C 74 -21.13 -16.10 -24.71
N TYR C 75 -20.16 -15.19 -24.58
CA TYR C 75 -20.26 -14.00 -23.70
C TYR C 75 -21.34 -13.00 -24.17
N PHE C 76 -21.24 -12.53 -25.43
CA PHE C 76 -22.21 -11.60 -26.01
C PHE C 76 -23.60 -12.18 -26.08
N ARG C 77 -23.70 -13.48 -26.33
CA ARG C 77 -24.97 -14.20 -26.36
C ARG C 77 -25.81 -13.81 -25.14
N GLU C 78 -25.19 -13.87 -23.96
CA GLU C 78 -25.87 -13.55 -22.70
C GLU C 78 -25.95 -12.03 -22.42
N VAL C 79 -24.84 -11.32 -22.60
CA VAL C 79 -24.74 -9.88 -22.24
C VAL C 79 -25.67 -8.93 -23.01
N ASP C 80 -25.98 -9.27 -24.27
CA ASP C 80 -26.86 -8.46 -25.11
C ASP C 80 -28.34 -8.88 -25.01
N ALA C 81 -28.59 -10.04 -24.40
CA ALA C 81 -29.97 -10.51 -24.16
C ALA C 81 -30.50 -10.06 -22.80
N GLY C 82 -29.61 -9.47 -22.00
CA GLY C 82 -29.98 -8.95 -20.69
C GLY C 82 -29.56 -7.50 -20.52
N PRO C 83 -30.10 -6.85 -19.46
CA PRO C 83 -29.79 -5.45 -19.18
C PRO C 83 -28.34 -5.29 -18.72
N GLU C 84 -27.85 -4.05 -18.63
CA GLU C 84 -26.46 -3.77 -18.24
C GLU C 84 -26.00 -4.61 -17.05
N ILE C 85 -26.87 -4.72 -16.05
CA ILE C 85 -26.47 -5.34 -14.78
C ILE C 85 -26.11 -6.81 -14.90
N LEU C 86 -26.58 -7.47 -15.96
CA LEU C 86 -26.20 -8.85 -16.23
C LEU C 86 -24.66 -8.99 -16.38
N GLN C 87 -24.04 -7.98 -16.99
CA GLN C 87 -22.60 -7.97 -17.19
C GLN C 87 -21.84 -8.10 -15.84
N GLU C 88 -22.34 -7.42 -14.81
CA GLU C 88 -21.76 -7.50 -13.45
C GLU C 88 -21.61 -8.96 -13.03
N LYS C 89 -22.73 -9.68 -13.10
CA LYS C 89 -22.79 -11.09 -12.73
C LYS C 89 -21.86 -11.98 -13.57
N ILE C 90 -21.85 -11.76 -14.88
CA ILE C 90 -21.06 -12.57 -15.79
C ILE C 90 -19.56 -12.38 -15.51
N ARG C 91 -19.14 -11.14 -15.25
CA ARG C 91 -17.76 -10.87 -14.84
C ARG C 91 -17.41 -11.45 -13.47
N ARG C 92 -18.30 -11.31 -12.50
CA ARG C 92 -18.03 -11.88 -11.18
C ARG C 92 -17.77 -13.41 -11.31
N GLU C 93 -18.50 -14.09 -12.20
CA GLU C 93 -18.45 -15.55 -12.32
C GLU C 93 -17.13 -16.03 -12.90
N ALA C 94 -16.68 -15.33 -13.93
CA ALA C 94 -15.36 -15.56 -14.52
C ALA C 94 -14.26 -15.37 -13.49
N SER C 95 -14.32 -14.25 -12.76
CA SER C 95 -13.34 -13.97 -11.71
C SER C 95 -13.42 -14.99 -10.59
N GLN C 96 -14.64 -15.42 -10.27
CA GLN C 96 -14.85 -16.29 -9.14
C GLN C 96 -14.03 -17.57 -9.21
N TRP C 97 -14.09 -18.27 -10.34
CA TRP C 97 -13.27 -19.46 -10.51
C TRP C 97 -11.83 -19.19 -10.99
N GLN C 98 -11.65 -18.24 -11.91
CA GLN C 98 -10.32 -17.93 -12.39
C GLN C 98 -9.30 -17.53 -11.31
N TRP C 99 -9.70 -16.76 -10.32
CA TRP C 99 -8.72 -16.34 -9.30
C TRP C 99 -9.29 -16.13 -7.89
N LYS C 100 -10.56 -15.74 -7.76
CA LYS C 100 -11.06 -15.46 -6.42
C LYS C 100 -10.97 -16.74 -5.62
N LEU C 101 -11.45 -17.86 -6.16
CA LEU C 101 -11.27 -19.13 -5.48
C LEU C 101 -9.91 -19.73 -5.77
N LEU C 102 -9.41 -19.55 -6.99
CA LEU C 102 -8.28 -20.33 -7.45
C LEU C 102 -6.96 -19.82 -6.86
N ARG C 103 -6.78 -18.50 -6.83
CA ARG C 103 -5.44 -17.97 -6.52
C ARG C 103 -5.01 -18.39 -5.10
N MET C 104 -5.94 -18.27 -4.16
CA MET C 104 -5.68 -18.70 -2.80
C MET C 104 -6.46 -20.02 -2.53
N TYR C 105 -6.40 -20.96 -3.45
CA TYR C 105 -7.13 -22.26 -3.32
C TYR C 105 -6.64 -23.08 -2.12
N ALA C 106 -7.55 -23.82 -1.47
CA ALA C 106 -7.20 -24.57 -0.27
C ALA C 106 -6.12 -25.61 -0.58
N LYS C 107 -6.09 -26.06 -1.84
CA LYS C 107 -5.25 -27.18 -2.24
C LYS C 107 -4.21 -26.72 -3.27
N PRO C 108 -3.08 -27.44 -3.34
CA PRO C 108 -2.06 -27.05 -4.31
C PRO C 108 -2.59 -27.22 -5.71
N THR C 109 -2.19 -26.31 -6.60
CA THR C 109 -2.67 -26.28 -7.97
C THR C 109 -1.52 -26.16 -8.95
N ILE C 110 -1.64 -26.90 -10.05
CA ILE C 110 -0.66 -26.88 -11.12
C ILE C 110 -1.43 -26.68 -12.41
N ALA C 111 -1.03 -25.68 -13.20
CA ALA C 111 -1.50 -25.57 -14.57
C ALA C 111 -0.64 -26.45 -15.45
N MET C 112 -1.23 -27.48 -16.06
CA MET C 112 -0.52 -28.29 -17.06
C MET C 112 -0.95 -27.83 -18.45
N VAL C 113 -0.19 -26.86 -18.98
CA VAL C 113 -0.54 -26.18 -20.23
C VAL C 113 -0.11 -27.03 -21.40
N ASN C 114 -1.07 -27.79 -21.90
CA ASN C 114 -0.83 -28.75 -22.97
C ASN C 114 -0.77 -28.17 -24.39
N GLY C 115 -1.12 -26.89 -24.52
CA GLY C 115 -1.28 -26.27 -25.84
C GLY C 115 -1.79 -24.86 -25.72
N TRP C 116 -2.58 -24.41 -26.71
CA TRP C 116 -3.03 -23.01 -26.80
C TRP C 116 -3.40 -22.33 -25.47
N CYS C 117 -2.78 -21.18 -25.22
CA CYS C 117 -3.11 -20.37 -24.05
C CYS C 117 -3.16 -18.90 -24.45
N PHE C 118 -4.35 -18.38 -24.68
CA PHE C 118 -4.49 -16.99 -25.05
C PHE C 118 -5.35 -16.19 -24.08
N GLY C 119 -5.09 -14.89 -24.05
CA GLY C 119 -5.95 -13.90 -23.41
C GLY C 119 -6.29 -14.19 -21.97
N GLY C 120 -7.58 -14.30 -21.73
CA GLY C 120 -8.11 -14.45 -20.40
C GLY C 120 -7.61 -15.71 -19.74
N GLY C 121 -7.15 -16.66 -20.55
CA GLY C 121 -6.48 -17.85 -20.03
C GLY C 121 -5.32 -17.52 -19.06
N PHE C 122 -4.73 -16.34 -19.21
CA PHE C 122 -3.54 -15.98 -18.37
C PHE C 122 -3.90 -15.82 -16.91
N ALA C 123 -5.15 -15.51 -16.61
CA ALA C 123 -5.55 -15.28 -15.21
C ALA C 123 -5.60 -16.61 -14.41
N PRO C 124 -6.36 -17.62 -14.89
CA PRO C 124 -6.28 -18.89 -14.14
C PRO C 124 -4.89 -19.51 -14.18
N LEU C 125 -4.17 -19.36 -15.29
CA LEU C 125 -2.77 -19.75 -15.42
C LEU C 125 -1.89 -19.30 -14.24
N VAL C 126 -2.02 -18.03 -13.89
CA VAL C 126 -1.16 -17.44 -12.88
C VAL C 126 -1.77 -17.64 -11.49
N ALA C 127 -3.10 -17.75 -11.44
CA ALA C 127 -3.80 -18.19 -10.25
C ALA C 127 -3.30 -19.56 -9.79
N CYS C 128 -3.17 -20.51 -10.73
CA CYS C 128 -2.56 -21.79 -10.41
C CYS C 128 -1.16 -21.59 -9.80
N ASP C 129 -0.87 -22.34 -8.73
CA ASP C 129 0.32 -22.04 -7.95
C ASP C 129 1.55 -22.19 -8.83
N LEU C 130 1.68 -23.36 -9.45
CA LEU C 130 2.80 -23.71 -10.34
C LEU C 130 2.29 -24.05 -11.74
N ALA C 131 3.18 -24.05 -12.72
CA ALA C 131 2.73 -24.38 -14.10
C ALA C 131 3.86 -24.99 -14.92
N ILE C 132 3.55 -26.12 -15.58
CA ILE C 132 4.44 -26.80 -16.54
C ILE C 132 3.71 -26.76 -17.87
N CYS C 133 4.41 -26.31 -18.91
CA CYS C 133 3.81 -26.29 -20.26
C CYS C 133 4.56 -27.22 -21.20
N ALA C 134 3.91 -27.52 -22.32
CA ALA C 134 4.52 -28.25 -23.43
C ALA C 134 5.38 -27.25 -24.18
N ASP C 135 6.55 -27.68 -24.63
CA ASP C 135 7.43 -26.87 -25.49
C ASP C 135 6.60 -26.34 -26.67
N GLU C 136 5.71 -27.21 -27.16
CA GLU C 136 4.89 -26.95 -28.34
C GLU C 136 3.71 -25.98 -28.07
N ALA C 137 3.49 -25.62 -26.82
CA ALA C 137 2.38 -24.72 -26.50
C ALA C 137 2.67 -23.33 -27.08
N THR C 138 1.62 -22.63 -27.52
CA THR C 138 1.73 -21.24 -27.97
C THR C 138 0.85 -20.34 -27.10
N PHE C 139 1.44 -19.26 -26.60
CA PHE C 139 0.74 -18.32 -25.73
C PHE C 139 0.59 -17.00 -26.46
N GLY C 140 -0.41 -16.21 -26.10
CA GLY C 140 -0.47 -14.86 -26.64
C GLY C 140 -1.50 -13.99 -25.95
N LEU C 141 -1.20 -12.70 -25.92
CA LEU C 141 -2.10 -11.70 -25.36
C LEU C 141 -2.67 -10.98 -26.58
N SER C 142 -3.56 -11.70 -27.27
CA SER C 142 -4.16 -11.25 -28.51
C SER C 142 -5.16 -10.08 -28.31
N GLU C 143 -5.59 -9.86 -27.07
CA GLU C 143 -6.54 -8.78 -26.75
C GLU C 143 -6.34 -7.54 -27.62
N ILE C 144 -5.12 -7.02 -27.66
CA ILE C 144 -4.81 -5.77 -28.37
C ILE C 144 -5.22 -5.80 -29.87
N ASN C 145 -5.00 -6.95 -30.52
CA ASN C 145 -5.32 -7.09 -31.94
C ASN C 145 -6.82 -7.25 -32.13
N TRP C 146 -7.51 -7.59 -31.05
CA TRP C 146 -8.98 -7.65 -31.09
C TRP C 146 -9.64 -6.31 -30.69
N GLY C 147 -8.82 -5.33 -30.29
CA GLY C 147 -9.32 -3.98 -29.97
C GLY C 147 -9.76 -3.72 -28.53
N ILE C 148 -9.32 -4.57 -27.60
CA ILE C 148 -9.57 -4.33 -26.18
C ILE C 148 -8.24 -4.48 -25.43
N PRO C 149 -8.05 -3.73 -24.34
CA PRO C 149 -6.94 -3.97 -23.47
C PRO C 149 -7.21 -5.32 -22.78
N PRO C 150 -6.21 -5.92 -22.14
CA PRO C 150 -6.50 -7.16 -21.40
C PRO C 150 -7.61 -7.02 -20.34
N GLY C 151 -8.56 -7.95 -20.38
CA GLY C 151 -9.74 -7.92 -19.51
C GLY C 151 -9.50 -8.74 -18.26
N ASN C 152 -10.38 -8.61 -17.28
CA ASN C 152 -10.24 -9.31 -16.01
C ASN C 152 -8.85 -9.02 -15.41
N LEU C 153 -8.17 -10.06 -14.94
CA LEU C 153 -6.92 -9.92 -14.17
C LEU C 153 -5.70 -10.27 -14.98
N VAL C 154 -5.90 -10.36 -16.29
CA VAL C 154 -4.85 -10.73 -17.21
C VAL C 154 -3.58 -9.93 -17.02
N SER C 155 -3.70 -8.60 -16.90
CA SER C 155 -2.50 -7.75 -16.87
C SER C 155 -1.78 -7.92 -15.53
N LYS C 156 -2.53 -8.22 -14.48
CA LYS C 156 -1.95 -8.45 -13.14
C LYS C 156 -1.25 -9.80 -13.13
N ALA C 157 -1.82 -10.78 -13.85
CA ALA C 157 -1.26 -12.11 -13.96
C ALA C 157 0.15 -11.96 -14.58
N MET C 158 0.29 -11.12 -15.61
CA MET C 158 1.59 -10.86 -16.23
C MET C 158 2.51 -10.15 -15.24
N ALA C 159 1.97 -9.09 -14.62
CA ALA C 159 2.75 -8.31 -13.67
C ALA C 159 3.42 -9.21 -12.64
N ASP C 160 2.69 -10.23 -12.17
CA ASP C 160 3.14 -11.09 -11.07
C ASP C 160 4.29 -12.00 -11.49
N THR C 161 4.38 -12.32 -12.77
CA THR C 161 5.22 -13.43 -13.22
C THR C 161 6.24 -13.07 -14.28
N VAL C 162 5.99 -11.98 -15.00
CA VAL C 162 6.80 -11.63 -16.16
C VAL C 162 7.32 -10.18 -16.01
N GLY C 163 8.62 -10.00 -16.30
CA GLY C 163 9.29 -8.70 -16.14
C GLY C 163 8.51 -7.59 -16.82
N HIS C 164 8.72 -6.37 -16.33
CA HIS C 164 8.06 -5.17 -16.78
C HIS C 164 8.16 -5.00 -18.32
N ARG C 165 9.39 -5.01 -18.82
CA ARG C 165 9.63 -4.78 -20.25
C ARG C 165 8.98 -5.82 -21.13
N GLN C 166 9.17 -7.09 -20.78
CA GLN C 166 8.59 -8.19 -21.56
C GLN C 166 7.05 -8.22 -21.46
N SER C 167 6.52 -7.88 -20.28
CA SER C 167 5.07 -7.79 -20.09
C SER C 167 4.46 -6.77 -21.05
N LEU C 168 4.98 -5.54 -21.02
CA LEU C 168 4.59 -4.48 -21.93
C LEU C 168 4.73 -4.88 -23.39
N TYR C 169 5.86 -5.45 -23.74
CA TYR C 169 6.05 -5.93 -25.09
C TYR C 169 4.92 -6.83 -25.61
N TYR C 170 4.62 -7.90 -24.89
CA TYR C 170 3.61 -8.87 -25.29
C TYR C 170 2.18 -8.36 -25.17
N ILE C 171 1.90 -7.50 -24.17
CA ILE C 171 0.60 -6.83 -24.10
C ILE C 171 0.41 -5.88 -25.28
N MET C 172 1.43 -5.07 -25.55
CA MET C 172 1.36 -3.99 -26.55
C MET C 172 1.32 -4.49 -27.99
N THR C 173 2.16 -5.49 -28.30
CA THR C 173 2.27 -6.03 -29.67
C THR C 173 1.30 -7.17 -29.95
N GLY C 174 0.90 -7.89 -28.91
CA GLY C 174 0.08 -9.09 -29.03
C GLY C 174 0.81 -10.28 -29.70
N LYS C 175 2.14 -10.27 -29.73
CA LYS C 175 2.88 -11.37 -30.38
C LYS C 175 2.83 -12.63 -29.53
N THR C 176 2.82 -13.78 -30.19
CA THR C 176 2.73 -15.09 -29.55
C THR C 176 4.13 -15.53 -29.16
N PHE C 177 4.23 -16.50 -28.26
CA PHE C 177 5.51 -17.08 -27.84
C PHE C 177 5.33 -18.54 -27.45
N GLY C 178 6.42 -19.31 -27.47
CA GLY C 178 6.33 -20.75 -27.23
C GLY C 178 6.62 -21.09 -25.78
N GLY C 179 6.45 -22.36 -25.42
CA GLY C 179 6.60 -22.79 -24.02
C GLY C 179 7.98 -22.50 -23.44
N GLN C 180 9.04 -22.76 -24.22
CA GLN C 180 10.42 -22.46 -23.79
C GLN C 180 10.56 -21.00 -23.41
N LYS C 181 10.04 -20.10 -24.26
CA LYS C 181 10.11 -18.66 -24.01
C LYS C 181 9.20 -18.25 -22.83
N ALA C 182 8.12 -19.01 -22.61
CA ALA C 182 7.24 -18.79 -21.44
C ALA C 182 7.96 -19.17 -20.15
N ALA C 183 8.75 -20.26 -20.19
CA ALA C 183 9.56 -20.70 -19.04
C ALA C 183 10.60 -19.66 -18.77
N GLU C 184 11.20 -19.18 -19.85
CA GLU C 184 12.29 -18.23 -19.80
C GLU C 184 11.81 -16.96 -19.12
N MET C 185 10.65 -16.47 -19.52
CA MET C 185 10.22 -15.16 -19.03
C MET C 185 9.61 -15.20 -17.62
N GLY C 186 9.39 -16.40 -17.10
CA GLY C 186 8.88 -16.57 -15.74
C GLY C 186 7.38 -16.83 -15.71
N LEU C 187 6.70 -16.76 -16.85
CA LEU C 187 5.28 -17.11 -16.89
C LEU C 187 4.94 -18.49 -16.33
N VAL C 188 5.74 -19.50 -16.65
CA VAL C 188 5.52 -20.85 -16.11
C VAL C 188 6.80 -21.32 -15.38
N ASN C 189 6.71 -22.40 -14.61
CA ASN C 189 7.91 -22.98 -14.00
C ASN C 189 8.84 -23.66 -14.97
N GLU C 190 8.30 -24.45 -15.90
CA GLU C 190 9.11 -25.27 -16.81
C GLU C 190 8.31 -25.51 -18.07
N SER C 191 9.05 -25.81 -19.13
CA SER C 191 8.49 -26.22 -20.37
C SER C 191 9.29 -27.51 -20.73
N VAL C 192 8.57 -28.55 -21.14
CA VAL C 192 9.12 -29.88 -21.51
C VAL C 192 8.33 -30.35 -22.74
N PRO C 193 8.89 -31.30 -23.53
CA PRO C 193 8.17 -31.82 -24.71
C PRO C 193 6.78 -32.34 -24.34
N LEU C 194 5.78 -32.09 -25.19
CA LEU C 194 4.42 -32.52 -24.89
C LEU C 194 4.39 -33.99 -24.47
N ALA C 195 5.22 -34.81 -25.11
CA ALA C 195 5.25 -36.25 -24.84
C ALA C 195 5.60 -36.55 -23.38
N GLN C 196 6.32 -35.65 -22.73
CA GLN C 196 6.68 -35.82 -21.32
C GLN C 196 5.89 -34.91 -20.34
N LEU C 197 5.00 -34.07 -20.88
CA LEU C 197 4.28 -33.09 -20.08
C LEU C 197 3.52 -33.81 -18.98
N ARG C 198 2.73 -34.85 -19.30
CA ARG C 198 1.97 -35.48 -18.22
C ARG C 198 2.84 -36.10 -17.10
N GLU C 199 3.93 -36.80 -17.48
CA GLU C 199 4.78 -37.46 -16.47
C GLU C 199 5.51 -36.45 -15.61
N VAL C 200 6.00 -35.37 -16.21
CA VAL C 200 6.69 -34.31 -15.47
C VAL C 200 5.71 -33.66 -14.45
N THR C 201 4.47 -33.39 -14.87
CA THR C 201 3.48 -32.75 -13.99
C THR C 201 3.11 -33.66 -12.82
N ILE C 202 2.97 -34.96 -13.11
CA ILE C 202 2.61 -35.95 -12.10
C ILE C 202 3.71 -36.17 -11.04
N GLU C 203 4.97 -36.20 -11.45
CA GLU C 203 6.06 -36.27 -10.48
C GLU C 203 6.04 -35.04 -9.56
N LEU C 204 5.87 -33.85 -10.13
CA LEU C 204 5.67 -32.63 -9.29
C LEU C 204 4.46 -32.76 -8.33
N ALA C 205 3.34 -33.22 -8.89
CA ALA C 205 2.10 -33.39 -8.14
C ALA C 205 2.28 -34.36 -6.97
N ARG C 206 3.02 -35.45 -7.22
CA ARG C 206 3.27 -36.48 -6.21
C ARG C 206 4.10 -35.88 -5.07
N ASN C 207 5.11 -35.09 -5.45
CA ASN C 207 5.92 -34.39 -4.47
C ASN C 207 5.02 -33.56 -3.55
N LEU C 208 4.11 -32.79 -4.13
CA LEU C 208 3.20 -31.95 -3.36
C LEU C 208 2.18 -32.69 -2.48
N LEU C 209 1.70 -33.85 -2.94
CA LEU C 209 0.80 -34.69 -2.12
C LEU C 209 1.49 -35.21 -0.86
N GLU C 210 2.81 -35.32 -0.90
CA GLU C 210 3.56 -35.80 0.24
C GLU C 210 3.52 -34.77 1.39
N LYS C 211 3.20 -33.50 1.09
CA LYS C 211 3.30 -32.44 2.09
C LYS C 211 2.04 -32.41 2.93
N ASN C 212 2.15 -31.92 4.16
CA ASN C 212 0.97 -31.66 4.98
C ASN C 212 0.09 -30.60 4.28
N PRO C 213 -1.16 -30.96 3.93
CA PRO C 213 -2.09 -30.04 3.25
C PRO C 213 -2.27 -28.66 3.86
N VAL C 214 -2.50 -28.58 5.15
CA VAL C 214 -2.77 -27.31 5.81
C VAL C 214 -1.47 -26.46 5.80
N VAL C 215 -0.33 -27.15 5.88
CA VAL C 215 0.97 -26.47 5.98
C VAL C 215 1.36 -25.94 4.60
N LEU C 216 1.24 -26.79 3.59
CA LEU C 216 1.40 -26.32 2.21
C LEU C 216 0.49 -25.14 1.91
N ARG C 217 -0.76 -25.22 2.33
CA ARG C 217 -1.69 -24.12 2.13
C ARG C 217 -1.15 -22.82 2.75
N ALA C 218 -0.70 -22.91 4.00
CA ALA C 218 -0.23 -21.72 4.73
C ALA C 218 1.01 -21.14 4.03
N ALA C 219 1.86 -22.04 3.54
CA ALA C 219 3.11 -21.66 2.88
C ALA C 219 2.84 -20.92 1.56
N LYS C 220 2.04 -21.52 0.68
CA LYS C 220 1.75 -20.94 -0.65
C LYS C 220 0.91 -19.63 -0.56
N HIS C 221 -0.12 -19.60 0.30
CA HIS C 221 -0.92 -18.38 0.48
C HIS C 221 -0.04 -17.24 1.02
N GLY C 222 0.78 -17.59 2.02
CA GLY C 222 1.61 -16.64 2.72
C GLY C 222 2.58 -16.03 1.74
N PHE C 223 3.15 -16.86 0.89
CA PHE C 223 4.04 -16.29 -0.11
C PHE C 223 3.30 -15.23 -1.00
N LYS C 224 2.13 -15.62 -1.53
CA LYS C 224 1.44 -14.79 -2.52
C LYS C 224 1.03 -13.46 -1.88
N ARG C 225 0.56 -13.52 -0.63
CA ARG C 225 0.17 -12.34 0.09
C ARG C 225 1.37 -11.51 0.51
N CYS C 226 2.48 -12.13 0.93
CA CYS C 226 3.63 -11.33 1.45
C CYS C 226 4.21 -10.40 0.41
N ARG C 227 4.04 -10.74 -0.87
CA ARG C 227 4.48 -9.82 -1.97
C ARG C 227 3.86 -8.42 -1.84
N GLU C 228 2.64 -8.33 -1.33
CA GLU C 228 1.89 -7.07 -1.15
C GLU C 228 2.23 -6.29 0.11
N LEU C 229 2.96 -6.92 1.03
N LEU C 229 2.95 -6.92 1.04
CA LEU C 229 3.17 -6.31 2.37
CA LEU C 229 3.15 -6.32 2.38
C LEU C 229 4.61 -5.82 2.55
C LEU C 229 4.60 -5.87 2.61
N THR C 230 4.83 -4.93 3.52
CA THR C 230 6.19 -4.48 3.85
C THR C 230 6.87 -5.63 4.66
N TRP C 231 8.18 -5.54 4.90
CA TRP C 231 8.83 -6.51 5.84
C TRP C 231 8.17 -6.47 7.23
N GLU C 232 7.98 -5.28 7.77
CA GLU C 232 7.39 -5.17 9.10
C GLU C 232 5.93 -5.67 9.16
N GLN C 233 5.14 -5.38 8.12
CA GLN C 233 3.80 -6.01 8.00
C GLN C 233 3.85 -7.54 7.90
N ASN C 234 4.84 -8.07 7.21
CA ASN C 234 5.04 -9.53 7.11
C ASN C 234 5.51 -10.17 8.39
N GLU C 235 6.27 -9.45 9.18
CA GLU C 235 6.71 -10.03 10.46
C GLU C 235 5.42 -10.53 11.13
N ASP C 236 4.42 -9.67 11.14
CA ASP C 236 3.14 -9.90 11.81
C ASP C 236 2.36 -10.96 11.03
N TYR C 237 2.15 -10.71 9.74
CA TYR C 237 1.33 -11.59 8.91
C TYR C 237 1.93 -13.04 8.81
N LEU C 238 3.21 -13.17 8.46
CA LEU C 238 3.79 -14.48 8.27
C LEU C 238 3.85 -15.29 9.56
N TYR C 239 4.09 -14.64 10.70
CA TYR C 239 4.04 -15.41 11.92
C TYR C 239 2.62 -15.81 12.20
N ALA C 240 1.68 -14.90 12.01
CA ALA C 240 0.26 -15.34 12.07
C ALA C 240 -0.09 -16.54 11.19
N LYS C 241 0.34 -16.57 9.93
CA LYS C 241 0.10 -17.78 9.12
C LYS C 241 0.74 -19.03 9.68
N LEU C 242 1.94 -18.89 10.26
CA LEU C 242 2.63 -20.02 10.90
C LEU C 242 1.81 -20.58 12.06
N ASP C 243 1.38 -19.69 12.96
CA ASP C 243 0.56 -20.05 14.12
C ASP C 243 -0.83 -20.58 13.79
N GLN C 244 -1.40 -20.03 12.73
CA GLN C 244 -2.66 -20.53 12.19
C GLN C 244 -2.50 -21.94 11.64
N SER C 245 -1.42 -22.17 10.91
N SER C 245 -1.44 -22.18 10.87
CA SER C 245 -1.10 -23.47 10.33
CA SER C 245 -1.18 -23.51 10.35
C SER C 245 -0.95 -24.56 11.41
C SER C 245 -1.12 -24.52 11.50
N ARG C 246 -0.31 -24.22 12.52
CA ARG C 246 -0.19 -25.10 13.68
C ARG C 246 -1.55 -25.45 14.29
N LEU C 247 -2.42 -24.47 14.45
CA LEU C 247 -3.79 -24.75 14.92
C LEU C 247 -4.64 -25.61 13.96
N LEU C 248 -4.70 -25.21 12.69
CA LEU C 248 -5.61 -25.83 11.72
C LEU C 248 -5.16 -27.19 11.27
N ASP C 249 -3.87 -27.47 11.48
CA ASP C 249 -3.34 -28.77 11.06
C ASP C 249 -3.53 -29.87 12.11
N THR C 250 -4.48 -30.74 11.87
CA THR C 250 -4.97 -31.59 12.94
C THR C 250 -4.16 -32.85 13.11
N GLY C 251 -3.90 -33.55 12.03
CA GLY C 251 -2.65 -33.40 11.32
C GLY C 251 -1.33 -33.64 12.02
N GLY C 252 -0.83 -32.69 12.82
CA GLY C 252 0.57 -32.60 13.25
C GLY C 252 1.70 -32.07 12.37
N ARG C 253 2.68 -31.40 12.99
CA ARG C 253 3.93 -30.90 12.36
C ARG C 253 5.21 -31.41 13.04
N GLU C 254 5.64 -32.57 12.60
CA GLU C 254 6.18 -33.57 13.52
C GLU C 254 7.55 -33.90 13.00
N GLN C 255 8.16 -33.01 12.23
CA GLN C 255 9.59 -32.76 12.44
C GLN C 255 9.98 -33.02 13.91
N GLY C 256 9.70 -32.01 14.76
CA GLY C 256 9.95 -32.02 16.18
C GLY C 256 10.19 -33.42 16.72
N THR D 3 10.04 -5.59 43.67
CA THR D 3 10.84 -4.32 43.71
C THR D 3 11.53 -3.96 42.37
N TYR D 4 11.06 -2.88 41.74
CA TYR D 4 11.85 -2.20 40.69
C TYR D 4 12.49 -0.94 41.24
N GLU D 5 12.34 -0.72 42.56
CA GLU D 5 12.86 0.49 43.24
C GLU D 5 14.34 0.63 42.98
N GLY D 6 14.75 1.85 42.60
CA GLY D 6 16.14 2.21 42.41
C GLY D 6 16.78 1.78 41.10
N ARG D 7 16.02 1.04 40.29
CA ARG D 7 16.57 0.32 39.14
C ARG D 7 17.07 1.18 37.94
N TRP D 8 16.38 2.28 37.64
CA TRP D 8 16.73 3.12 36.49
C TRP D 8 16.93 4.56 36.94
N LYS D 9 17.80 5.30 36.26
CA LYS D 9 18.04 6.72 36.62
C LYS D 9 16.85 7.68 36.35
N THR D 10 16.15 7.48 35.24
CA THR D 10 15.24 8.51 34.67
C THR D 10 13.80 8.04 34.53
N VAL D 11 13.53 6.79 34.95
N VAL D 11 13.52 6.80 34.98
CA VAL D 11 12.17 6.18 34.91
CA VAL D 11 12.18 6.21 34.93
C VAL D 11 11.94 5.38 36.20
C VAL D 11 11.93 5.34 36.16
N LYS D 12 10.68 5.21 36.59
CA LYS D 12 10.31 4.39 37.76
C LYS D 12 9.25 3.43 37.28
N VAL D 13 9.19 2.23 37.85
CA VAL D 13 8.07 1.32 37.61
C VAL D 13 7.44 1.01 38.97
N GLU D 14 6.13 1.23 39.10
CA GLU D 14 5.42 0.79 40.28
C GLU D 14 4.28 -0.09 39.84
N ILE D 15 4.24 -1.30 40.38
CA ILE D 15 3.18 -2.25 40.04
C ILE D 15 2.23 -2.41 41.20
N GLU D 16 0.95 -2.17 40.96
CA GLU D 16 -0.05 -2.44 41.96
C GLU D 16 -1.13 -3.30 41.32
N ASP D 17 -1.34 -4.51 41.85
CA ASP D 17 -2.41 -5.39 41.39
C ASP D 17 -2.48 -5.57 39.89
N GLY D 18 -1.36 -5.96 39.29
CA GLY D 18 -1.31 -6.17 37.85
C GLY D 18 -1.15 -4.92 37.01
N ILE D 19 -1.27 -3.75 37.61
CA ILE D 19 -1.09 -2.52 36.83
C ILE D 19 0.34 -2.00 37.04
N ALA D 20 1.12 -1.95 35.97
CA ALA D 20 2.50 -1.43 36.00
C ALA D 20 2.50 0.02 35.57
N PHE D 21 2.63 0.91 36.54
CA PHE D 21 2.76 2.32 36.26
C PHE D 21 4.19 2.56 35.83
N VAL D 22 4.37 3.03 34.60
CA VAL D 22 5.70 3.34 34.08
C VAL D 22 5.80 4.87 34.10
N ILE D 23 6.65 5.40 34.99
CA ILE D 23 6.68 6.83 35.26
C ILE D 23 7.98 7.47 34.70
N LEU D 24 7.82 8.31 33.68
CA LEU D 24 8.94 9.12 33.18
C LEU D 24 9.34 10.07 34.29
N ASN D 25 10.62 10.08 34.66
CA ASN D 25 11.04 10.64 35.96
C ASN D 25 12.27 11.55 35.89
N ARG D 26 12.13 12.63 35.13
CA ARG D 26 13.05 13.78 35.18
C ARG D 26 12.19 15.03 35.31
N PRO D 27 11.40 15.11 36.39
CA PRO D 27 10.43 16.19 36.49
C PRO D 27 11.07 17.56 36.59
N GLU D 28 12.30 17.62 37.11
CA GLU D 28 13.08 18.88 37.12
C GLU D 28 13.47 19.33 35.69
N LYS D 29 13.40 18.43 34.72
CA LYS D 29 13.55 18.73 33.28
C LYS D 29 12.23 18.53 32.51
N ARG D 30 11.12 18.57 33.25
CA ARG D 30 9.79 18.25 32.70
C ARG D 30 9.70 16.94 31.89
N ASN D 31 10.44 15.93 32.37
CA ASN D 31 10.48 14.58 31.74
C ASN D 31 10.90 14.58 30.29
N ALA D 32 11.76 15.52 29.94
CA ALA D 32 12.35 15.54 28.62
C ALA D 32 13.05 14.20 28.38
N MET D 33 12.92 13.75 27.15
CA MET D 33 13.37 12.45 26.76
C MET D 33 14.82 12.53 26.25
N SER D 34 15.75 12.20 27.14
CA SER D 34 17.19 12.10 26.80
C SER D 34 17.58 10.74 26.26
N PRO D 35 18.76 10.66 25.61
CA PRO D 35 19.21 9.29 25.25
C PRO D 35 19.30 8.33 26.45
N THR D 36 19.68 8.80 27.66
CA THR D 36 19.57 7.93 28.85
C THR D 36 18.14 7.40 29.05
N LEU D 37 17.15 8.29 29.08
CA LEU D 37 15.77 7.86 29.31
C LEU D 37 15.31 6.90 28.20
N ASN D 38 15.68 7.15 26.95
CA ASN D 38 15.34 6.25 25.81
C ASN D 38 15.89 4.83 25.96
N ARG D 39 17.18 4.74 26.30
CA ARG D 39 17.83 3.46 26.59
C ARG D 39 17.20 2.76 27.76
N GLU D 40 16.83 3.53 28.78
CA GLU D 40 16.22 2.95 29.94
C GLU D 40 14.79 2.47 29.69
N MET D 41 14.02 3.22 28.89
CA MET D 41 12.66 2.85 28.52
C MET D 41 12.66 1.61 27.63
N ILE D 42 13.66 1.45 26.77
CA ILE D 42 13.82 0.17 26.07
C ILE D 42 13.89 -1.02 27.08
N ASP D 43 14.72 -0.85 28.12
CA ASP D 43 14.93 -1.87 29.18
C ASP D 43 13.62 -2.10 29.93
N VAL D 44 12.96 -1.01 30.33
CA VAL D 44 11.69 -1.12 31.05
C VAL D 44 10.69 -1.97 30.29
N LEU D 45 10.46 -1.65 29.02
CA LEU D 45 9.47 -2.37 28.23
C LEU D 45 9.80 -3.87 27.96
N GLU D 46 11.06 -4.16 27.62
CA GLU D 46 11.52 -5.57 27.53
C GLU D 46 11.37 -6.27 28.88
N THR D 47 11.67 -5.57 29.97
CA THR D 47 11.58 -6.19 31.28
C THR D 47 10.13 -6.48 31.61
N LEU D 48 9.25 -5.47 31.50
CA LEU D 48 7.86 -5.65 31.89
C LEU D 48 7.14 -6.66 31.03
N GLU D 49 7.60 -6.81 29.80
CA GLU D 49 6.94 -7.73 28.86
C GLU D 49 6.99 -9.17 29.35
N GLN D 50 8.11 -9.53 29.97
CA GLN D 50 8.33 -10.88 30.43
C GLN D 50 7.95 -11.07 31.93
N ASP D 51 7.49 -10.01 32.60
CA ASP D 51 7.13 -10.03 34.04
C ASP D 51 5.65 -10.28 34.24
N PRO D 52 5.28 -11.48 34.73
CA PRO D 52 3.85 -11.86 34.78
C PRO D 52 3.10 -11.07 35.85
N ALA D 53 3.81 -10.34 36.71
CA ALA D 53 3.12 -9.47 37.66
C ALA D 53 2.54 -8.23 36.97
N ALA D 54 3.02 -7.95 35.77
CA ALA D 54 2.52 -6.80 35.05
C ALA D 54 1.53 -7.18 33.96
N GLY D 55 0.27 -6.79 34.15
CA GLY D 55 -0.78 -7.15 33.22
C GLY D 55 -1.11 -6.07 32.21
N VAL D 56 -0.96 -4.80 32.62
CA VAL D 56 -1.33 -3.64 31.80
C VAL D 56 -0.29 -2.58 32.16
N LEU D 57 0.20 -1.83 31.17
CA LEU D 57 1.14 -0.73 31.43
C LEU D 57 0.43 0.60 31.39
N VAL D 58 0.69 1.47 32.35
CA VAL D 58 0.15 2.83 32.28
C VAL D 58 1.39 3.73 32.16
N LEU D 59 1.51 4.46 31.04
CA LEU D 59 2.64 5.37 30.83
C LEU D 59 2.29 6.77 31.29
N THR D 60 3.04 7.25 32.25
CA THR D 60 2.70 8.53 32.92
C THR D 60 3.95 9.36 33.27
N GLY D 61 3.79 10.61 33.73
CA GLY D 61 4.95 11.44 34.09
C GLY D 61 4.97 11.82 35.56
N ALA D 62 6.17 11.92 36.15
CA ALA D 62 6.32 12.49 37.49
C ALA D 62 6.18 13.99 37.34
N GLY D 63 5.47 14.58 38.29
CA GLY D 63 5.43 16.04 38.43
C GLY D 63 4.36 16.61 37.51
N GLU D 64 4.65 17.82 37.01
CA GLU D 64 3.67 18.61 36.29
C GLU D 64 3.62 18.21 34.80
N ALA D 65 4.68 17.54 34.32
CA ALA D 65 4.70 17.15 32.92
C ALA D 65 4.31 15.70 32.71
N TRP D 66 3.73 15.43 31.55
CA TRP D 66 3.72 14.05 31.03
C TRP D 66 5.08 13.87 30.42
N THR D 67 5.30 14.47 29.23
CA THR D 67 6.67 14.75 28.77
C THR D 67 6.76 15.99 27.90
N ALA D 68 7.73 16.84 28.19
CA ALA D 68 7.96 18.05 27.43
C ALA D 68 8.68 17.79 26.11
N GLY D 69 8.72 16.53 25.65
CA GLY D 69 9.30 16.19 24.35
C GLY D 69 10.74 15.74 24.43
N MET D 70 11.45 15.74 23.30
CA MET D 70 12.84 15.30 23.37
C MET D 70 13.68 16.36 24.14
N ASP D 71 14.78 15.90 24.73
CA ASP D 71 15.62 16.82 25.54
C ASP D 71 16.47 17.62 24.58
N LEU D 72 16.19 18.91 24.49
CA LEU D 72 16.90 19.78 23.56
C LEU D 72 18.42 19.78 23.74
N LYS D 73 18.86 19.70 25.00
CA LYS D 73 20.28 19.63 25.34
C LYS D 73 20.89 18.22 25.14
N GLU D 74 20.36 17.21 25.83
CA GLU D 74 21.01 15.86 25.81
C GLU D 74 20.68 15.10 24.54
N TYR D 75 19.47 15.27 24.02
CA TYR D 75 19.05 14.49 22.85
C TYR D 75 19.37 15.19 21.52
N PHE D 76 19.22 16.50 21.43
CA PHE D 76 19.60 17.21 20.19
C PHE D 76 21.00 17.79 20.28
N ARG D 77 21.22 18.83 21.10
CA ARG D 77 22.47 19.59 21.09
CA ARG D 77 22.49 19.57 21.06
C ARG D 77 23.69 18.66 21.19
N GLU D 78 23.76 17.86 22.25
CA GLU D 78 24.95 17.03 22.51
C GLU D 78 25.17 15.93 21.47
N VAL D 79 24.07 15.37 20.95
CA VAL D 79 24.17 14.37 19.88
C VAL D 79 24.74 15.02 18.62
N ASP D 80 24.31 16.26 18.34
CA ASP D 80 24.82 16.98 17.15
C ASP D 80 26.35 17.18 17.20
N ALA D 81 26.89 17.31 18.41
CA ALA D 81 28.33 17.47 18.60
C ALA D 81 29.11 16.14 18.43
N GLY D 82 28.38 15.01 18.45
CA GLY D 82 28.97 13.70 18.35
C GLY D 82 29.10 13.19 16.91
N PRO D 83 29.71 11.98 16.74
CA PRO D 83 29.91 11.37 15.44
C PRO D 83 28.56 11.19 14.73
N GLU D 84 28.52 11.30 13.40
CA GLU D 84 27.25 11.14 12.63
C GLU D 84 26.59 9.79 12.92
N ILE D 85 27.42 8.75 12.96
CA ILE D 85 26.95 7.39 13.15
C ILE D 85 26.27 7.23 14.52
N LEU D 86 26.68 8.04 15.49
CA LEU D 86 25.99 8.08 16.78
C LEU D 86 24.54 8.54 16.69
N GLN D 87 24.31 9.62 15.93
CA GLN D 87 22.96 10.08 15.62
C GLN D 87 22.03 8.97 15.16
N GLU D 88 22.52 8.09 14.28
CA GLU D 88 21.74 6.94 13.79
C GLU D 88 21.24 6.05 14.93
N LYS D 89 22.14 5.77 15.87
CA LYS D 89 21.81 4.91 17.00
C LYS D 89 20.86 5.62 17.97
N ILE D 90 21.12 6.88 18.24
CA ILE D 90 20.23 7.67 19.10
C ILE D 90 18.79 7.72 18.58
N ARG D 91 18.62 7.91 17.26
CA ARG D 91 17.28 8.00 16.65
C ARG D 91 16.57 6.64 16.73
N ARG D 92 17.36 5.59 16.51
CA ARG D 92 16.84 4.24 16.57
C ARG D 92 16.39 3.89 18.00
N GLU D 93 17.16 4.32 18.99
CA GLU D 93 16.83 4.01 20.36
C GLU D 93 15.59 4.76 20.85
N ALA D 94 15.40 5.99 20.37
CA ALA D 94 14.14 6.69 20.61
C ALA D 94 12.95 5.97 19.96
N SER D 95 13.09 5.56 18.71
CA SER D 95 12.00 4.86 18.04
C SER D 95 11.71 3.55 18.70
N GLN D 96 12.75 2.99 19.33
CA GLN D 96 12.68 1.58 19.77
C GLN D 96 11.67 1.46 20.90
N TRP D 97 11.82 2.30 21.93
CA TRP D 97 10.78 2.32 22.97
C TRP D 97 9.48 3.07 22.64
N GLN D 98 9.59 4.14 21.87
CA GLN D 98 8.46 5.01 21.57
C GLN D 98 7.40 4.32 20.76
N TRP D 99 7.78 3.45 19.85
CA TRP D 99 6.72 2.85 19.05
C TRP D 99 7.13 1.46 18.52
N LYS D 100 8.41 1.24 18.22
CA LYS D 100 8.76 -0.09 17.69
C LYS D 100 8.41 -1.21 18.66
N LEU D 101 8.75 -1.09 19.96
CA LEU D 101 8.25 -2.03 20.97
C LEU D 101 6.83 -1.69 21.39
N LEU D 102 6.55 -0.39 21.57
CA LEU D 102 5.34 0.07 22.24
C LEU D 102 4.04 -0.04 21.42
N ARG D 103 4.09 0.26 20.10
CA ARG D 103 2.85 0.29 19.34
C ARG D 103 2.15 -1.08 19.26
N MET D 104 2.91 -2.13 18.96
CA MET D 104 2.38 -3.49 18.98
C MET D 104 2.89 -4.18 20.25
N TYR D 105 2.86 -3.51 21.39
CA TYR D 105 3.33 -4.14 22.62
C TYR D 105 2.46 -5.36 22.94
N ALA D 106 3.03 -6.38 23.59
CA ALA D 106 2.30 -7.67 23.86
C ALA D 106 1.17 -7.47 24.84
N LYS D 107 1.34 -6.50 25.73
CA LYS D 107 0.35 -6.21 26.76
C LYS D 107 -0.37 -4.90 26.45
N PRO D 108 -1.60 -4.74 26.95
CA PRO D 108 -2.35 -3.53 26.75
C PRO D 108 -1.66 -2.31 27.39
N THR D 109 -1.71 -1.17 26.70
CA THR D 109 -1.07 0.08 27.18
C THR D 109 -2.07 1.27 27.23
N ILE D 110 -1.91 2.13 28.24
CA ILE D 110 -2.74 3.29 28.44
C ILE D 110 -1.77 4.45 28.75
N ALA D 111 -1.85 5.52 27.95
CA ALA D 111 -1.11 6.73 28.32
C ALA D 111 -2.02 7.47 29.30
N MET D 112 -1.45 7.82 30.45
CA MET D 112 -2.17 8.65 31.44
C MET D 112 -1.53 10.03 31.48
N VAL D 113 -2.15 11.00 30.79
CA VAL D 113 -1.45 12.24 30.45
C VAL D 113 -1.75 13.23 31.53
N ASN D 114 -0.85 13.36 32.46
CA ASN D 114 -1.11 14.15 33.65
C ASN D 114 -0.85 15.66 33.44
N GLY D 115 -0.21 16.01 32.33
CA GLY D 115 0.27 17.40 32.14
C GLY D 115 0.93 17.56 30.80
N TRP D 116 1.93 18.43 30.73
CA TRP D 116 2.49 18.88 29.48
C TRP D 116 2.80 17.66 28.65
N CYS D 117 2.45 17.74 27.36
CA CYS D 117 2.75 16.73 26.39
C CYS D 117 3.13 17.50 25.11
N PHE D 118 4.42 17.58 24.82
CA PHE D 118 4.87 18.31 23.62
C PHE D 118 5.65 17.43 22.63
N GLY D 119 5.53 17.83 21.36
CA GLY D 119 6.36 17.39 20.25
C GLY D 119 6.52 15.88 20.27
N GLY D 120 7.74 15.45 20.59
CA GLY D 120 8.17 14.04 20.55
C GLY D 120 7.30 13.13 21.40
N GLY D 121 6.75 13.70 22.47
CA GLY D 121 5.72 13.01 23.25
C GLY D 121 4.57 12.36 22.45
N PHE D 122 4.22 12.94 21.30
CA PHE D 122 3.03 12.48 20.59
C PHE D 122 3.19 11.03 20.02
N ALA D 123 4.43 10.62 19.74
CA ALA D 123 4.66 9.24 19.25
C ALA D 123 4.30 8.10 20.24
N PRO D 124 4.95 8.07 21.43
CA PRO D 124 4.54 7.11 22.45
C PRO D 124 3.09 7.38 22.96
N LEU D 125 2.60 8.61 22.88
CA LEU D 125 1.19 8.89 23.26
C LEU D 125 0.22 7.97 22.42
N VAL D 126 0.47 7.92 21.13
CA VAL D 126 -0.40 7.22 20.18
C VAL D 126 0.03 5.76 20.01
N ALA D 127 1.32 5.44 20.25
CA ALA D 127 1.78 4.02 20.35
C ALA D 127 0.95 3.30 21.44
N CYS D 128 0.77 4.00 22.58
CA CYS D 128 -0.09 3.47 23.62
C CYS D 128 -1.50 3.25 23.03
N ASP D 129 -2.10 2.12 23.40
CA ASP D 129 -3.33 1.66 22.80
C ASP D 129 -4.39 2.69 23.17
N LEU D 130 -4.53 2.98 24.45
CA LEU D 130 -5.58 3.86 24.90
C LEU D 130 -4.96 5.08 25.61
N ALA D 131 -5.72 6.16 25.78
CA ALA D 131 -5.18 7.32 26.48
C ALA D 131 -6.27 8.09 27.19
N ILE D 132 -6.00 8.44 28.46
CA ILE D 132 -6.83 9.33 29.25
C ILE D 132 -5.92 10.48 29.61
N CYS D 133 -6.43 11.70 29.58
CA CYS D 133 -5.59 12.82 29.98
C CYS D 133 -6.35 13.65 30.96
N ALA D 134 -5.66 14.59 31.61
CA ALA D 134 -6.30 15.57 32.45
C ALA D 134 -6.80 16.76 31.63
N ASP D 135 -7.95 17.32 32.03
CA ASP D 135 -8.48 18.56 31.42
C ASP D 135 -7.41 19.64 31.49
N GLU D 136 -6.63 19.60 32.57
CA GLU D 136 -5.58 20.59 32.84
C GLU D 136 -4.30 20.35 32.03
N ALA D 137 -4.20 19.24 31.31
CA ALA D 137 -3.00 19.01 30.51
C ALA D 137 -3.01 19.93 29.29
N THR D 138 -1.81 20.36 28.89
CA THR D 138 -1.63 21.19 27.72
C THR D 138 -0.76 20.42 26.74
N PHE D 139 -1.25 20.33 25.51
CA PHE D 139 -0.55 19.65 24.41
C PHE D 139 -0.02 20.60 23.41
N GLY D 140 0.99 20.19 22.65
CA GLY D 140 1.48 21.01 21.55
C GLY D 140 2.55 20.35 20.69
N LEU D 141 2.39 20.53 19.37
CA LEU D 141 3.40 20.18 18.35
C LEU D 141 4.24 21.42 18.13
N SER D 142 5.08 21.71 19.12
CA SER D 142 5.92 22.89 19.18
C SER D 142 7.10 22.89 18.17
N GLU D 143 7.31 21.76 17.47
CA GLU D 143 8.44 21.60 16.53
C GLU D 143 8.60 22.80 15.59
N ILE D 144 7.48 23.22 14.98
CA ILE D 144 7.50 24.32 13.99
C ILE D 144 8.07 25.64 14.56
N ASN D 145 7.81 25.91 15.83
CA ASN D 145 8.28 27.10 16.52
C ASN D 145 9.72 26.98 17.05
N TRP D 146 10.28 25.77 17.08
CA TRP D 146 11.74 25.57 17.28
C TRP D 146 12.52 25.40 15.97
N GLY D 147 11.82 25.43 14.84
CA GLY D 147 12.46 25.46 13.53
C GLY D 147 12.76 24.06 12.96
N ILE D 148 11.99 23.06 13.37
CA ILE D 148 12.03 21.75 12.70
C ILE D 148 10.61 21.26 12.39
N PRO D 149 10.46 20.40 11.36
CA PRO D 149 9.18 19.71 11.21
C PRO D 149 9.12 18.64 12.28
N PRO D 150 7.95 18.05 12.53
CA PRO D 150 7.95 16.97 13.56
C PRO D 150 8.84 15.80 13.12
N GLY D 151 9.73 15.38 14.01
CA GLY D 151 10.69 14.30 13.71
C GLY D 151 10.15 12.97 14.21
N ASN D 152 10.91 11.91 13.94
CA ASN D 152 10.46 10.58 14.35
C ASN D 152 9.01 10.37 13.84
N LEU D 153 8.15 9.75 14.64
CA LEU D 153 6.80 9.36 14.22
C LEU D 153 5.67 10.32 14.58
N VAL D 154 6.02 11.50 15.07
CA VAL D 154 5.03 12.46 15.56
C VAL D 154 3.92 12.73 14.53
N SER D 155 4.28 12.94 13.25
CA SER D 155 3.26 13.35 12.29
C SER D 155 2.34 12.17 11.95
N LYS D 156 2.92 10.98 11.93
CA LYS D 156 2.10 9.77 11.82
C LYS D 156 1.20 9.50 13.06
N ALA D 157 1.69 9.73 14.28
CA ALA D 157 0.85 9.67 15.49
C ALA D 157 -0.41 10.51 15.33
N MET D 158 -0.24 11.75 14.90
CA MET D 158 -1.37 12.67 14.62
C MET D 158 -2.24 12.15 13.49
N ALA D 159 -1.63 11.74 12.37
CA ALA D 159 -2.43 11.19 11.29
C ALA D 159 -3.33 9.99 11.68
N ASP D 160 -2.88 9.18 12.62
CA ASP D 160 -3.63 7.98 12.95
C ASP D 160 -4.82 8.34 13.79
N THR D 161 -4.72 9.45 14.51
CA THR D 161 -5.70 9.71 15.53
C THR D 161 -6.56 10.97 15.37
N VAL D 162 -6.05 11.99 14.68
CA VAL D 162 -6.69 13.34 14.59
C VAL D 162 -6.97 13.63 13.13
N GLY D 163 -8.14 14.20 12.82
CA GLY D 163 -8.55 14.54 11.45
C GLY D 163 -7.52 15.37 10.72
N HIS D 164 -7.55 15.26 9.39
CA HIS D 164 -6.59 15.87 8.46
C HIS D 164 -6.42 17.37 8.71
N ARG D 165 -7.56 18.09 8.85
CA ARG D 165 -7.59 19.57 8.96
C ARG D 165 -7.01 19.97 10.28
N GLN D 166 -7.50 19.33 11.36
CA GLN D 166 -6.99 19.62 12.67
C GLN D 166 -5.50 19.33 12.84
N SER D 167 -5.06 18.19 12.31
CA SER D 167 -3.63 17.82 12.37
C SER D 167 -2.73 18.86 11.69
N LEU D 168 -3.02 19.20 10.43
CA LEU D 168 -2.28 20.28 9.76
C LEU D 168 -2.35 21.59 10.55
N TYR D 169 -3.53 21.91 11.06
CA TYR D 169 -3.64 23.18 11.82
C TYR D 169 -2.65 23.21 13.00
N TYR D 170 -2.67 22.15 13.82
CA TYR D 170 -1.77 22.10 14.97
C TYR D 170 -0.30 21.93 14.63
N ILE D 171 0.03 21.16 13.59
CA ILE D 171 1.42 21.00 13.14
C ILE D 171 1.94 22.31 12.57
N MET D 172 1.14 22.98 11.72
CA MET D 172 1.57 24.18 10.98
C MET D 172 1.70 25.39 11.87
N THR D 173 0.78 25.50 12.83
CA THR D 173 0.71 26.71 13.70
C THR D 173 1.50 26.57 14.97
N GLY D 174 1.61 25.36 15.50
CA GLY D 174 2.32 25.09 16.73
C GLY D 174 1.51 25.48 17.94
N LYS D 175 0.20 25.72 17.74
CA LYS D 175 -0.69 26.21 18.81
C LYS D 175 -0.97 25.07 19.84
N THR D 176 -0.99 25.42 21.13
CA THR D 176 -1.27 24.43 22.16
C THR D 176 -2.78 24.22 22.28
N PHE D 177 -3.16 23.12 22.91
CA PHE D 177 -4.56 22.80 23.18
C PHE D 177 -4.65 21.99 24.46
N GLY D 178 -5.81 22.03 25.10
CA GLY D 178 -6.00 21.44 26.39
C GLY D 178 -6.58 20.05 26.32
N GLY D 179 -6.79 19.46 27.48
CA GLY D 179 -7.24 18.07 27.58
C GLY D 179 -8.58 17.82 26.93
N GLN D 180 -9.57 18.70 27.15
CA GLN D 180 -10.89 18.48 26.53
C GLN D 180 -10.78 18.50 24.99
N LYS D 181 -10.00 19.43 24.46
CA LYS D 181 -9.88 19.52 23.03
C LYS D 181 -9.12 18.29 22.48
N ALA D 182 -8.14 17.78 23.23
CA ALA D 182 -7.42 16.55 22.87
C ALA D 182 -8.41 15.38 22.70
N ALA D 183 -9.37 15.27 23.64
CA ALA D 183 -10.39 14.23 23.58
C ALA D 183 -11.33 14.47 22.40
N GLU D 184 -11.75 15.73 22.22
CA GLU D 184 -12.66 16.07 21.13
C GLU D 184 -12.04 15.70 19.78
N MET D 185 -10.74 15.98 19.59
CA MET D 185 -10.08 15.77 18.30
C MET D 185 -9.77 14.27 18.00
N GLY D 186 -9.90 13.41 19.00
CA GLY D 186 -9.59 11.96 18.82
C GLY D 186 -8.17 11.57 19.21
N LEU D 187 -7.37 12.54 19.66
CA LEU D 187 -6.01 12.26 20.10
C LEU D 187 -5.96 11.34 21.33
N VAL D 188 -6.87 11.57 22.30
CA VAL D 188 -7.05 10.68 23.42
C VAL D 188 -8.49 10.12 23.46
N ASN D 189 -8.71 9.13 24.31
CA ASN D 189 -10.03 8.55 24.52
C ASN D 189 -10.93 9.47 25.37
N GLU D 190 -10.36 10.11 26.38
CA GLU D 190 -11.15 10.89 27.27
C GLU D 190 -10.31 11.81 28.11
N SER D 191 -10.88 12.93 28.48
CA SER D 191 -10.23 13.89 29.34
C SER D 191 -11.08 14.00 30.58
N VAL D 192 -10.45 13.99 31.77
CA VAL D 192 -11.14 14.14 33.09
C VAL D 192 -10.36 15.17 33.94
N PRO D 193 -10.99 15.72 35.00
CA PRO D 193 -10.14 16.53 35.88
C PRO D 193 -8.92 15.75 36.38
N LEU D 194 -7.81 16.43 36.63
CA LEU D 194 -6.59 15.75 37.12
C LEU D 194 -6.88 14.97 38.43
N ALA D 195 -7.69 15.53 39.31
CA ALA D 195 -7.92 14.87 40.59
C ALA D 195 -8.57 13.49 40.41
N GLN D 196 -9.09 13.21 39.21
CA GLN D 196 -9.77 11.95 38.94
C GLN D 196 -9.04 11.08 37.96
N LEU D 197 -7.90 11.55 37.47
CA LEU D 197 -7.23 10.92 36.33
C LEU D 197 -6.79 9.53 36.69
N ARG D 198 -6.18 9.41 37.87
CA ARG D 198 -5.68 8.11 38.32
C ARG D 198 -6.77 7.06 38.51
N GLU D 199 -7.89 7.45 39.10
CA GLU D 199 -9.03 6.57 39.37
C GLU D 199 -9.62 6.07 38.05
N VAL D 200 -9.83 6.99 37.12
CA VAL D 200 -10.47 6.66 35.83
C VAL D 200 -9.54 5.71 35.06
N THR D 201 -8.24 5.98 35.12
CA THR D 201 -7.26 5.17 34.41
C THR D 201 -7.21 3.72 34.99
N ILE D 202 -7.22 3.63 36.32
CA ILE D 202 -7.19 2.31 36.95
C ILE D 202 -8.48 1.54 36.64
N GLU D 203 -9.61 2.22 36.63
CA GLU D 203 -10.85 1.55 36.25
C GLU D 203 -10.72 0.93 34.88
N LEU D 204 -10.16 1.68 33.93
CA LEU D 204 -10.00 1.16 32.57
C LEU D 204 -9.03 -0.02 32.57
N ALA D 205 -7.92 0.15 33.26
CA ALA D 205 -6.92 -0.89 33.37
C ALA D 205 -7.49 -2.16 33.99
N ARG D 206 -8.27 -2.04 35.06
CA ARG D 206 -8.94 -3.21 35.66
C ARG D 206 -9.80 -3.95 34.64
N ASN D 207 -10.55 -3.20 33.84
CA ASN D 207 -11.37 -3.81 32.77
C ASN D 207 -10.48 -4.61 31.85
N LEU D 208 -9.41 -3.96 31.40
CA LEU D 208 -8.48 -4.60 30.49
C LEU D 208 -7.87 -5.89 31.11
N LEU D 209 -7.56 -5.86 32.41
CA LEU D 209 -6.94 -7.03 33.11
C LEU D 209 -7.85 -8.26 33.20
N GLU D 210 -9.15 -8.07 33.11
CA GLU D 210 -10.12 -9.17 33.05
C GLU D 210 -10.06 -9.97 31.74
N LYS D 211 -9.49 -9.40 30.67
CA LYS D 211 -9.52 -10.09 29.39
C LYS D 211 -8.40 -11.12 29.36
N ASN D 212 -8.61 -12.13 28.52
CA ASN D 212 -7.58 -13.05 28.19
C ASN D 212 -6.46 -12.29 27.43
N PRO D 213 -5.25 -12.23 28.01
CA PRO D 213 -4.22 -11.34 27.46
C PRO D 213 -3.84 -11.61 26.00
N VAL D 214 -3.79 -12.89 25.67
CA VAL D 214 -3.39 -13.36 24.36
C VAL D 214 -4.47 -12.93 23.36
N VAL D 215 -5.72 -13.10 23.76
CA VAL D 215 -6.88 -12.66 22.99
C VAL D 215 -6.92 -11.10 22.83
N LEU D 216 -6.66 -10.38 23.93
CA LEU D 216 -6.62 -8.91 23.88
C LEU D 216 -5.51 -8.42 22.93
N ARG D 217 -4.40 -9.15 22.99
CA ARG D 217 -3.26 -8.86 22.13
C ARG D 217 -3.60 -9.04 20.63
N ALA D 218 -4.24 -10.15 20.31
CA ALA D 218 -4.67 -10.37 18.94
C ALA D 218 -5.61 -9.25 18.45
N ALA D 219 -6.56 -8.86 19.29
CA ALA D 219 -7.58 -7.85 18.98
C ALA D 219 -6.97 -6.47 18.78
N LYS D 220 -6.15 -6.00 19.72
CA LYS D 220 -5.56 -4.63 19.53
C LYS D 220 -4.54 -4.61 18.39
N HIS D 221 -3.71 -5.64 18.28
CA HIS D 221 -2.76 -5.70 17.16
C HIS D 221 -3.48 -5.76 15.83
N GLY D 222 -4.51 -6.63 15.72
CA GLY D 222 -5.21 -6.82 14.43
C GLY D 222 -5.85 -5.53 13.97
N PHE D 223 -6.41 -4.78 14.94
CA PHE D 223 -7.03 -3.53 14.60
C PHE D 223 -6.03 -2.52 14.01
N LYS D 224 -4.91 -2.33 14.69
CA LYS D 224 -3.89 -1.41 14.22
C LYS D 224 -3.38 -1.75 12.87
N ARG D 225 -3.20 -3.04 12.63
CA ARG D 225 -2.64 -3.49 11.34
C ARG D 225 -3.70 -3.44 10.22
N CYS D 226 -4.95 -3.80 10.53
CA CYS D 226 -6.02 -3.77 9.52
C CYS D 226 -6.19 -2.42 8.82
N ARG D 227 -5.85 -1.33 9.52
CA ARG D 227 -5.91 0.03 8.91
C ARG D 227 -5.09 0.12 7.63
N GLU D 228 -4.03 -0.69 7.52
CA GLU D 228 -3.01 -0.60 6.45
C GLU D 228 -3.37 -1.51 5.30
N LEU D 229 -4.35 -2.39 5.54
CA LEU D 229 -4.70 -3.45 4.54
C LEU D 229 -6.08 -3.23 3.95
N THR D 230 -6.31 -3.73 2.74
CA THR D 230 -7.61 -3.64 2.12
C THR D 230 -8.49 -4.72 2.75
N TRP D 231 -9.78 -4.69 2.44
CA TRP D 231 -10.66 -5.75 2.95
C TRP D 231 -10.23 -7.18 2.54
N GLU D 232 -9.93 -7.37 1.29
CA GLU D 232 -9.54 -8.71 0.87
C GLU D 232 -8.27 -9.16 1.62
N GLN D 233 -7.39 -8.23 1.85
CA GLN D 233 -6.16 -8.58 2.57
C GLN D 233 -6.52 -8.95 4.01
N ASN D 234 -7.45 -8.15 4.59
CA ASN D 234 -7.80 -8.36 5.99
C ASN D 234 -8.55 -9.66 6.26
N GLU D 235 -9.22 -10.14 5.22
CA GLU D 235 -9.88 -11.43 5.32
C GLU D 235 -8.88 -12.52 5.68
N ASP D 236 -7.73 -12.50 5.00
CA ASP D 236 -6.61 -13.36 5.28
C ASP D 236 -5.98 -13.04 6.64
N TYR D 237 -5.57 -11.79 6.80
CA TYR D 237 -4.77 -11.41 7.92
C TYR D 237 -5.59 -11.57 9.21
N LEU D 238 -6.84 -11.07 9.23
CA LEU D 238 -7.64 -11.06 10.47
C LEU D 238 -8.08 -12.46 10.93
N TYR D 239 -8.33 -13.32 9.98
CA TYR D 239 -8.55 -14.73 10.31
C TYR D 239 -7.28 -15.41 10.80
N ALA D 240 -6.12 -15.08 10.19
CA ALA D 240 -4.87 -15.56 10.76
C ALA D 240 -4.65 -15.14 12.20
N LYS D 241 -4.98 -13.88 12.52
CA LYS D 241 -4.90 -13.41 13.91
C LYS D 241 -5.87 -14.14 14.85
N LEU D 242 -7.09 -14.38 14.38
CA LEU D 242 -8.04 -15.09 15.20
C LEU D 242 -7.54 -16.51 15.53
N ASP D 243 -7.06 -17.22 14.52
CA ASP D 243 -6.53 -18.60 14.68
C ASP D 243 -5.21 -18.70 15.45
N GLN D 244 -4.33 -17.72 15.27
CA GLN D 244 -3.10 -17.63 16.04
C GLN D 244 -3.46 -17.44 17.52
N SER D 245 -4.49 -16.66 17.77
CA SER D 245 -4.98 -16.42 19.12
C SER D 245 -5.52 -17.71 19.78
N ARG D 246 -6.27 -18.48 19.02
CA ARG D 246 -6.83 -19.73 19.52
C ARG D 246 -5.72 -20.73 19.83
N LEU D 247 -4.63 -20.69 19.06
CA LEU D 247 -3.45 -21.50 19.32
C LEU D 247 -2.74 -21.12 20.61
N LEU D 248 -2.35 -19.85 20.72
CA LEU D 248 -1.48 -19.38 21.77
C LEU D 248 -2.28 -19.19 23.04
N ASP D 249 -3.60 -19.17 22.88
CA ASP D 249 -4.51 -19.07 24.00
C ASP D 249 -4.82 -20.48 24.56
N THR D 250 -4.53 -20.79 25.73
N THR E 3 3.19 44.29 -8.94
CA THR E 3 1.70 44.16 -9.01
C THR E 3 1.30 43.16 -10.09
N TYR E 4 0.14 42.51 -9.90
CA TYR E 4 -0.39 41.56 -10.89
C TYR E 4 -1.69 42.10 -11.50
N GLU E 5 -1.93 43.40 -11.32
CA GLU E 5 -3.16 44.00 -11.78
C GLU E 5 -3.42 43.74 -13.26
N GLY E 6 -4.62 43.24 -13.55
CA GLY E 6 -5.08 42.97 -14.90
C GLY E 6 -4.33 41.92 -15.68
N ARG E 7 -3.56 41.08 -15.01
CA ARG E 7 -2.69 40.17 -15.74
C ARG E 7 -3.36 38.91 -16.33
N TRP E 8 -4.45 38.46 -15.71
CA TRP E 8 -5.18 37.27 -16.13
C TRP E 8 -6.65 37.57 -16.33
N LYS E 9 -7.28 36.83 -17.23
CA LYS E 9 -8.64 37.09 -17.64
C LYS E 9 -9.66 36.62 -16.61
N THR E 10 -9.40 35.44 -16.03
CA THR E 10 -10.38 34.79 -15.17
C THR E 10 -9.93 34.70 -13.72
N VAL E 11 -8.78 35.29 -13.39
N VAL E 11 -8.78 35.29 -13.39
CA VAL E 11 -8.22 35.19 -12.02
CA VAL E 11 -8.25 35.24 -12.02
C VAL E 11 -7.53 36.49 -11.61
C VAL E 11 -7.70 36.61 -11.64
N LYS E 12 -7.68 36.90 -10.35
CA LYS E 12 -6.95 38.07 -9.81
C LYS E 12 -6.01 37.72 -8.65
N VAL E 13 -4.85 38.35 -8.58
CA VAL E 13 -3.95 38.14 -7.46
C VAL E 13 -3.72 39.47 -6.80
N GLU E 14 -3.95 39.54 -5.50
CA GLU E 14 -3.69 40.79 -4.78
C GLU E 14 -2.87 40.46 -3.54
N ILE E 15 -1.65 40.97 -3.48
CA ILE E 15 -0.77 40.68 -2.37
C ILE E 15 -0.73 41.83 -1.39
N GLU E 16 -1.01 41.53 -0.12
CA GLU E 16 -0.89 42.52 0.93
C GLU E 16 -0.09 41.93 2.06
N ASP E 17 1.05 42.57 2.37
CA ASP E 17 1.89 42.19 3.52
C ASP E 17 2.23 40.68 3.49
N GLY E 18 2.61 40.15 2.34
CA GLY E 18 3.03 38.73 2.27
C GLY E 18 1.90 37.74 2.00
N ILE E 19 0.65 38.19 2.12
CA ILE E 19 -0.48 37.31 1.88
C ILE E 19 -0.95 37.46 0.43
N ALA E 20 -0.81 36.41 -0.36
CA ALA E 20 -1.29 36.46 -1.74
C ALA E 20 -2.74 35.98 -1.83
N PHE E 21 -3.64 36.93 -2.05
CA PHE E 21 -5.04 36.57 -2.29
C PHE E 21 -5.18 36.18 -3.74
N VAL E 22 -5.56 34.92 -3.96
CA VAL E 22 -5.78 34.42 -5.30
C VAL E 22 -7.29 34.38 -5.44
N ILE E 23 -7.80 35.21 -6.35
CA ILE E 23 -9.23 35.43 -6.46
C ILE E 23 -9.78 34.87 -7.73
N LEU E 24 -10.57 33.82 -7.59
CA LEU E 24 -11.20 33.24 -8.75
C LEU E 24 -12.21 34.29 -9.19
N ASN E 25 -12.17 34.63 -10.48
CA ASN E 25 -12.79 35.86 -10.94
C ASN E 25 -13.67 35.69 -12.18
N ARG E 26 -14.68 34.85 -12.10
CA ARG E 26 -15.71 34.81 -13.15
C ARG E 26 -17.04 34.90 -12.44
N PRO E 27 -17.25 36.01 -11.70
CA PRO E 27 -18.41 36.03 -10.78
C PRO E 27 -19.76 35.91 -11.50
N GLU E 28 -19.85 36.41 -12.73
CA GLU E 28 -21.04 36.28 -13.61
C GLU E 28 -21.35 34.81 -13.89
N LYS E 29 -20.32 33.97 -13.84
CA LYS E 29 -20.49 32.53 -13.93
C LYS E 29 -20.19 31.81 -12.60
N ARG E 30 -20.33 32.51 -11.47
CA ARG E 30 -20.10 31.92 -10.14
C ARG E 30 -18.75 31.14 -10.06
N ASN E 31 -17.74 31.74 -10.69
CA ASN E 31 -16.38 31.21 -10.68
C ASN E 31 -16.25 29.76 -11.15
N ALA E 32 -17.17 29.35 -12.04
CA ALA E 32 -17.05 28.05 -12.70
C ALA E 32 -15.67 27.89 -13.36
N MET E 33 -15.10 26.71 -13.22
CA MET E 33 -13.74 26.48 -13.68
C MET E 33 -13.77 26.00 -15.11
N SER E 34 -13.52 26.94 -16.02
CA SER E 34 -13.37 26.65 -17.44
C SER E 34 -11.91 26.26 -17.66
N PRO E 35 -11.61 25.70 -18.83
CA PRO E 35 -10.23 25.39 -19.18
C PRO E 35 -9.30 26.60 -19.27
N THR E 36 -9.81 27.76 -19.69
CA THR E 36 -9.06 29.04 -19.64
C THR E 36 -8.70 29.35 -18.20
N LEU E 37 -9.66 29.22 -17.30
CA LEU E 37 -9.36 29.41 -15.87
C LEU E 37 -8.32 28.39 -15.35
N ASN E 38 -8.50 27.11 -15.70
CA ASN E 38 -7.51 26.07 -15.32
C ASN E 38 -6.09 26.43 -15.78
N ARG E 39 -5.94 26.76 -17.05
CA ARG E 39 -4.63 27.20 -17.57
C ARG E 39 -4.05 28.45 -16.88
N GLU E 40 -4.91 29.43 -16.66
CA GLU E 40 -4.48 30.64 -15.98
C GLU E 40 -4.09 30.35 -14.52
N MET E 41 -4.85 29.47 -13.86
CA MET E 41 -4.49 29.08 -12.49
C MET E 41 -3.14 28.38 -12.44
N ILE E 42 -2.82 27.56 -13.43
CA ILE E 42 -1.50 26.96 -13.51
C ILE E 42 -0.41 28.04 -13.50
N ASP E 43 -0.54 29.01 -14.39
CA ASP E 43 0.35 30.14 -14.44
C ASP E 43 0.40 30.90 -13.11
N VAL E 44 -0.76 31.13 -12.50
CA VAL E 44 -0.78 31.85 -11.22
C VAL E 44 0.08 31.10 -10.19
N LEU E 45 -0.17 29.79 -10.00
CA LEU E 45 0.57 29.04 -8.97
C LEU E 45 2.09 29.03 -9.23
N GLU E 46 2.46 28.87 -10.50
CA GLU E 46 3.86 28.79 -10.92
C GLU E 46 4.57 30.14 -10.65
N THR E 47 3.82 31.23 -10.84
CA THR E 47 4.36 32.57 -10.75
C THR E 47 4.51 32.92 -9.27
N LEU E 48 3.47 32.66 -8.48
CA LEU E 48 3.53 33.02 -7.05
C LEU E 48 4.54 32.20 -6.28
N GLU E 49 4.81 30.99 -6.76
CA GLU E 49 5.80 30.13 -6.16
C GLU E 49 7.19 30.82 -6.09
N GLN E 50 7.56 31.44 -7.18
CA GLN E 50 8.87 32.10 -7.33
C GLN E 50 8.85 33.56 -6.94
N ASP E 51 7.70 34.04 -6.48
CA ASP E 51 7.59 35.43 -6.05
C ASP E 51 7.85 35.57 -4.54
N PRO E 52 9.02 36.11 -4.14
CA PRO E 52 9.26 36.24 -2.67
C PRO E 52 8.29 37.15 -1.92
N ALA E 53 7.51 37.98 -2.62
CA ALA E 53 6.51 38.83 -1.95
C ALA E 53 5.34 38.01 -1.38
N ALA E 54 5.14 36.83 -1.96
CA ALA E 54 4.04 35.96 -1.58
C ALA E 54 4.57 34.88 -0.63
N GLY E 55 4.21 34.99 0.64
CA GLY E 55 4.59 33.98 1.65
C GLY E 55 3.49 32.97 1.95
N VAL E 56 2.23 33.36 1.75
CA VAL E 56 1.07 32.48 1.99
C VAL E 56 -0.01 32.79 0.91
N LEU E 57 -0.70 31.76 0.44
CA LEU E 57 -1.69 31.97 -0.59
C LEU E 57 -3.05 31.71 -0.02
N VAL E 58 -4.00 32.60 -0.33
CA VAL E 58 -5.39 32.45 0.09
C VAL E 58 -6.25 32.34 -1.17
N LEU E 59 -6.96 31.22 -1.32
CA LEU E 59 -7.74 30.90 -2.52
C LEU E 59 -9.18 31.21 -2.17
N THR E 60 -9.69 32.23 -2.85
CA THR E 60 -11.07 32.73 -2.62
C THR E 60 -11.74 33.02 -3.97
N GLY E 61 -12.99 33.45 -3.94
CA GLY E 61 -13.78 33.64 -5.13
C GLY E 61 -14.39 35.04 -5.10
N ALA E 62 -14.46 35.66 -6.28
CA ALA E 62 -15.12 36.96 -6.43
C ALA E 62 -16.63 36.78 -6.34
N GLY E 63 -17.28 37.70 -5.65
CA GLY E 63 -18.72 37.70 -5.53
C GLY E 63 -19.26 36.67 -4.59
N GLU E 64 -20.40 36.07 -4.96
CA GLU E 64 -21.17 35.13 -4.10
C GLU E 64 -20.69 33.69 -4.03
N ALA E 65 -20.03 33.23 -5.10
CA ALA E 65 -19.45 31.87 -5.16
C ALA E 65 -18.00 31.90 -4.66
N TRP E 66 -17.62 30.78 -4.03
CA TRP E 66 -16.19 30.40 -3.98
C TRP E 66 -15.92 29.78 -5.38
N THR E 67 -16.48 28.61 -5.66
CA THR E 67 -16.57 28.09 -7.03
C THR E 67 -17.74 27.14 -7.20
N ALA E 68 -18.50 27.38 -8.28
CA ALA E 68 -19.67 26.57 -8.60
C ALA E 68 -19.28 25.29 -9.31
N GLY E 69 -17.98 25.00 -9.38
CA GLY E 69 -17.52 23.73 -9.93
C GLY E 69 -17.06 23.84 -11.35
N MET E 70 -16.92 22.71 -12.03
CA MET E 70 -16.40 22.79 -13.39
C MET E 70 -17.38 23.51 -14.32
N ASP E 71 -16.83 24.16 -15.34
CA ASP E 71 -17.69 24.93 -16.23
C ASP E 71 -18.32 23.96 -17.22
N LEU E 72 -19.62 23.69 -17.03
CA LEU E 72 -20.41 22.78 -17.89
C LEU E 72 -20.28 23.11 -19.40
N LYS E 73 -20.45 24.39 -19.73
CA LYS E 73 -20.45 24.87 -21.09
C LYS E 73 -19.04 24.79 -21.67
N GLU E 74 -18.07 25.39 -20.98
CA GLU E 74 -16.74 25.53 -21.58
C GLU E 74 -15.85 24.27 -21.57
N TYR E 75 -16.00 23.37 -20.61
CA TYR E 75 -15.46 22.01 -20.83
C TYR E 75 -16.13 21.30 -22.06
N PHE E 76 -17.45 21.06 -22.00
CA PHE E 76 -18.19 20.32 -23.06
C PHE E 76 -18.05 20.95 -24.46
N ARG E 77 -17.72 22.24 -24.49
CA ARG E 77 -17.39 22.90 -25.73
C ARG E 77 -16.05 22.40 -26.21
N GLU E 78 -14.97 22.95 -25.63
CA GLU E 78 -13.59 22.72 -26.08
C GLU E 78 -13.27 21.23 -26.44
N VAL E 79 -14.04 20.29 -25.88
CA VAL E 79 -13.99 18.88 -26.32
C VAL E 79 -14.94 18.59 -27.50
N GLY E 82 -13.62 15.91 -29.06
CA GLY E 82 -13.24 15.95 -30.46
C GLY E 82 -12.14 16.96 -30.76
N PRO E 83 -10.93 16.49 -31.11
CA PRO E 83 -10.50 15.07 -31.05
C PRO E 83 -10.42 14.55 -29.62
N GLU E 84 -10.63 13.25 -29.44
CA GLU E 84 -10.62 12.56 -28.13
C GLU E 84 -9.44 13.00 -27.27
N ILE E 85 -8.27 13.11 -27.90
CA ILE E 85 -7.02 13.41 -27.21
C ILE E 85 -6.99 14.77 -26.53
N LEU E 86 -7.82 15.69 -26.99
CA LEU E 86 -7.92 16.99 -26.35
C LEU E 86 -8.44 16.86 -24.92
N GLN E 87 -9.31 15.88 -24.67
CA GLN E 87 -9.79 15.70 -23.31
C GLN E 87 -8.67 15.31 -22.32
N GLU E 88 -7.69 14.54 -22.79
CA GLU E 88 -6.49 14.22 -22.01
C GLU E 88 -5.87 15.50 -21.49
N LYS E 89 -5.65 16.44 -22.41
CA LYS E 89 -4.96 17.69 -22.05
C LYS E 89 -5.82 18.52 -21.09
N ILE E 90 -7.12 18.64 -21.37
CA ILE E 90 -7.98 19.47 -20.55
C ILE E 90 -8.08 18.88 -19.15
N ARG E 91 -8.19 17.56 -19.06
CA ARG E 91 -8.25 16.92 -17.76
C ARG E 91 -6.94 17.15 -16.95
N ARG E 92 -5.80 17.05 -17.63
N ARG E 92 -5.80 17.08 -17.64
CA ARG E 92 -4.48 17.31 -17.02
CA ARG E 92 -4.48 17.27 -17.01
C ARG E 92 -4.42 18.71 -16.43
C ARG E 92 -4.29 18.71 -16.49
N GLU E 93 -4.77 19.68 -17.26
CA GLU E 93 -4.75 21.11 -16.87
C GLU E 93 -5.58 21.37 -15.60
N ALA E 94 -6.73 20.73 -15.53
CA ALA E 94 -7.59 20.84 -14.37
C ALA E 94 -6.82 20.28 -13.15
N SER E 95 -6.31 19.04 -13.27
CA SER E 95 -5.55 18.38 -12.18
C SER E 95 -4.30 19.20 -11.84
N GLN E 96 -3.66 19.76 -12.87
CA GLN E 96 -2.34 20.41 -12.68
C GLN E 96 -2.43 21.48 -11.58
N TRP E 97 -3.45 22.34 -11.65
CA TRP E 97 -3.51 23.41 -10.62
C TRP E 97 -4.29 23.06 -9.38
N GLN E 98 -5.31 22.23 -9.58
CA GLN E 98 -6.23 21.87 -8.50
C GLN E 98 -5.54 21.12 -7.40
N TRP E 99 -4.52 20.32 -7.73
CA TRP E 99 -3.87 19.48 -6.70
C TRP E 99 -2.47 19.02 -7.11
N LYS E 100 -2.19 18.82 -8.39
CA LYS E 100 -0.84 18.38 -8.69
C LYS E 100 0.19 19.42 -8.22
N LEU E 101 -0.10 20.71 -8.40
CA LEU E 101 0.79 21.78 -7.98
C LEU E 101 0.40 22.16 -6.58
N LEU E 102 -0.89 22.08 -6.31
CA LEU E 102 -1.43 22.77 -5.16
C LEU E 102 -1.30 21.95 -3.88
N ARG E 103 -1.51 20.64 -3.97
CA ARG E 103 -1.62 19.83 -2.72
C ARG E 103 -0.31 19.77 -1.89
N MET E 104 0.79 19.74 -2.61
CA MET E 104 2.14 19.76 -2.09
C MET E 104 2.83 21.05 -2.57
N TYR E 105 2.12 22.17 -2.44
CA TYR E 105 2.68 23.43 -2.86
C TYR E 105 3.75 23.85 -1.86
N ALA E 106 4.81 24.42 -2.40
CA ALA E 106 5.96 24.90 -1.58
C ALA E 106 5.59 25.86 -0.49
N LYS E 107 4.55 26.68 -0.67
CA LYS E 107 4.11 27.67 0.36
C LYS E 107 2.79 27.25 0.99
N PRO E 108 2.49 27.72 2.21
CA PRO E 108 1.26 27.34 2.92
C PRO E 108 0.07 27.98 2.24
N THR E 109 -1.02 27.22 2.16
CA THR E 109 -2.17 27.64 1.38
C THR E 109 -3.38 27.49 2.29
N ILE E 110 -4.30 28.42 2.10
CA ILE E 110 -5.55 28.49 2.83
C ILE E 110 -6.71 28.72 1.87
N ALA E 111 -7.67 27.82 1.88
CA ALA E 111 -8.94 28.10 1.20
C ALA E 111 -9.83 29.04 2.05
N MET E 112 -10.28 30.15 1.47
CA MET E 112 -11.19 31.10 2.17
C MET E 112 -12.54 31.02 1.46
N VAL E 113 -13.41 30.13 1.96
CA VAL E 113 -14.64 29.78 1.25
C VAL E 113 -15.78 30.78 1.62
N ASN E 114 -15.95 31.79 0.76
CA ASN E 114 -16.87 32.92 0.93
C ASN E 114 -18.31 32.64 0.52
N GLY E 115 -18.52 31.58 -0.27
CA GLY E 115 -19.86 31.26 -0.77
C GLY E 115 -19.93 29.87 -1.38
N TRP E 116 -20.67 29.78 -2.47
CA TRP E 116 -20.97 28.50 -3.14
C TRP E 116 -19.70 27.71 -3.37
N CYS E 117 -19.71 26.45 -2.93
CA CYS E 117 -18.66 25.48 -3.27
C CYS E 117 -19.24 24.11 -3.72
N PHE E 118 -19.17 23.82 -5.02
CA PHE E 118 -19.80 22.62 -5.61
C PHE E 118 -18.81 21.80 -6.37
N GLY E 119 -19.06 20.49 -6.33
CA GLY E 119 -18.54 19.59 -7.32
C GLY E 119 -17.03 19.61 -7.34
N GLY E 120 -16.50 19.90 -8.52
CA GLY E 120 -15.08 19.94 -8.74
C GLY E 120 -14.36 20.93 -7.82
N GLY E 121 -15.06 21.84 -7.16
CA GLY E 121 -14.40 22.78 -6.25
C GLY E 121 -13.80 22.08 -5.05
N PHE E 122 -14.35 20.94 -4.69
CA PHE E 122 -13.79 20.12 -3.59
C PHE E 122 -12.30 19.67 -3.75
N ALA E 123 -11.85 19.42 -4.97
CA ALA E 123 -10.45 19.06 -5.16
C ALA E 123 -9.44 20.18 -4.66
N PRO E 124 -9.50 21.40 -5.23
CA PRO E 124 -8.64 22.46 -4.69
C PRO E 124 -8.96 22.87 -3.26
N LEU E 125 -10.21 22.75 -2.82
CA LEU E 125 -10.51 23.08 -1.45
C LEU E 125 -9.63 22.22 -0.49
N VAL E 126 -9.54 20.93 -0.79
CA VAL E 126 -8.82 20.02 0.11
C VAL E 126 -7.31 20.02 -0.22
N ALA E 127 -6.95 20.33 -1.47
CA ALA E 127 -5.50 20.52 -1.80
C ALA E 127 -4.86 21.66 -0.98
N CYS E 128 -5.58 22.76 -0.87
CA CYS E 128 -5.24 23.80 0.09
C CYS E 128 -5.05 23.26 1.50
N ASP E 129 -3.94 23.63 2.15
CA ASP E 129 -3.61 23.05 3.46
C ASP E 129 -4.71 23.17 4.48
N LEU E 130 -5.12 24.42 4.71
CA LEU E 130 -6.14 24.74 5.70
C LEU E 130 -7.33 25.42 5.02
N ALA E 131 -8.48 25.48 5.69
CA ALA E 131 -9.59 26.17 5.09
C ALA E 131 -10.47 26.74 6.16
N ILE E 132 -10.84 28.01 5.96
CA ILE E 132 -11.89 28.66 6.67
C ILE E 132 -13.06 28.96 5.71
N CYS E 133 -14.29 28.78 6.20
CA CYS E 133 -15.48 29.16 5.45
C CYS E 133 -16.40 30.08 6.26
N ALA E 134 -17.34 30.72 5.56
CA ALA E 134 -18.41 31.46 6.16
C ALA E 134 -19.50 30.48 6.52
N ASP E 135 -20.18 30.75 7.64
CA ASP E 135 -21.38 30.01 7.97
C ASP E 135 -22.35 30.00 6.80
N GLU E 136 -22.32 31.07 6.00
CA GLU E 136 -23.24 31.29 4.88
C GLU E 136 -22.86 30.51 3.63
N ALA E 137 -21.63 29.98 3.57
CA ALA E 137 -21.23 29.16 2.43
C ALA E 137 -22.05 27.87 2.33
N THR E 138 -22.39 27.52 1.10
CA THR E 138 -23.10 26.27 0.80
C THR E 138 -22.27 25.35 -0.06
N PHE E 139 -22.22 24.10 0.36
CA PHE E 139 -21.41 23.09 -0.30
C PHE E 139 -22.34 22.03 -0.88
N GLY E 140 -21.93 21.43 -1.99
CA GLY E 140 -22.63 20.22 -2.40
C GLY E 140 -21.85 19.48 -3.46
N LEU E 141 -21.96 18.16 -3.41
CA LEU E 141 -21.43 17.29 -4.46
CA LEU E 141 -21.42 17.29 -4.44
C LEU E 141 -22.59 16.92 -5.39
N SER E 142 -22.97 17.89 -6.22
CA SER E 142 -24.12 17.77 -7.13
C SER E 142 -23.87 16.86 -8.33
N GLU E 143 -22.66 16.30 -8.42
CA GLU E 143 -22.35 15.42 -9.57
C GLU E 143 -23.42 14.34 -9.78
N ILE E 144 -23.86 13.68 -8.73
CA ILE E 144 -24.84 12.61 -8.85
C ILE E 144 -26.16 13.08 -9.55
N ASN E 145 -26.58 14.27 -9.20
CA ASN E 145 -27.80 14.86 -9.75
C ASN E 145 -27.66 15.35 -11.19
N TYR E 146 -26.44 15.58 -11.62
CA TYR E 146 -26.13 15.85 -13.03
C TYR E 146 -25.86 14.58 -13.84
N GLY E 147 -25.80 13.42 -13.16
CA GLY E 147 -25.65 12.14 -13.87
C GLY E 147 -24.22 11.73 -14.14
N ILE E 148 -23.28 12.25 -13.34
CA ILE E 148 -21.90 11.75 -13.30
C ILE E 148 -21.45 11.49 -11.86
N PRO E 149 -20.58 10.49 -11.66
CA PRO E 149 -19.96 10.38 -10.36
C PRO E 149 -19.03 11.59 -10.18
N PRO E 150 -18.61 11.90 -8.94
CA PRO E 150 -17.61 12.96 -8.81
C PRO E 150 -16.34 12.66 -9.64
N GLY E 151 -15.94 13.62 -10.45
CA GLY E 151 -14.79 13.47 -11.34
C GLY E 151 -13.51 14.05 -10.74
N ASN E 152 -12.42 13.86 -11.47
CA ASN E 152 -11.11 14.31 -10.96
C ASN E 152 -10.95 13.76 -9.54
N LEU E 153 -10.37 14.51 -8.62
CA LEU E 153 -9.98 14.00 -7.31
C LEU E 153 -11.04 14.32 -6.22
N VAL E 154 -12.23 14.71 -6.66
CA VAL E 154 -13.31 15.11 -5.76
C VAL E 154 -13.53 14.05 -4.68
N SER E 155 -13.70 12.78 -5.06
CA SER E 155 -14.00 11.73 -4.03
C SER E 155 -12.85 11.49 -3.05
N LYS E 156 -11.63 11.67 -3.51
CA LYS E 156 -10.47 11.56 -2.63
C LYS E 156 -10.37 12.76 -1.70
N ALA E 157 -10.69 13.95 -2.22
CA ALA E 157 -10.69 15.17 -1.39
C ALA E 157 -11.62 14.89 -0.21
N MET E 158 -12.83 14.37 -0.52
CA MET E 158 -13.77 13.96 0.55
C MET E 158 -13.16 12.89 1.47
N ALA E 159 -12.63 11.81 0.85
CA ALA E 159 -12.00 10.71 1.63
C ALA E 159 -10.91 11.18 2.63
N ASP E 160 -10.08 12.17 2.22
CA ASP E 160 -9.09 12.73 3.12
C ASP E 160 -9.57 13.54 4.32
N THR E 161 -10.77 14.12 4.26
CA THR E 161 -11.20 15.14 5.27
C THR E 161 -12.52 14.84 5.99
N VAL E 162 -13.37 14.05 5.32
CA VAL E 162 -14.70 13.75 5.82
C VAL E 162 -14.84 12.24 6.03
N GLY E 163 -15.35 11.88 7.21
CA GLY E 163 -15.67 10.50 7.61
C GLY E 163 -16.43 9.73 6.54
N HIS E 164 -16.21 8.44 6.58
CA HIS E 164 -16.74 7.48 5.60
C HIS E 164 -18.25 7.64 5.39
N ARG E 165 -19.04 7.66 6.46
CA ARG E 165 -20.50 7.67 6.30
C ARG E 165 -21.00 8.98 5.77
N GLN E 166 -20.41 10.08 6.29
CA GLN E 166 -20.80 11.37 5.87
C GLN E 166 -20.41 11.55 4.40
N SER E 167 -19.22 11.08 3.96
CA SER E 167 -18.81 11.33 2.59
C SER E 167 -19.78 10.63 1.62
N LEU E 168 -20.12 9.37 1.93
CA LEU E 168 -20.99 8.58 1.10
C LEU E 168 -22.38 9.20 1.04
N TYR E 169 -22.86 9.71 2.18
CA TYR E 169 -24.18 10.38 2.21
C TYR E 169 -24.21 11.52 1.19
N TYR E 170 -23.28 12.46 1.34
CA TYR E 170 -23.19 13.62 0.45
C TYR E 170 -22.93 13.28 -1.00
N ILE E 171 -22.11 12.27 -1.25
CA ILE E 171 -21.79 11.82 -2.61
C ILE E 171 -22.99 11.13 -3.25
N MET E 172 -23.66 10.28 -2.48
CA MET E 172 -24.77 9.54 -3.03
C MET E 172 -26.03 10.36 -3.13
N THR E 173 -26.31 11.21 -2.16
CA THR E 173 -27.53 12.03 -2.24
C THR E 173 -27.42 13.34 -3.06
N GLY E 174 -26.19 13.88 -3.17
CA GLY E 174 -25.95 15.23 -3.67
C GLY E 174 -26.54 16.35 -2.80
N LYS E 175 -26.90 16.06 -1.56
CA LYS E 175 -27.53 17.08 -0.74
C LYS E 175 -26.55 18.19 -0.34
N THR E 176 -27.06 19.41 -0.22
CA THR E 176 -26.21 20.55 0.14
C THR E 176 -26.06 20.64 1.66
N PHE E 177 -25.05 21.39 2.10
CA PHE E 177 -24.77 21.56 3.52
C PHE E 177 -24.04 22.88 3.74
N GLY E 178 -24.28 23.51 4.89
CA GLY E 178 -23.77 24.86 5.15
C GLY E 178 -22.39 24.86 5.79
N GLY E 179 -21.91 26.05 6.13
CA GLY E 179 -20.53 26.19 6.58
C GLY E 179 -20.28 25.47 7.90
N GLN E 180 -21.20 25.63 8.85
CA GLN E 180 -21.10 24.95 10.15
C GLN E 180 -21.00 23.43 10.02
N LYS E 181 -21.84 22.83 9.21
CA LYS E 181 -21.79 21.39 9.00
C LYS E 181 -20.43 21.01 8.36
N ALA E 182 -19.94 21.84 7.44
CA ALA E 182 -18.64 21.61 6.77
C ALA E 182 -17.52 21.50 7.79
N ALA E 183 -17.51 22.43 8.76
CA ALA E 183 -16.53 22.39 9.85
C ALA E 183 -16.75 21.19 10.78
N GLU E 184 -18.00 20.92 11.15
CA GLU E 184 -18.28 19.75 12.03
C GLU E 184 -17.76 18.47 11.40
N MET E 185 -17.94 18.32 10.10
N MET E 185 -17.96 18.30 10.10
CA MET E 185 -17.56 17.11 9.36
CA MET E 185 -17.57 17.08 9.40
C MET E 185 -16.06 16.94 9.16
C MET E 185 -16.09 16.98 9.05
N GLY E 186 -15.32 18.03 9.34
CA GLY E 186 -13.85 18.04 9.04
C GLY E 186 -13.42 18.54 7.68
N LEU E 187 -14.36 18.98 6.83
CA LEU E 187 -14.04 19.41 5.46
C LEU E 187 -13.20 20.71 5.49
N VAL E 188 -13.44 21.54 6.52
CA VAL E 188 -12.67 22.79 6.71
C VAL E 188 -12.21 22.84 8.18
N ASN E 189 -11.31 23.77 8.53
CA ASN E 189 -10.89 23.97 9.94
C ASN E 189 -11.95 24.68 10.77
N GLU E 190 -12.65 25.62 10.14
CA GLU E 190 -13.52 26.47 10.92
C GLU E 190 -14.51 27.18 10.00
N SER E 191 -15.73 27.37 10.51
CA SER E 191 -16.72 28.17 9.86
C SER E 191 -17.02 29.36 10.77
N VAL E 192 -17.07 30.56 10.20
CA VAL E 192 -17.28 31.77 11.01
C VAL E 192 -18.31 32.62 10.27
N PRO E 193 -18.91 33.62 10.96
CA PRO E 193 -19.83 34.47 10.18
C PRO E 193 -19.11 35.08 8.96
N LEU E 194 -19.80 35.24 7.84
CA LEU E 194 -19.17 35.92 6.68
C LEU E 194 -18.44 37.22 7.05
N ALA E 195 -19.06 38.06 7.87
CA ALA E 195 -18.39 39.32 8.25
C ALA E 195 -17.01 39.11 8.91
N GLN E 196 -16.71 37.92 9.40
CA GLN E 196 -15.44 37.70 10.15
C GLN E 196 -14.46 36.91 9.33
N LEU E 197 -14.91 36.42 8.16
CA LEU E 197 -14.14 35.49 7.30
C LEU E 197 -12.75 35.97 6.92
N ARG E 198 -12.69 37.15 6.31
CA ARG E 198 -11.41 37.70 5.90
C ARG E 198 -10.42 37.88 7.09
N GLU E 199 -10.87 38.42 8.21
CA GLU E 199 -9.93 38.66 9.32
C GLU E 199 -9.46 37.37 10.01
N VAL E 200 -10.34 36.39 10.12
CA VAL E 200 -9.95 35.09 10.66
C VAL E 200 -8.87 34.44 9.75
N THR E 201 -9.15 34.44 8.44
CA THR E 201 -8.21 33.99 7.44
C THR E 201 -6.84 34.69 7.54
N ILE E 202 -6.90 36.01 7.67
CA ILE E 202 -5.73 36.81 7.74
C ILE E 202 -4.95 36.51 9.02
N GLU E 203 -5.66 36.41 10.13
CA GLU E 203 -5.04 36.10 11.42
C GLU E 203 -4.23 34.78 11.27
N LEU E 204 -4.87 33.76 10.68
CA LEU E 204 -4.22 32.50 10.43
C LEU E 204 -3.02 32.64 9.46
N ALA E 205 -3.20 33.38 8.37
CA ALA E 205 -2.11 33.60 7.41
C ALA E 205 -0.92 34.28 8.08
N ARG E 206 -1.21 35.28 8.91
CA ARG E 206 -0.14 35.98 9.63
C ARG E 206 0.67 35.01 10.52
N ASN E 207 -0.02 34.08 11.20
CA ASN E 207 0.62 33.04 12.01
C ASN E 207 1.59 32.16 11.20
N LEU E 208 1.12 31.74 10.03
CA LEU E 208 1.89 30.89 9.16
C LEU E 208 3.10 31.65 8.63
N LEU E 209 2.92 32.92 8.34
CA LEU E 209 4.03 33.77 7.82
C LEU E 209 5.19 33.94 8.80
N GLU E 210 4.88 33.82 10.06
CA GLU E 210 5.87 33.92 11.10
C GLU E 210 6.82 32.70 11.13
N LYS E 211 6.39 31.56 10.56
CA LYS E 211 7.22 30.34 10.57
C LYS E 211 8.31 30.39 9.51
N ASN E 212 9.34 29.57 9.73
CA ASN E 212 10.40 29.39 8.75
C ASN E 212 9.77 28.66 7.58
N PRO E 213 9.78 29.29 6.36
CA PRO E 213 9.01 28.73 5.26
C PRO E 213 9.43 27.30 4.84
N VAL E 214 10.73 27.01 4.86
CA VAL E 214 11.23 25.71 4.42
C VAL E 214 10.80 24.61 5.39
N VAL E 215 10.96 24.91 6.67
CA VAL E 215 10.48 24.06 7.79
C VAL E 215 8.96 23.83 7.71
N LEU E 216 8.17 24.90 7.62
CA LEU E 216 6.72 24.78 7.41
C LEU E 216 6.41 23.84 6.24
N ARG E 217 7.11 24.02 5.13
CA ARG E 217 6.89 23.16 3.95
C ARG E 217 7.18 21.67 4.24
N ALA E 218 8.33 21.37 4.88
CA ALA E 218 8.67 20.00 5.30
C ALA E 218 7.57 19.41 6.15
N ALA E 219 7.12 20.20 7.13
CA ALA E 219 6.10 19.76 8.05
C ALA E 219 4.72 19.50 7.38
N LYS E 220 4.22 20.45 6.59
CA LYS E 220 2.91 20.22 5.96
C LYS E 220 2.97 19.10 4.93
N HIS E 221 4.06 19.06 4.19
CA HIS E 221 4.17 18.01 3.18
C HIS E 221 4.32 16.63 3.82
N GLY E 222 5.19 16.54 4.80
CA GLY E 222 5.42 15.26 5.45
C GLY E 222 4.14 14.73 6.10
N PHE E 223 3.33 15.58 6.70
CA PHE E 223 2.06 15.12 7.25
C PHE E 223 1.21 14.46 6.16
N LYS E 224 1.02 15.17 5.04
CA LYS E 224 0.12 14.69 4.01
C LYS E 224 0.67 13.40 3.39
N ARG E 225 1.99 13.33 3.21
CA ARG E 225 2.56 12.03 2.71
C ARG E 225 2.47 10.90 3.75
N CYS E 226 2.72 11.21 5.03
CA CYS E 226 2.81 10.16 6.02
C CYS E 226 1.49 9.40 6.11
N ARG E 227 0.39 10.07 5.81
CA ARG E 227 -0.94 9.35 5.85
C ARG E 227 -0.94 8.07 5.02
N GLU E 228 -0.12 8.09 3.98
CA GLU E 228 -0.03 7.01 3.02
C GLU E 228 0.97 5.92 3.40
N LEU E 229 1.80 6.18 4.39
CA LEU E 229 2.91 5.27 4.66
C LEU E 229 2.69 4.56 5.98
N THR E 230 3.28 3.37 6.14
CA THR E 230 3.24 2.64 7.41
C THR E 230 4.17 3.33 8.39
N TRP E 231 4.07 2.95 9.65
CA TRP E 231 4.96 3.50 10.67
C TRP E 231 6.43 3.25 10.33
N GLU E 232 6.78 2.03 9.91
CA GLU E 232 8.18 1.75 9.62
C GLU E 232 8.66 2.52 8.37
N GLN E 233 7.75 2.77 7.43
CA GLN E 233 8.09 3.58 6.24
C GLN E 233 8.29 5.02 6.60
N ASN E 234 7.43 5.51 7.50
CA ASN E 234 7.55 6.86 8.00
C ASN E 234 8.76 7.15 8.91
N GLU E 235 9.26 6.16 9.61
CA GLU E 235 10.53 6.39 10.34
C GLU E 235 11.62 6.89 9.36
N ASP E 236 11.71 6.22 8.23
CA ASP E 236 12.64 6.57 7.20
C ASP E 236 12.21 7.92 6.56
N TYR E 237 11.03 7.94 5.98
CA TYR E 237 10.49 9.14 5.34
C TYR E 237 10.54 10.42 6.16
N LEU E 238 9.98 10.36 7.38
CA LEU E 238 9.89 11.59 8.17
C LEU E 238 11.24 12.12 8.64
N TYR E 239 12.21 11.23 8.90
CA TYR E 239 13.56 11.71 9.26
C TYR E 239 14.24 12.32 8.05
N ALA E 240 14.03 11.68 6.91
CA ALA E 240 14.52 12.28 5.66
C ALA E 240 13.95 13.71 5.46
N LYS E 241 12.64 13.93 5.68
CA LYS E 241 12.09 15.29 5.58
C LYS E 241 12.72 16.26 6.59
N LEU E 242 12.93 15.76 7.80
CA LEU E 242 13.51 16.60 8.85
C LEU E 242 14.90 17.02 8.42
N ASP E 243 15.67 16.06 7.94
CA ASP E 243 17.05 16.32 7.58
C ASP E 243 17.13 17.18 6.33
N GLN E 244 16.30 16.87 5.34
CA GLN E 244 16.11 17.79 4.20
C GLN E 244 15.79 19.21 4.63
N SER E 245 14.85 19.37 5.56
CA SER E 245 14.55 20.71 6.06
C SER E 245 15.82 21.39 6.61
N ARG E 246 16.65 20.65 7.36
CA ARG E 246 17.87 21.22 7.98
C ARG E 246 18.89 21.66 6.92
N LEU E 247 19.00 20.88 5.85
CA LEU E 247 19.81 21.26 4.69
C LEU E 247 19.34 22.54 4.00
N LEU E 248 18.05 22.58 3.68
CA LEU E 248 17.56 23.59 2.75
C LEU E 248 17.24 24.92 3.41
N ASP E 249 17.21 24.95 4.73
CA ASP E 249 16.58 26.06 5.44
C ASP E 249 17.42 27.34 5.37
N TYR F 4 -41.34 -13.37 -3.40
CA TYR F 4 -40.30 -13.90 -2.45
C TYR F 4 -40.89 -14.49 -1.18
N GLU F 5 -42.20 -14.34 -1.03
CA GLU F 5 -42.94 -14.97 0.07
C GLU F 5 -42.56 -16.47 0.24
N GLY F 6 -42.13 -16.84 1.44
CA GLY F 6 -41.76 -18.22 1.75
C GLY F 6 -40.54 -18.77 0.98
N ARG F 7 -39.73 -17.91 0.39
CA ARG F 7 -38.63 -18.43 -0.41
C ARG F 7 -37.49 -18.93 0.44
N TRP F 8 -37.16 -18.16 1.49
CA TRP F 8 -36.05 -18.47 2.36
C TRP F 8 -36.48 -18.78 3.79
N LYS F 9 -35.69 -19.62 4.45
CA LYS F 9 -35.98 -20.07 5.79
C LYS F 9 -35.69 -19.04 6.85
N THR F 10 -34.62 -18.26 6.67
CA THR F 10 -34.11 -17.39 7.75
C THR F 10 -34.07 -15.89 7.41
N VAL F 11 -34.46 -15.56 6.18
CA VAL F 11 -34.51 -14.17 5.68
C VAL F 11 -35.84 -13.97 4.95
N LYS F 12 -36.41 -12.76 5.00
CA LYS F 12 -37.59 -12.42 4.19
C LYS F 12 -37.22 -11.25 3.27
N VAL F 13 -37.78 -11.19 2.07
CA VAL F 13 -37.63 -10.00 1.25
C VAL F 13 -38.98 -9.40 0.96
N GLU F 14 -39.17 -8.13 1.30
CA GLU F 14 -40.46 -7.48 1.03
C GLU F 14 -40.16 -6.21 0.28
N ILE F 15 -40.59 -6.17 -0.98
CA ILE F 15 -40.27 -5.01 -1.85
C ILE F 15 -41.45 -4.07 -1.95
N GLU F 16 -41.20 -2.79 -1.69
CA GLU F 16 -42.27 -1.80 -1.84
C GLU F 16 -41.78 -0.56 -2.56
N ASP F 17 -42.34 -0.28 -3.74
CA ASP F 17 -42.03 0.98 -4.38
C ASP F 17 -40.50 1.09 -4.67
N GLY F 18 -39.87 0.00 -5.10
CA GLY F 18 -38.45 0.02 -5.51
C GLY F 18 -37.47 -0.23 -4.36
N ILE F 19 -38.01 -0.26 -3.14
CA ILE F 19 -37.19 -0.48 -1.94
C ILE F 19 -37.32 -1.94 -1.50
N ALA F 20 -36.24 -2.70 -1.67
CA ALA F 20 -36.18 -4.10 -1.24
C ALA F 20 -35.76 -4.14 0.24
N PHE F 21 -36.76 -4.31 1.10
CA PHE F 21 -36.48 -4.58 2.51
C PHE F 21 -36.02 -6.02 2.67
N VAL F 22 -34.77 -6.17 3.13
CA VAL F 22 -34.18 -7.51 3.36
C VAL F 22 -34.15 -7.68 4.86
N ILE F 23 -34.94 -8.64 5.34
CA ILE F 23 -35.19 -8.80 6.78
C ILE F 23 -34.63 -10.13 7.26
N LEU F 24 -33.53 -10.06 8.00
CA LEU F 24 -33.02 -11.22 8.73
C LEU F 24 -34.11 -11.74 9.63
N ASN F 25 -34.42 -13.00 9.47
CA ASN F 25 -35.66 -13.48 10.03
C ASN F 25 -35.52 -14.71 10.96
N ARG F 26 -34.68 -14.57 11.98
CA ARG F 26 -34.58 -15.57 13.06
C ARG F 26 -34.83 -14.91 14.40
N PRO F 27 -36.01 -14.27 14.57
CA PRO F 27 -36.13 -13.41 15.77
C PRO F 27 -36.00 -14.21 17.06
N GLU F 28 -36.34 -15.51 17.01
CA GLU F 28 -36.26 -16.38 18.19
C GLU F 28 -34.83 -16.68 18.61
N ARG F 29 -33.90 -16.41 17.70
CA ARG F 29 -32.47 -16.52 17.93
C ARG F 29 -31.79 -15.17 17.75
N ARG F 30 -32.57 -14.08 17.95
CA ARG F 30 -32.14 -12.70 17.80
C ARG F 30 -31.34 -12.47 16.52
N ASN F 31 -31.82 -13.05 15.44
CA ASN F 31 -31.15 -13.00 14.12
C ASN F 31 -29.66 -13.32 14.08
N ALA F 32 -29.24 -14.29 14.89
CA ALA F 32 -27.88 -14.75 14.86
C ALA F 32 -27.56 -15.30 13.43
N MET F 33 -26.34 -15.06 12.98
CA MET F 33 -25.99 -15.44 11.61
C MET F 33 -25.41 -16.84 11.57
N SER F 34 -26.27 -17.77 11.18
CA SER F 34 -25.92 -19.17 11.04
C SER F 34 -25.44 -19.48 9.63
N PRO F 35 -24.82 -20.65 9.46
CA PRO F 35 -24.51 -21.05 8.09
C PRO F 35 -25.74 -21.06 7.12
N THR F 36 -26.93 -21.45 7.60
CA THR F 36 -28.12 -21.37 6.74
C THR F 36 -28.36 -19.94 6.31
N LEU F 37 -28.38 -19.02 7.27
CA LEU F 37 -28.67 -17.63 6.98
C LEU F 37 -27.58 -17.08 6.07
N ASN F 38 -26.32 -17.42 6.32
CA ASN F 38 -25.27 -16.89 5.47
C ASN F 38 -25.46 -17.31 4.00
N ARG F 39 -25.77 -18.57 3.79
CA ARG F 39 -26.00 -19.11 2.43
C ARG F 39 -27.27 -18.52 1.82
N GLU F 40 -28.31 -18.30 2.62
CA GLU F 40 -29.52 -17.68 2.08
C GLU F 40 -29.24 -16.23 1.69
N MET F 41 -28.42 -15.56 2.50
CA MET F 41 -28.13 -14.13 2.25
C MET F 41 -27.39 -13.93 0.93
N ILE F 42 -26.53 -14.90 0.58
CA ILE F 42 -25.84 -14.88 -0.70
C ILE F 42 -26.85 -14.95 -1.86
N ASP F 43 -27.84 -15.86 -1.71
CA ASP F 43 -28.83 -16.05 -2.71
C ASP F 43 -29.71 -14.82 -2.78
N VAL F 44 -30.07 -14.28 -1.63
CA VAL F 44 -30.83 -13.03 -1.60
C VAL F 44 -30.08 -11.96 -2.42
N LEU F 45 -28.81 -11.71 -2.08
CA LEU F 45 -28.04 -10.64 -2.74
C LEU F 45 -27.92 -10.83 -4.25
N GLU F 46 -27.61 -12.06 -4.67
CA GLU F 46 -27.52 -12.43 -6.08
C GLU F 46 -28.87 -12.25 -6.82
N THR F 47 -29.97 -12.67 -6.18
CA THR F 47 -31.31 -12.56 -6.76
C THR F 47 -31.74 -11.07 -6.92
N LEU F 48 -31.62 -10.31 -5.84
CA LEU F 48 -32.07 -8.91 -5.90
C LEU F 48 -31.19 -8.09 -6.82
N GLU F 49 -30.00 -8.58 -7.12
CA GLU F 49 -29.09 -7.83 -7.99
C GLU F 49 -29.70 -7.77 -9.37
N GLN F 50 -30.29 -8.89 -9.80
CA GLN F 50 -30.82 -9.08 -11.15
C GLN F 50 -32.31 -8.79 -11.24
N ASP F 51 -32.92 -8.39 -10.13
CA ASP F 51 -34.33 -8.07 -10.08
C ASP F 51 -34.52 -6.57 -10.20
N PRO F 52 -35.00 -6.10 -11.38
CA PRO F 52 -35.19 -4.69 -11.63
C PRO F 52 -36.22 -4.01 -10.72
N ALA F 53 -37.12 -4.80 -10.13
CA ALA F 53 -38.06 -4.25 -9.12
C ALA F 53 -37.32 -3.67 -7.88
N ALA F 54 -36.11 -4.16 -7.59
CA ALA F 54 -35.36 -3.72 -6.40
C ALA F 54 -34.34 -2.65 -6.77
N GLY F 55 -34.52 -1.44 -6.24
CA GLY F 55 -33.65 -0.33 -6.67
C GLY F 55 -32.70 0.08 -5.57
N VAL F 56 -33.09 -0.19 -4.33
CA VAL F 56 -32.30 0.08 -3.11
C VAL F 56 -32.60 -1.07 -2.15
N LEU F 57 -31.57 -1.53 -1.45
CA LEU F 57 -31.74 -2.58 -0.43
C LEU F 57 -31.67 -1.96 0.94
N VAL F 58 -32.64 -2.33 1.78
CA VAL F 58 -32.60 -1.90 3.15
C VAL F 58 -32.36 -3.17 4.01
N LEU F 59 -31.22 -3.24 4.69
CA LEU F 59 -30.90 -4.45 5.50
C LEU F 59 -31.36 -4.29 6.92
N THR F 60 -32.31 -5.11 7.37
CA THR F 60 -32.90 -4.88 8.70
C THR F 60 -33.24 -6.20 9.40
N GLY F 61 -33.73 -6.18 10.64
CA GLY F 61 -33.91 -7.47 11.36
C GLY F 61 -35.31 -7.60 11.94
N ALA F 62 -35.87 -8.79 11.90
CA ALA F 62 -37.15 -9.08 12.56
C ALA F 62 -36.98 -9.07 14.10
N GLY F 63 -37.99 -8.57 14.82
CA GLY F 63 -37.95 -8.56 16.28
C GLY F 63 -37.11 -7.50 16.96
N GLU F 64 -36.58 -7.84 18.13
CA GLU F 64 -35.82 -6.91 18.94
C GLU F 64 -34.42 -6.61 18.42
N ALA F 65 -33.87 -7.58 17.68
CA ALA F 65 -32.51 -7.53 17.15
C ALA F 65 -32.40 -7.02 15.73
N TRP F 66 -31.29 -6.36 15.45
CA TRP F 66 -30.85 -6.22 14.06
C TRP F 66 -30.17 -7.56 13.75
N THR F 67 -28.97 -7.74 14.32
CA THR F 67 -28.41 -9.09 14.51
C THR F 67 -27.54 -9.24 15.77
N ALA F 68 -27.76 -10.30 16.53
CA ALA F 68 -26.94 -10.60 17.70
C ALA F 68 -25.55 -11.19 17.37
N GLY F 69 -25.11 -11.07 16.13
CA GLY F 69 -23.80 -11.55 15.73
C GLY F 69 -23.83 -12.94 15.12
N MET F 70 -22.66 -13.58 15.03
CA MET F 70 -22.61 -14.95 14.45
C MET F 70 -23.31 -15.89 15.39
N ASP F 71 -23.85 -16.98 14.84
CA ASP F 71 -24.58 -17.92 15.67
C ASP F 71 -23.55 -18.71 16.49
N LEU F 72 -23.50 -18.44 17.79
CA LEU F 72 -22.61 -19.11 18.77
C LEU F 72 -22.72 -20.64 18.68
N LYS F 73 -23.94 -21.11 18.42
CA LYS F 73 -24.22 -22.55 18.32
C LYS F 73 -23.90 -23.09 16.93
N GLU F 74 -24.58 -22.55 15.92
CA GLU F 74 -24.57 -23.13 14.57
C GLU F 74 -23.40 -22.70 13.71
N TYR F 75 -22.89 -21.52 13.99
CA TYR F 75 -21.79 -20.98 13.22
C TYR F 75 -20.45 -21.34 13.86
N PHE F 76 -20.37 -21.24 15.20
CA PHE F 76 -19.11 -21.53 15.93
C PHE F 76 -19.05 -22.95 16.53
N ARG F 77 -19.81 -23.19 17.61
CA ARG F 77 -19.65 -24.41 18.37
C ARG F 77 -19.78 -25.69 17.51
N GLU F 78 -20.85 -25.80 16.72
CA GLU F 78 -21.09 -27.02 15.90
C GLU F 78 -20.04 -27.22 14.81
N VAL F 79 -19.48 -26.12 14.33
CA VAL F 79 -18.55 -26.15 13.22
C VAL F 79 -17.13 -26.38 13.65
N ASP F 80 -16.78 -25.83 14.80
CA ASP F 80 -15.39 -25.76 15.26
C ASP F 80 -14.78 -27.15 15.41
N ALA F 81 -15.63 -28.06 15.88
CA ALA F 81 -15.33 -29.46 16.04
C ALA F 81 -15.30 -30.31 14.74
N GLY F 82 -15.89 -29.80 13.66
CA GLY F 82 -16.04 -30.58 12.43
C GLY F 82 -14.86 -30.44 11.51
N PRO F 83 -14.97 -30.90 10.26
CA PRO F 83 -13.82 -30.88 9.34
C PRO F 83 -13.31 -29.46 9.11
N GLU F 84 -11.98 -29.32 9.14
CA GLU F 84 -11.33 -28.03 8.92
C GLU F 84 -11.75 -27.40 7.58
N ILE F 85 -11.78 -28.23 6.53
CA ILE F 85 -12.14 -27.73 5.22
C ILE F 85 -13.53 -27.12 5.14
N LEU F 86 -14.48 -27.70 5.88
CA LEU F 86 -15.83 -27.14 6.01
C LEU F 86 -15.82 -25.83 6.77
N GLN F 87 -15.02 -25.77 7.83
CA GLN F 87 -14.83 -24.49 8.52
C GLN F 87 -14.42 -23.38 7.54
N GLU F 88 -13.45 -23.63 6.67
CA GLU F 88 -12.96 -22.55 5.79
C GLU F 88 -14.04 -22.11 4.77
N LYS F 89 -14.84 -23.08 4.35
CA LYS F 89 -15.93 -22.82 3.45
C LYS F 89 -17.01 -22.01 4.19
N ILE F 90 -17.28 -22.36 5.45
CA ILE F 90 -18.29 -21.61 6.24
C ILE F 90 -17.90 -20.15 6.47
N ARG F 91 -16.64 -19.93 6.87
CA ARG F 91 -16.05 -18.58 6.91
C ARG F 91 -16.19 -17.85 5.59
N ARG F 92 -15.82 -18.52 4.49
CA ARG F 92 -15.89 -17.87 3.16
C ARG F 92 -17.34 -17.46 2.84
N GLU F 93 -18.32 -18.31 3.19
CA GLU F 93 -19.73 -17.96 2.91
C GLU F 93 -20.28 -16.78 3.74
N ALA F 94 -19.84 -16.69 4.99
CA ALA F 94 -20.09 -15.52 5.84
C ALA F 94 -19.55 -14.26 5.15
N SER F 95 -18.28 -14.32 4.72
CA SER F 95 -17.68 -13.16 4.03
C SER F 95 -18.44 -12.81 2.76
N GLN F 96 -18.86 -13.83 2.02
CA GLN F 96 -19.38 -13.65 0.69
C GLN F 96 -20.56 -12.68 0.70
N TRP F 97 -21.51 -12.86 1.63
CA TRP F 97 -22.64 -11.94 1.66
C TRP F 97 -22.38 -10.72 2.52
N GLN F 98 -21.63 -10.90 3.61
CA GLN F 98 -21.42 -9.81 4.56
C GLN F 98 -20.67 -8.63 3.92
N TRP F 99 -19.76 -8.92 2.99
CA TRP F 99 -19.01 -7.83 2.36
C TRP F 99 -18.48 -8.13 0.96
N LYS F 100 -18.13 -9.37 0.61
CA LYS F 100 -17.63 -9.64 -0.74
C LYS F 100 -18.65 -9.22 -1.79
N LEU F 101 -19.93 -9.57 -1.60
CA LEU F 101 -20.96 -9.08 -2.52
C LEU F 101 -21.50 -7.71 -2.07
N LEU F 102 -21.48 -7.44 -0.76
CA LEU F 102 -22.28 -6.33 -0.25
C LEU F 102 -21.57 -4.97 -0.24
N ARG F 103 -20.25 -4.97 0.04
CA ARG F 103 -19.53 -3.75 0.17
C ARG F 103 -19.48 -2.97 -1.16
N MET F 104 -19.23 -3.67 -2.27
CA MET F 104 -19.27 -3.08 -3.63
C MET F 104 -20.56 -3.56 -4.37
N TYR F 105 -21.68 -3.65 -3.65
CA TYR F 105 -22.95 -4.07 -4.26
C TYR F 105 -23.31 -3.11 -5.37
N ALA F 106 -23.85 -3.68 -6.44
CA ALA F 106 -24.30 -2.97 -7.64
C ALA F 106 -25.30 -1.87 -7.37
N LYS F 107 -26.11 -2.07 -6.34
CA LYS F 107 -27.23 -1.19 -5.98
C LYS F 107 -26.96 -0.56 -4.61
N PRO F 108 -27.60 0.58 -4.33
CA PRO F 108 -27.37 1.28 -3.07
C PRO F 108 -27.95 0.51 -1.90
N THR F 109 -27.29 0.57 -0.75
CA THR F 109 -27.69 -0.28 0.34
C THR F 109 -27.75 0.57 1.57
N ILE F 110 -28.71 0.27 2.42
CA ILE F 110 -28.82 0.99 3.69
C ILE F 110 -29.02 -0.05 4.77
N ALA F 111 -28.25 0.01 5.85
CA ALA F 111 -28.55 -0.81 7.02
C ALA F 111 -29.56 -0.05 7.86
N MET F 112 -30.64 -0.71 8.26
CA MET F 112 -31.67 -0.05 9.07
C MET F 112 -31.64 -0.80 10.40
N VAL F 113 -30.94 -0.21 11.36
CA VAL F 113 -30.55 -0.94 12.58
C VAL F 113 -31.56 -0.70 13.70
N ASN F 114 -32.52 -1.63 13.78
CA ASN F 114 -33.66 -1.53 14.68
C ASN F 114 -33.41 -1.94 16.12
N GLY F 115 -32.33 -2.64 16.40
CA GLY F 115 -32.03 -3.15 17.74
C GLY F 115 -30.64 -3.72 17.81
N TRP F 116 -30.47 -4.77 18.64
CA TRP F 116 -29.15 -5.32 19.03
C TRP F 116 -28.26 -5.46 17.79
N CYS F 117 -27.03 -4.99 17.87
CA CYS F 117 -26.06 -5.24 16.82
C CYS F 117 -24.75 -5.58 17.51
N PHE F 118 -24.35 -6.85 17.43
CA PHE F 118 -23.13 -7.35 18.11
C PHE F 118 -22.15 -7.96 17.16
N GLY F 119 -20.87 -7.83 17.49
CA GLY F 119 -19.84 -8.66 16.91
C GLY F 119 -19.82 -8.64 15.40
N GLY F 120 -19.85 -9.83 14.79
CA GLY F 120 -19.91 -10.04 13.36
C GLY F 120 -20.93 -9.21 12.57
N GLY F 121 -21.99 -8.67 13.22
CA GLY F 121 -22.95 -7.80 12.53
C GLY F 121 -22.30 -6.49 12.03
N PHE F 122 -21.17 -6.12 12.65
CA PHE F 122 -20.47 -4.91 12.22
C PHE F 122 -19.94 -5.00 10.78
N ALA F 123 -19.57 -6.19 10.31
CA ALA F 123 -19.11 -6.27 8.93
C ALA F 123 -20.20 -5.87 7.92
N PRO F 124 -21.35 -6.58 7.88
CA PRO F 124 -22.35 -6.12 6.86
C PRO F 124 -22.90 -4.70 7.17
N LEU F 125 -22.91 -4.32 8.44
CA LEU F 125 -23.24 -2.94 8.83
C LEU F 125 -22.44 -1.88 8.03
N VAL F 126 -21.12 -2.09 7.95
CA VAL F 126 -20.24 -1.13 7.29
C VAL F 126 -20.18 -1.39 5.80
N ALA F 127 -20.43 -2.63 5.37
CA ALA F 127 -20.51 -2.94 3.92
C ALA F 127 -21.68 -2.22 3.29
N CYS F 128 -22.79 -2.11 4.04
CA CYS F 128 -23.92 -1.30 3.59
C CYS F 128 -23.44 0.13 3.43
N ASP F 129 -23.84 0.79 2.36
CA ASP F 129 -23.30 2.12 2.03
C ASP F 129 -23.59 3.11 3.19
N LEU F 130 -24.87 3.21 3.57
CA LEU F 130 -25.33 4.14 4.59
C LEU F 130 -26.05 3.36 5.67
N ALA F 131 -26.29 4.01 6.81
CA ALA F 131 -26.91 3.28 7.92
C ALA F 131 -27.63 4.26 8.80
N ILE F 132 -28.87 3.92 9.16
CA ILE F 132 -29.66 4.67 10.15
C ILE F 132 -29.97 3.66 11.24
N CYS F 133 -29.76 4.03 12.50
CA CYS F 133 -30.14 3.15 13.58
C CYS F 133 -31.19 3.84 14.48
N ALA F 134 -31.83 3.06 15.34
CA ALA F 134 -32.72 3.55 16.42
C ALA F 134 -31.89 4.00 17.60
N ASP F 135 -32.32 5.09 18.29
CA ASP F 135 -31.72 5.48 19.58
C ASP F 135 -31.65 4.29 20.55
N GLU F 136 -32.67 3.44 20.50
CA GLU F 136 -32.83 2.29 21.40
C GLU F 136 -31.93 1.09 21.01
N ALA F 137 -31.29 1.16 19.83
CA ALA F 137 -30.43 0.05 19.42
C ALA F 137 -29.15 0.09 20.27
N THR F 138 -28.71 -1.10 20.63
CA THR F 138 -27.49 -1.32 21.40
C THR F 138 -26.52 -2.09 20.54
N PHE F 139 -25.29 -1.59 20.56
CA PHE F 139 -24.17 -2.10 19.78
C PHE F 139 -23.08 -2.58 20.70
N GLY F 140 -22.36 -3.62 20.26
CA GLY F 140 -21.27 -4.12 21.05
C GLY F 140 -20.34 -5.04 20.30
N LEU F 141 -19.04 -4.78 20.43
CA LEU F 141 -18.00 -5.72 19.98
C LEU F 141 -17.62 -6.67 21.12
N SER F 142 -18.52 -7.62 21.36
CA SER F 142 -18.42 -8.49 22.52
C SER F 142 -17.41 -9.63 22.38
N GLU F 143 -16.82 -9.77 21.18
CA GLU F 143 -15.83 -10.83 20.90
C GLU F 143 -14.83 -11.01 22.04
N ILE F 144 -14.21 -9.90 22.48
CA ILE F 144 -13.21 -9.95 23.55
C ILE F 144 -13.74 -10.66 24.80
N ASN F 145 -15.00 -10.44 25.13
CA ASN F 145 -15.58 -11.06 26.31
C ASN F 145 -15.92 -12.52 26.09
N TRP F 146 -15.96 -12.95 24.83
CA TRP F 146 -16.22 -14.35 24.50
C TRP F 146 -14.95 -15.14 24.23
N GLY F 147 -13.79 -14.47 24.31
CA GLY F 147 -12.49 -15.14 24.19
C GLY F 147 -11.87 -15.18 22.81
N ILE F 148 -12.38 -14.36 21.90
CA ILE F 148 -11.75 -14.25 20.58
C ILE F 148 -11.57 -12.78 20.26
N PRO F 149 -10.59 -12.46 19.38
CA PRO F 149 -10.49 -11.13 18.79
C PRO F 149 -11.61 -11.07 17.77
N PRO F 150 -11.97 -9.87 17.33
CA PRO F 150 -13.03 -9.79 16.32
C PRO F 150 -12.68 -10.58 15.06
N GLY F 151 -13.64 -11.39 14.58
CA GLY F 151 -13.39 -12.30 13.48
C GLY F 151 -13.77 -11.66 12.16
N ASN F 152 -13.46 -12.32 11.04
CA ASN F 152 -13.82 -11.83 9.72
C ASN F 152 -13.38 -10.34 9.59
N LEU F 153 -14.17 -9.52 8.92
CA LEU F 153 -13.81 -8.10 8.63
C LEU F 153 -14.30 -7.09 9.68
N VAL F 154 -14.79 -7.56 10.83
CA VAL F 154 -15.27 -6.69 11.89
C VAL F 154 -14.29 -5.55 12.30
N SER F 155 -13.00 -5.86 12.43
CA SER F 155 -12.07 -4.85 12.86
C SER F 155 -11.90 -3.76 11.82
N LYS F 156 -12.00 -4.12 10.54
CA LYS F 156 -11.82 -3.23 9.43
C LYS F 156 -13.04 -2.36 9.22
N ALA F 157 -14.20 -2.96 9.49
CA ALA F 157 -15.47 -2.26 9.51
C ALA F 157 -15.38 -1.10 10.50
N MET F 158 -14.86 -1.35 11.70
CA MET F 158 -14.57 -0.30 12.65
C MET F 158 -13.56 0.70 12.10
N ALA F 159 -12.44 0.21 11.59
CA ALA F 159 -11.34 1.09 11.10
C ALA F 159 -11.88 2.01 10.03
N ASP F 160 -12.81 1.53 9.21
CA ASP F 160 -13.31 2.38 8.13
C ASP F 160 -14.20 3.51 8.63
N THR F 161 -14.87 3.36 9.76
CA THR F 161 -15.92 4.30 10.07
C THR F 161 -15.76 4.99 11.41
N VAL F 162 -15.02 4.38 12.35
CA VAL F 162 -14.91 4.92 13.73
C VAL F 162 -13.43 5.31 13.95
N GLY F 163 -13.18 6.43 14.63
CA GLY F 163 -11.78 6.84 14.82
C GLY F 163 -10.98 5.80 15.59
N HIS F 164 -9.66 5.92 15.50
CA HIS F 164 -8.69 4.99 16.07
C HIS F 164 -8.90 4.70 17.58
N ARG F 165 -8.99 5.75 18.42
CA ARG F 165 -9.06 5.56 19.87
C ARG F 165 -10.38 4.91 20.26
N GLN F 166 -11.46 5.34 19.60
CA GLN F 166 -12.74 4.81 19.94
C GLN F 166 -12.86 3.36 19.51
N SER F 167 -12.38 3.04 18.30
CA SER F 167 -12.34 1.64 17.88
C SER F 167 -11.57 0.73 18.86
N LEU F 168 -10.35 1.11 19.23
CA LEU F 168 -9.60 0.26 20.12
C LEU F 168 -10.34 0.19 21.46
N TYR F 169 -10.93 1.28 21.90
CA TYR F 169 -11.63 1.25 23.19
C TYR F 169 -12.75 0.21 23.20
N TYR F 170 -13.58 0.23 22.17
CA TYR F 170 -14.75 -0.64 22.13
C TYR F 170 -14.35 -2.08 21.80
N ILE F 171 -13.32 -2.26 20.96
CA ILE F 171 -12.81 -3.61 20.73
C ILE F 171 -12.17 -4.21 21.98
N MET F 172 -11.40 -3.42 22.71
CA MET F 172 -10.59 -3.95 23.84
C MET F 172 -11.41 -4.17 25.12
N THR F 173 -12.44 -3.34 25.35
CA THR F 173 -13.27 -3.48 26.52
C THR F 173 -14.51 -4.29 26.25
N GLY F 174 -14.94 -4.32 24.98
CA GLY F 174 -16.25 -4.87 24.57
C GLY F 174 -17.46 -4.16 25.19
N LYS F 175 -17.31 -2.93 25.69
CA LYS F 175 -18.46 -2.16 26.24
C LYS F 175 -19.51 -1.86 25.19
N THR F 176 -20.77 -1.91 25.59
CA THR F 176 -21.84 -1.66 24.65
C THR F 176 -22.03 -0.14 24.51
N PHE F 177 -22.68 0.27 23.43
CA PHE F 177 -23.02 1.66 23.19
C PHE F 177 -24.32 1.72 22.39
N GLY F 178 -25.07 2.79 22.63
CA GLY F 178 -26.42 3.02 22.09
C GLY F 178 -26.37 3.72 20.75
N GLY F 179 -27.53 3.92 20.13
CA GLY F 179 -27.59 4.50 18.78
C GLY F 179 -27.04 5.91 18.68
N GLN F 180 -27.32 6.76 19.67
CA GLN F 180 -26.78 8.12 19.65
C GLN F 180 -25.25 8.08 19.60
N LYS F 181 -24.61 7.29 20.46
N LYS F 181 -24.64 7.26 20.45
CA LYS F 181 -23.15 7.17 20.43
CA LYS F 181 -23.18 7.11 20.48
C LYS F 181 -22.69 6.62 19.08
C LYS F 181 -22.64 6.52 19.17
N ALA F 182 -23.41 5.62 18.54
CA ALA F 182 -23.04 5.06 17.19
C ALA F 182 -22.97 6.10 16.07
N ALA F 183 -23.94 7.03 16.08
CA ALA F 183 -23.93 8.11 15.11
C ALA F 183 -22.82 9.09 15.43
N GLU F 184 -22.65 9.43 16.71
CA GLU F 184 -21.56 10.36 17.06
C GLU F 184 -20.13 9.88 16.69
N MET F 185 -19.85 8.58 16.85
CA MET F 185 -18.52 8.04 16.52
C MET F 185 -18.29 7.82 15.01
N GLY F 186 -19.36 7.95 14.20
CA GLY F 186 -19.30 7.70 12.75
C GLY F 186 -19.65 6.28 12.29
N LEU F 187 -20.04 5.41 13.21
CA LEU F 187 -20.41 4.04 12.81
C LEU F 187 -21.61 4.01 11.84
N VAL F 188 -22.56 4.92 12.07
CA VAL F 188 -23.80 5.07 11.27
C VAL F 188 -23.92 6.54 10.81
N ASN F 189 -24.84 6.83 9.89
CA ASN F 189 -25.08 8.19 9.44
C ASN F 189 -25.92 8.98 10.39
N GLU F 190 -26.89 8.28 10.98
CA GLU F 190 -27.93 8.94 11.76
C GLU F 190 -28.51 7.95 12.74
N SER F 191 -28.89 8.46 13.90
CA SER F 191 -29.70 7.69 14.86
C SER F 191 -30.99 8.51 15.13
N VAL F 192 -32.13 7.83 15.20
CA VAL F 192 -33.47 8.44 15.40
C VAL F 192 -34.27 7.50 16.32
N PRO F 193 -35.32 8.04 16.99
CA PRO F 193 -36.16 7.10 17.75
C PRO F 193 -36.71 5.97 16.89
N LEU F 194 -36.82 4.78 17.45
CA LEU F 194 -37.25 3.59 16.71
C LEU F 194 -38.59 3.82 16.01
N ALA F 195 -39.44 4.61 16.65
CA ALA F 195 -40.74 5.00 16.13
C ALA F 195 -40.64 5.72 14.80
N GLN F 196 -39.53 6.42 14.54
CA GLN F 196 -39.33 7.16 13.28
C GLN F 196 -38.34 6.49 12.30
N LEU F 197 -37.78 5.35 12.70
CA LEU F 197 -36.71 4.68 11.95
C LEU F 197 -37.11 4.32 10.52
N ARG F 198 -38.25 3.63 10.36
CA ARG F 198 -38.70 3.23 9.03
C ARG F 198 -38.89 4.45 8.11
N GLU F 199 -39.60 5.48 8.60
CA GLU F 199 -39.91 6.71 7.85
C GLU F 199 -38.67 7.39 7.32
N VAL F 200 -37.74 7.63 8.23
CA VAL F 200 -36.49 8.27 7.92
C VAL F 200 -35.73 7.44 6.86
N THR F 201 -35.73 6.12 7.03
CA THR F 201 -34.95 5.25 6.15
C THR F 201 -35.56 5.25 4.75
N ILE F 202 -36.90 5.17 4.70
CA ILE F 202 -37.64 5.16 3.44
C ILE F 202 -37.40 6.47 2.66
N GLU F 203 -37.39 7.58 3.40
CA GLU F 203 -37.13 8.90 2.80
C GLU F 203 -35.76 8.94 2.14
N LEU F 204 -34.76 8.39 2.81
CA LEU F 204 -33.40 8.25 2.23
C LEU F 204 -33.37 7.32 1.03
N ALA F 205 -34.01 6.17 1.16
CA ALA F 205 -34.10 5.27 0.00
C ALA F 205 -34.74 5.93 -1.24
N ARG F 206 -35.78 6.75 -1.03
CA ARG F 206 -36.48 7.38 -2.14
C ARG F 206 -35.56 8.38 -2.87
N ASN F 207 -34.77 9.13 -2.08
CA ASN F 207 -33.74 9.98 -2.62
C ASN F 207 -32.79 9.21 -3.51
N LEU F 208 -32.31 8.06 -3.00
CA LEU F 208 -31.39 7.23 -3.74
C LEU F 208 -32.01 6.66 -5.01
N LEU F 209 -33.27 6.26 -4.92
CA LEU F 209 -33.96 5.72 -6.06
C LEU F 209 -34.12 6.74 -7.20
N GLU F 210 -34.09 8.02 -6.90
CA GLU F 210 -34.16 9.08 -7.93
C GLU F 210 -32.90 9.20 -8.79
N LYS F 211 -31.77 8.64 -8.33
CA LYS F 211 -30.52 8.76 -9.06
C LYS F 211 -30.41 7.68 -10.15
N ASN F 212 -29.68 7.99 -11.22
CA ASN F 212 -29.30 6.94 -12.15
C ASN F 212 -28.48 5.82 -11.49
N PRO F 213 -29.00 4.56 -11.54
CA PRO F 213 -28.37 3.43 -10.82
C PRO F 213 -26.88 3.23 -11.13
N VAL F 214 -26.53 3.28 -12.40
CA VAL F 214 -25.17 3.11 -12.87
C VAL F 214 -24.26 4.23 -12.37
N VAL F 215 -24.74 5.45 -12.42
CA VAL F 215 -23.95 6.59 -11.93
C VAL F 215 -23.82 6.50 -10.43
N LEU F 216 -24.91 6.13 -9.76
CA LEU F 216 -24.83 5.97 -8.29
C LEU F 216 -23.79 4.88 -7.92
N ARG F 217 -23.81 3.78 -8.67
CA ARG F 217 -22.86 2.72 -8.45
C ARG F 217 -21.42 3.23 -8.62
N ALA F 218 -21.17 3.98 -9.67
CA ALA F 218 -19.82 4.45 -9.98
C ALA F 218 -19.31 5.38 -8.85
N ALA F 219 -20.20 6.25 -8.37
CA ALA F 219 -19.84 7.19 -7.31
C ALA F 219 -19.53 6.45 -6.00
N LYS F 220 -20.41 5.53 -5.59
CA LYS F 220 -20.24 4.90 -4.27
C LYS F 220 -19.05 3.92 -4.31
N HIS F 221 -18.93 3.15 -5.39
CA HIS F 221 -17.78 2.24 -5.56
C HIS F 221 -16.51 3.06 -5.57
N GLY F 222 -16.52 4.13 -6.34
CA GLY F 222 -15.34 4.95 -6.52
C GLY F 222 -14.88 5.52 -5.21
N PHE F 223 -15.82 6.00 -4.39
CA PHE F 223 -15.44 6.55 -3.09
C PHE F 223 -14.76 5.50 -2.20
N LYS F 224 -15.37 4.31 -2.08
CA LYS F 224 -14.85 3.31 -1.16
C LYS F 224 -13.48 2.84 -1.68
N ARG F 225 -13.30 2.74 -3.00
CA ARG F 225 -11.97 2.36 -3.55
C ARG F 225 -10.92 3.45 -3.39
N CYS F 226 -11.31 4.73 -3.57
CA CYS F 226 -10.33 5.84 -3.57
C CYS F 226 -9.61 5.97 -2.20
N ARG F 227 -10.24 5.48 -1.14
CA ARG F 227 -9.65 5.64 0.20
C ARG F 227 -8.32 4.85 0.23
N GLU F 228 -8.26 3.82 -0.61
CA GLU F 228 -7.13 2.90 -0.71
C GLU F 228 -6.02 3.38 -1.61
N LEU F 229 -6.29 4.41 -2.43
CA LEU F 229 -5.33 4.79 -3.50
C LEU F 229 -4.74 6.16 -3.20
N THR F 230 -3.53 6.42 -3.73
CA THR F 230 -2.95 7.76 -3.65
C THR F 230 -3.71 8.74 -4.52
N TRP F 231 -3.48 10.04 -4.32
CA TRP F 231 -4.10 11.04 -5.25
C TRP F 231 -3.72 10.74 -6.71
N GLU F 232 -2.47 10.40 -6.93
CA GLU F 232 -2.04 10.19 -8.29
C GLU F 232 -2.61 8.91 -8.84
N GLN F 233 -2.74 7.88 -8.02
CA GLN F 233 -3.45 6.67 -8.52
C GLN F 233 -4.92 6.98 -8.73
N ASN F 234 -5.48 7.80 -7.84
CA ASN F 234 -6.89 8.19 -7.99
C ASN F 234 -7.22 9.01 -9.25
N GLU F 235 -6.31 9.85 -9.74
CA GLU F 235 -6.54 10.57 -11.02
C GLU F 235 -6.91 9.62 -12.15
N ASP F 236 -6.13 8.55 -12.22
CA ASP F 236 -6.31 7.47 -13.19
C ASP F 236 -7.62 6.73 -12.87
N TYR F 237 -7.70 6.17 -11.66
CA TYR F 237 -8.81 5.31 -11.27
C TYR F 237 -10.16 6.07 -11.37
N LEU F 238 -10.25 7.24 -10.74
CA LEU F 238 -11.54 7.91 -10.67
C LEU F 238 -12.00 8.38 -12.05
N TYR F 239 -11.07 8.77 -12.92
CA TYR F 239 -11.47 9.13 -14.28
C TYR F 239 -11.93 7.90 -15.05
N ALA F 240 -11.32 6.76 -14.76
CA ALA F 240 -11.77 5.50 -15.37
C ALA F 240 -13.24 5.14 -14.95
N LYS F 241 -13.54 5.25 -13.66
CA LYS F 241 -14.89 5.09 -13.12
C LYS F 241 -15.87 6.08 -13.76
N LEU F 242 -15.43 7.32 -14.01
CA LEU F 242 -16.32 8.33 -14.60
C LEU F 242 -16.61 7.89 -16.03
N ASP F 243 -15.56 7.53 -16.78
CA ASP F 243 -15.71 7.05 -18.18
C ASP F 243 -16.48 5.71 -18.35
N GLN F 244 -16.25 4.78 -17.42
CA GLN F 244 -17.02 3.57 -17.33
C GLN F 244 -18.50 3.92 -17.11
N SER F 245 -18.75 4.92 -16.30
CA SER F 245 -20.09 5.30 -15.96
C SER F 245 -20.78 5.79 -17.24
N ARG F 246 -20.10 6.68 -17.97
CA ARG F 246 -20.65 7.26 -19.18
C ARG F 246 -20.96 6.15 -20.22
N LEU F 247 -20.08 5.16 -20.33
CA LEU F 247 -20.26 4.01 -21.24
C LEU F 247 -21.52 3.23 -20.87
N LEU F 248 -21.64 2.89 -19.59
CA LEU F 248 -22.71 2.02 -19.11
C LEU F 248 -24.06 2.71 -18.84
N ASP F 249 -24.21 3.94 -18.71
N1A ACO G . 27.06 17.27 -17.09
C2A ACO G . 27.74 18.30 -17.60
N3A ACO G . 28.56 18.16 -18.64
C4A ACO G . 28.73 16.97 -19.22
C5A ACO G . 28.02 15.88 -18.74
C6A ACO G . 27.18 16.06 -17.66
N6A ACO G . 26.49 15.03 -17.15
N7A ACO G . 28.36 14.83 -19.48
C8A ACO G . 29.23 15.24 -20.40
N9A ACO G . 29.46 16.55 -20.26
C1B ACO G . 30.34 17.38 -21.07
C2B ACO G . 31.74 17.49 -20.53
O2B ACO G . 31.73 18.45 -19.49
C3B ACO G . 32.46 18.06 -21.74
O3B ACO G . 32.27 19.47 -21.82
P3B ACO G . 33.33 20.37 -22.66
O7A ACO G . 32.74 21.87 -22.62
O8A ACO G . 34.61 20.37 -21.69
O9A ACO G . 33.62 19.84 -24.01
C4B ACO G . 31.72 17.43 -22.91
O4B ACO G . 30.55 16.78 -22.34
C5B ACO G . 32.59 16.39 -23.55
O5B ACO G . 32.46 15.15 -22.85
P1A ACO G . 33.74 14.28 -22.50
O1A ACO G . 35.05 15.12 -22.84
O2A ACO G . 33.79 13.77 -21.11
O3A ACO G . 33.69 13.15 -23.64
P2A ACO G . 33.96 11.62 -23.44
O4A ACO G . 35.50 11.38 -22.97
O5A ACO G . 33.63 10.89 -24.68
O6A ACO G . 33.13 11.13 -22.15
CBP ACO G . 31.17 10.47 -20.86
CCP ACO G . 31.75 10.76 -22.25
CDP ACO G . 31.60 9.04 -20.49
CEP ACO G . 29.64 10.53 -20.91
CAP ACO G . 31.72 11.49 -19.84
OAP ACO G . 31.54 12.83 -20.31
C9P ACO G . 31.09 11.35 -18.45
O9P ACO G . 31.34 10.38 -17.76
N8P ACO G . 30.27 12.34 -18.08
C7P ACO G . 29.60 12.33 -16.79
C6P ACO G . 28.49 11.30 -16.93
C5P ACO G . 27.82 10.95 -15.61
O5P ACO G . 28.44 10.39 -14.72
N4P ACO G . 26.53 11.30 -15.60
C3P ACO G . 25.58 11.03 -14.52
C2P ACO G . 25.75 11.95 -13.33
S1P ACO G . 24.46 11.41 -12.17
C ACO G . 23.07 12.39 -12.69
O ACO G . 22.56 12.28 -13.81
CH3 ACO G . 22.49 13.38 -11.69
N1A ACO H . 19.23 -27.27 13.86
C2A ACO H . 19.86 -27.95 14.82
N3A ACO H . 20.88 -28.75 14.55
C4A ACO H . 21.32 -28.88 13.29
C5A ACO H . 20.70 -28.22 12.26
C6A ACO H . 19.61 -27.38 12.58
N6A ACO H . 18.96 -26.66 11.68
N7A ACO H . 21.35 -28.54 11.13
C8A ACO H . 22.34 -29.37 11.47
N9A ACO H . 22.33 -29.58 12.80
C1B ACO H . 23.22 -30.47 13.62
C2B ACO H . 22.87 -31.91 13.33
O2B ACO H . 21.79 -32.35 14.13
C3B ACO H . 24.13 -32.61 13.75
O3B ACO H . 24.09 -32.67 15.17
P3B ACO H . 25.05 -33.70 15.97
O7A ACO H . 25.63 -32.83 17.17
O8A ACO H . 23.95 -34.65 16.57
O9A ACO H . 26.04 -34.25 15.04
C4B ACO H . 25.21 -31.62 13.30
O4B ACO H . 24.52 -30.36 13.07
C5B ACO H . 25.83 -32.01 11.97
O5B ACO H . 24.75 -32.27 11.08
P1A ACO H . 24.71 -33.37 9.98
O1A ACO H . 25.39 -34.68 10.66
O2A ACO H . 23.32 -33.55 9.48
O3A ACO H . 25.79 -32.93 8.89
P2A ACO H . 25.77 -33.14 7.30
O4A ACO H . 25.39 -34.67 6.94
O5A ACO H . 27.01 -32.54 6.77
O6A ACO H . 24.57 -32.38 6.64
CBP ACO H . 23.10 -30.46 6.56
CCP ACO H . 24.50 -30.94 6.84
CDP ACO H . 22.82 -30.70 5.06
CEP ACO H . 23.03 -28.97 6.91
CAP ACO H . 22.14 -31.24 7.47
OAP ACO H . 22.58 -31.05 8.82
C9P ACO H . 20.69 -30.72 7.36
O9P ACO H . 19.99 -30.95 6.38
N8P ACO H . 20.29 -29.98 8.40
C7P ACO H . 18.95 -29.35 8.56
C6P ACO H . 18.71 -28.19 7.59
C5P ACO H . 17.30 -27.70 7.85
O5P ACO H . 16.34 -28.21 7.28
N4P ACO H . 17.19 -26.73 8.74
C3P ACO H . 15.91 -26.16 9.18
C2P ACO H . 15.35 -25.20 8.15
S1P ACO H . 13.60 -24.84 8.52
C ACO H . 13.82 -23.37 9.53
O ACO H . 14.88 -22.73 9.53
CH3 ACO H . 12.65 -22.96 10.42
N1A ACO I . 14.28 19.67 26.59
C2A ACO I . 15.26 19.95 27.47
N3A ACO I . 15.03 20.55 28.63
C4A ACO I . 13.76 20.95 28.95
C5A ACO I . 12.70 20.68 28.05
C6A ACO I . 13.00 20.01 26.84
N6A ACO I . 12.05 19.69 25.93
N7A ACO I . 11.58 21.19 28.61
C8A ACO I . 11.92 21.72 29.79
N9A ACO I . 13.23 21.59 30.00
C1B ACO I . 13.94 22.09 31.21
C2B ACO I . 14.12 23.61 31.12
O2B ACO I . 15.25 23.92 30.29
C3B ACO I . 14.36 23.95 32.60
O3B ACO I . 15.70 23.56 32.89
P3B ACO I . 16.57 24.24 34.03
O7A ACO I . 17.70 23.12 34.06
O8A ACO I . 17.10 25.57 33.37
O9A ACO I . 15.81 24.42 35.27
C4B ACO I . 13.43 23.00 33.35
O4B ACO I . 13.04 21.94 32.39
C5B ACO I . 12.13 23.63 33.76
O5B ACO I . 11.49 24.12 32.58
P1A ACO I . 10.70 25.55 32.57
O1A ACO I . 11.39 26.62 33.54
O2A ACO I . 10.52 26.11 31.20
O3A ACO I . 9.38 25.15 33.29
P2A ACO I . 7.92 25.65 33.03
O4A ACO I . 8.12 27.28 33.00
O5A ACO I . 7.01 25.08 34.06
O6A ACO I . 7.49 25.24 31.53
CBP ACO I . 7.09 23.78 29.63
CCP ACO I . 7.12 23.89 31.18
CDP ACO I . 5.82 24.53 29.22
CEP ACO I . 7.01 22.27 29.25
CAP ACO I . 8.37 24.45 29.06
OAP ACO I . 9.55 24.06 29.79
C9P ACO I . 8.59 24.22 27.57
O9P ACO I . 8.03 24.96 26.75
N8P ACO I . 9.42 23.21 27.24
C7P ACO I . 9.71 22.89 25.83
C6P ACO I . 8.51 22.10 25.28
C5P ACO I . 8.74 21.83 23.81
O5P ACO I . 8.47 22.69 22.96
N4P ACO I . 9.28 20.66 23.57
C3P ACO I . 9.55 20.24 22.20
C2P ACO I . 10.98 19.81 22.14
S1P ACO I . 11.35 19.53 20.37
C ACO I . 10.81 17.78 20.19
O ACO I . 10.32 17.01 21.03
CH3 ACO I . 11.03 17.30 18.82
CAI V55 J . 11.32 14.33 17.26
CAG V55 J . 11.53 13.10 17.88
CAK V55 J . 12.76 12.44 17.64
CAJ V55 J . 13.74 13.00 16.83
CAF V55 J . 13.54 14.23 16.21
OAB V55 J . 9.84 16.19 16.99
CAE V55 J . 12.32 14.90 16.44
CAD V55 J . 10.01 15.08 17.49
CAA V55 J . 12.04 10.55 18.88
OAH V55 J . 13.09 11.22 18.20
OAC V55 J . 14.89 12.30 16.67
N1A ACO K . -20.84 25.91 -15.10
C2A ACO K . -21.19 26.85 -15.99
N3A ACO K . -21.92 27.92 -15.63
C4A ACO K . -22.35 28.04 -14.37
C5A ACO K . -22.03 27.08 -13.42
C6A ACO K . -21.26 25.98 -13.81
N6A ACO K . -20.91 25.03 -12.91
N7A ACO K . -22.59 27.46 -12.27
C8A ACO K . -23.23 28.62 -12.49
N9A ACO K . -23.09 28.96 -13.77
C1B ACO K . -23.62 30.15 -14.44
C2B ACO K . -25.12 29.90 -14.65
O2B ACO K . -25.31 29.17 -15.85
C3B ACO K . -25.65 31.30 -14.80
O3B ACO K . -25.39 31.69 -16.16
P3B ACO K . -26.14 32.90 -16.92
O7A ACO K . -24.96 33.46 -17.81
O8A ACO K . -27.11 32.18 -17.87
O9A ACO K . -26.72 33.90 -15.97
C4B ACO K . -24.77 32.10 -13.84
O4B ACO K . -23.63 31.23 -13.46
C5B ACO K . -25.49 32.42 -12.52
O5B ACO K . -26.03 31.17 -12.06
P1A ACO K . -27.46 31.06 -11.36
O1A ACO K . -28.45 32.02 -12.21
O2A ACO K . -27.93 29.67 -11.15
O3A ACO K . -27.24 31.85 -10.02
P2A ACO K . -27.78 31.48 -8.57
O4A ACO K . -29.39 31.49 -8.44
O5A ACO K . -27.11 32.44 -7.69
O6A ACO K . -27.30 30.00 -8.15
CBP ACO K . -25.57 28.28 -7.85
CCP ACO K . -25.89 29.78 -7.83
CDP ACO K . -26.24 27.65 -6.61
CEP ACO K . -24.05 28.06 -7.76
CAP ACO K . -26.15 27.74 -9.18
OAP ACO K . -25.66 28.46 -10.31
C9P ACO K . -25.75 26.30 -9.44
O9P ACO K . -26.32 25.39 -8.82
N8P ACO K . -24.81 26.14 -10.37
C7P ACO K . -24.25 24.83 -10.84
C6P ACO K . -24.22 23.93 -9.63
C5P ACO K . -23.42 22.66 -9.74
O5P ACO K . -23.99 21.61 -9.46
N4P ACO K . -22.16 22.80 -10.12
C3P ACO K . -21.21 21.68 -10.22
C2P ACO K . -21.24 20.88 -11.50
S1P ACO K . -20.47 19.25 -11.09
C ACO K . -18.74 19.56 -11.39
O ACO K . -18.02 20.36 -10.80
CH3 ACO K . -18.23 18.66 -12.51
N1A ACO L . -25.98 -16.96 18.66
C2A ACO L . -26.87 -17.94 18.83
N3A ACO L . -27.97 -17.73 19.55
C4A ACO L . -28.25 -16.53 20.11
C5A ACO L . -27.34 -15.48 19.93
C6A ACO L . -26.18 -15.73 19.19
N6A ACO L . -25.28 -14.76 18.98
N7A ACO L . -27.84 -14.42 20.61
C8A ACO L . -29.02 -14.77 21.15
N9A ACO L . -29.25 -16.07 20.85
C1B ACO L . -30.45 -16.88 21.26
C2B ACO L . -30.37 -17.32 22.69
O2B ACO L . -29.46 -18.43 22.83
C3B ACO L . -31.85 -17.70 22.92
O3B ACO L . -32.16 -18.87 22.19
P3B ACO L . -32.62 -20.23 22.88
O7A ACO L . -31.24 -20.82 23.42
O8A ACO L . -33.41 -19.82 24.18
O9A ACO L . -33.31 -21.02 21.84
C4B ACO L . -32.62 -16.59 22.19
O4B ACO L . -31.70 -16.05 21.21
C5B ACO L . -32.90 -15.45 23.16
O5B ACO L . -31.64 -15.00 23.62
P1A ACO L . -31.56 -14.26 25.00
O1A ACO L . -32.46 -15.06 26.03
O2A ACO L . -30.19 -13.99 25.52
O3A ACO L . -32.39 -12.92 24.63
P2A ACO L . -32.29 -11.42 25.27
O4A ACO L . -32.26 -11.53 26.83
O5A ACO L . -33.43 -10.58 24.78
O6A ACO L . -30.85 -10.76 24.94
CBP ACO L . -29.04 -10.24 23.48
CCP ACO L . -30.56 -10.34 23.64
CDP ACO L . -28.56 -9.02 24.31
CEP ACO L . -28.81 -10.00 21.99
CAP ACO L . -28.40 -11.56 24.04
OAP ACO L . -29.09 -12.74 23.51
C9P ACO L . -26.87 -11.63 23.82
O9P ACO L . -26.09 -10.96 24.52
N8P ACO L . -26.48 -12.43 22.83
C7P ACO L . -25.05 -12.60 22.49
C6P ACO L . -24.68 -11.39 21.60
C5P ACO L . -23.19 -11.41 21.29
O5P ACO L . -22.40 -11.14 22.16
N4P ACO L . -22.84 -11.80 20.06
C3P ACO L . -21.42 -11.85 19.70
C2P ACO L . -20.98 -13.29 19.53
S1P ACO L . -19.30 -13.37 18.82
C ACO L . -19.40 -12.91 16.96
O ACO L . -20.35 -12.62 16.26
CH3 ACO L . -18.09 -12.89 16.26
#